data_1V38
#
_entry.id   1V38
#
_entity_poly.entity_id   1
_entity_poly.type   'polypeptide(L)'
_entity_poly.pdbx_seq_one_letter_code
;GSSGSSGRRENHQTIQEFLERIHLQEYTSTLLLNGYETLDDLKDIKESHLIELNIADPEDRARLLSAAESLLSGPSSG
;
_entity_poly.pdbx_strand_id   A
#
# COMPACT_ATOMS: atom_id res chain seq x y z
N GLY A 1 11.50 14.30 4.62
CA GLY A 1 10.37 13.65 5.28
C GLY A 1 10.50 13.65 6.79
N SER A 2 10.56 12.46 7.38
CA SER A 2 10.68 12.33 8.83
C SER A 2 11.63 13.37 9.39
N SER A 3 11.33 13.86 10.58
CA SER A 3 12.16 14.87 11.23
C SER A 3 13.63 14.51 11.12
N GLY A 4 13.96 13.26 11.46
CA GLY A 4 15.34 12.82 11.39
C GLY A 4 15.57 11.83 10.27
N SER A 5 16.70 11.95 9.59
CA SER A 5 17.04 11.06 8.48
C SER A 5 17.35 9.66 8.99
N SER A 6 17.15 8.67 8.13
CA SER A 6 17.40 7.28 8.50
C SER A 6 18.50 6.68 7.62
N GLY A 7 18.32 6.79 6.30
CA GLY A 7 19.31 6.26 5.38
C GLY A 7 18.86 6.38 3.93
N ARG A 8 18.80 5.24 3.24
CA ARG A 8 18.40 5.23 1.84
C ARG A 8 17.35 4.14 1.59
N ARG A 9 16.68 4.23 0.44
CA ARG A 9 15.66 3.25 0.08
C ARG A 9 15.86 2.75 -1.34
N GLU A 10 15.41 1.53 -1.61
CA GLU A 10 15.55 0.93 -2.93
C GLU A 10 14.18 0.71 -3.57
N ASN A 11 13.83 1.59 -4.49
CA ASN A 11 12.54 1.51 -5.19
C ASN A 11 11.42 1.18 -4.20
N HIS A 12 11.59 1.60 -2.96
CA HIS A 12 10.59 1.35 -1.92
C HIS A 12 9.57 2.48 -1.88
N GLN A 13 8.30 2.14 -2.05
CA GLN A 13 7.22 3.13 -2.02
C GLN A 13 6.64 3.26 -0.62
N THR A 14 6.41 4.50 -0.21
CA THR A 14 5.84 4.76 1.12
C THR A 14 4.33 4.90 1.06
N ILE A 15 3.67 4.62 2.17
CA ILE A 15 2.21 4.71 2.24
C ILE A 15 1.74 6.15 2.01
N GLN A 16 2.46 7.10 2.59
CA GLN A 16 2.12 8.51 2.44
C GLN A 16 2.01 8.89 0.98
N GLU A 17 2.95 8.40 0.17
CA GLU A 17 2.95 8.71 -1.26
C GLU A 17 2.04 7.75 -2.02
N PHE A 18 1.97 6.51 -1.54
CA PHE A 18 1.13 5.49 -2.17
C PHE A 18 -0.35 5.84 -2.03
N LEU A 19 -0.67 6.62 -1.01
CA LEU A 19 -2.05 7.03 -0.76
C LEU A 19 -2.39 8.30 -1.53
N GLU A 20 -1.43 9.22 -1.58
CA GLU A 20 -1.63 10.48 -2.29
C GLU A 20 -2.08 10.23 -3.73
N ARG A 21 -1.53 9.19 -4.34
CA ARG A 21 -1.88 8.84 -5.72
C ARG A 21 -3.34 8.42 -5.82
N ILE A 22 -3.82 7.71 -4.81
CA ILE A 22 -5.20 7.24 -4.78
C ILE A 22 -6.08 8.17 -3.95
N HIS A 23 -5.52 9.31 -3.56
CA HIS A 23 -6.26 10.29 -2.76
C HIS A 23 -6.85 9.63 -1.52
N LEU A 24 -6.08 8.74 -0.89
CA LEU A 24 -6.53 8.05 0.31
C LEU A 24 -5.59 8.34 1.49
N GLN A 25 -4.80 9.39 1.36
CA GLN A 25 -3.87 9.79 2.40
C GLN A 25 -4.60 10.05 3.72
N GLU A 26 -5.92 10.16 3.64
CA GLU A 26 -6.74 10.42 4.82
C GLU A 26 -6.68 9.23 5.79
N TYR A 27 -6.19 8.10 5.30
CA TYR A 27 -6.07 6.90 6.12
C TYR A 27 -4.63 6.66 6.54
N THR A 28 -3.74 7.56 6.13
CA THR A 28 -2.33 7.45 6.46
C THR A 28 -2.14 7.12 7.94
N SER A 29 -2.36 8.12 8.79
CA SER A 29 -2.21 7.95 10.23
C SER A 29 -2.75 6.58 10.67
N THR A 30 -3.98 6.28 10.26
CA THR A 30 -4.61 5.02 10.61
C THR A 30 -3.73 3.84 10.22
N LEU A 31 -3.09 3.94 9.06
CA LEU A 31 -2.22 2.89 8.57
C LEU A 31 -0.89 2.88 9.32
N LEU A 32 -0.21 4.02 9.33
CA LEU A 32 1.07 4.15 10.02
C LEU A 32 0.95 3.71 11.47
N LEU A 33 0.06 4.35 12.22
CA LEU A 33 -0.16 4.02 13.62
C LEU A 33 -0.33 2.52 13.81
N ASN A 34 -1.13 1.91 12.95
CA ASN A 34 -1.38 0.48 13.02
C ASN A 34 -0.08 -0.31 12.78
N GLY A 35 0.84 0.30 12.04
CA GLY A 35 2.11 -0.36 11.76
C GLY A 35 2.50 -0.23 10.30
N TYR A 36 1.52 -0.08 9.42
CA TYR A 36 1.78 0.05 7.99
C TYR A 36 2.56 1.32 7.70
N GLU A 37 3.88 1.20 7.66
CA GLU A 37 4.74 2.35 7.39
C GLU A 37 5.07 2.44 5.90
N THR A 38 5.37 1.29 5.29
CA THR A 38 5.69 1.24 3.88
C THR A 38 4.95 0.10 3.18
N LEU A 39 4.89 0.18 1.85
CA LEU A 39 4.20 -0.84 1.06
C LEU A 39 4.50 -2.24 1.59
N ASP A 40 5.76 -2.46 1.97
CA ASP A 40 6.18 -3.76 2.50
C ASP A 40 5.13 -4.33 3.44
N ASP A 41 4.58 -3.47 4.29
CA ASP A 41 3.56 -3.89 5.25
C ASP A 41 2.22 -4.09 4.56
N LEU A 42 1.93 -3.25 3.57
CA LEU A 42 0.68 -3.33 2.82
C LEU A 42 0.58 -4.66 2.09
N LYS A 43 1.72 -5.23 1.72
CA LYS A 43 1.76 -6.50 1.01
C LYS A 43 1.10 -7.60 1.84
N ASP A 44 0.84 -7.30 3.10
CA ASP A 44 0.21 -8.27 4.00
C ASP A 44 -1.23 -7.86 4.31
N ILE A 45 -1.57 -6.61 3.98
CA ILE A 45 -2.92 -6.11 4.22
C ILE A 45 -3.93 -6.78 3.31
N LYS A 46 -5.16 -6.94 3.82
CA LYS A 46 -6.23 -7.57 3.05
C LYS A 46 -7.49 -6.73 3.11
N GLU A 47 -8.55 -7.21 2.46
CA GLU A 47 -9.83 -6.51 2.43
C GLU A 47 -10.34 -6.28 3.85
N SER A 48 -10.33 -7.34 4.65
CA SER A 48 -10.81 -7.26 6.02
C SER A 48 -10.04 -6.20 6.81
N HIS A 49 -8.71 -6.28 6.73
CA HIS A 49 -7.86 -5.32 7.44
C HIS A 49 -8.38 -3.90 7.27
N LEU A 50 -8.52 -3.47 6.02
CA LEU A 50 -9.01 -2.13 5.72
C LEU A 50 -10.26 -1.81 6.53
N ILE A 51 -11.22 -2.73 6.52
CA ILE A 51 -12.47 -2.55 7.26
C ILE A 51 -12.19 -2.22 8.72
N GLU A 52 -11.29 -2.98 9.33
CA GLU A 52 -10.94 -2.77 10.74
C GLU A 52 -10.15 -1.49 10.90
N LEU A 53 -9.54 -1.01 9.83
CA LEU A 53 -8.75 0.21 9.86
C LEU A 53 -9.63 1.42 9.60
N ASN A 54 -10.93 1.27 9.84
CA ASN A 54 -11.87 2.37 9.63
C ASN A 54 -12.13 2.60 8.15
N ILE A 55 -11.92 1.56 7.34
CA ILE A 55 -12.13 1.65 5.90
C ILE A 55 -13.35 0.83 5.47
N ALA A 56 -14.33 0.72 6.36
CA ALA A 56 -15.54 -0.04 6.07
C ALA A 56 -16.04 0.26 4.67
N ASP A 57 -15.66 1.41 4.14
CA ASP A 57 -16.07 1.83 2.80
C ASP A 57 -15.31 1.04 1.73
N PRO A 58 -16.05 0.53 0.73
CA PRO A 58 -15.46 -0.24 -0.36
C PRO A 58 -14.62 0.62 -1.30
N GLU A 59 -15.10 1.84 -1.57
CA GLU A 59 -14.39 2.76 -2.44
C GLU A 59 -12.92 2.88 -2.04
N ASP A 60 -12.67 3.02 -0.74
CA ASP A 60 -11.32 3.13 -0.22
C ASP A 60 -10.62 1.78 -0.22
N ARG A 61 -11.29 0.76 0.31
CA ARG A 61 -10.74 -0.58 0.38
C ARG A 61 -10.20 -1.01 -0.99
N ALA A 62 -11.07 -1.02 -1.99
CA ALA A 62 -10.68 -1.40 -3.34
C ALA A 62 -9.53 -0.55 -3.85
N ARG A 63 -9.71 0.78 -3.79
CA ARG A 63 -8.68 1.71 -4.24
C ARG A 63 -7.36 1.45 -3.51
N LEU A 64 -7.45 0.95 -2.29
CA LEU A 64 -6.26 0.68 -1.49
C LEU A 64 -5.62 -0.65 -1.90
N LEU A 65 -6.46 -1.67 -2.06
CA LEU A 65 -5.97 -3.00 -2.46
C LEU A 65 -5.51 -2.99 -3.91
N SER A 66 -6.43 -2.68 -4.82
CA SER A 66 -6.12 -2.63 -6.25
C SER A 66 -4.82 -1.86 -6.50
N ALA A 67 -4.65 -0.77 -5.77
CA ALA A 67 -3.46 0.06 -5.91
C ALA A 67 -2.20 -0.71 -5.49
N ALA A 68 -2.24 -1.28 -4.29
CA ALA A 68 -1.12 -2.05 -3.77
C ALA A 68 -0.75 -3.19 -4.70
N GLU A 69 -1.76 -3.87 -5.21
CA GLU A 69 -1.54 -5.00 -6.13
C GLU A 69 -0.69 -4.58 -7.32
N SER A 70 -1.03 -3.43 -7.90
CA SER A 70 -0.29 -2.92 -9.06
C SER A 70 1.17 -2.68 -8.70
N LEU A 71 1.41 -2.11 -7.52
CA LEU A 71 2.76 -1.82 -7.07
C LEU A 71 3.53 -3.11 -6.81
N LEU A 72 2.99 -3.96 -5.94
CA LEU A 72 3.63 -5.23 -5.61
C LEU A 72 3.59 -6.19 -6.80
N SER A 73 2.39 -6.68 -7.11
CA SER A 73 2.22 -7.60 -8.23
C SER A 73 2.36 -6.87 -9.57
N GLY A 74 3.60 -6.68 -9.99
CA GLY A 74 3.84 -6.00 -11.26
C GLY A 74 5.32 -5.71 -11.48
N PRO A 75 6.04 -6.71 -12.05
CA PRO A 75 7.46 -6.58 -12.33
C PRO A 75 7.75 -5.59 -13.46
N SER A 76 7.89 -4.32 -13.11
CA SER A 76 8.16 -3.28 -14.10
C SER A 76 9.57 -2.73 -13.93
N SER A 77 10.41 -2.92 -14.94
CA SER A 77 11.79 -2.45 -14.90
C SER A 77 11.83 -0.97 -14.57
N GLY A 78 10.98 -0.18 -15.22
CA GLY A 78 10.94 1.24 -14.97
C GLY A 78 11.53 2.04 -16.11
N GLY A 1 9.41 -15.36 -19.00
CA GLY A 1 9.73 -16.18 -17.84
C GLY A 1 11.20 -16.11 -17.47
N SER A 2 11.79 -17.26 -17.16
CA SER A 2 13.19 -17.32 -16.76
C SER A 2 13.45 -16.42 -15.57
N SER A 3 12.55 -16.45 -14.59
CA SER A 3 12.68 -15.63 -13.39
C SER A 3 14.12 -15.64 -12.89
N GLY A 4 14.69 -14.45 -12.71
CA GLY A 4 16.05 -14.34 -12.24
C GLY A 4 16.42 -12.93 -11.84
N SER A 5 16.06 -12.54 -10.63
CA SER A 5 16.34 -11.21 -10.12
C SER A 5 17.84 -11.03 -9.85
N SER A 6 18.32 -9.81 -10.01
CA SER A 6 19.74 -9.51 -9.79
C SER A 6 20.05 -9.45 -8.29
N GLY A 7 21.34 -9.47 -7.97
CA GLY A 7 21.75 -9.41 -6.58
C GLY A 7 21.71 -8.00 -6.02
N ARG A 8 20.65 -7.26 -6.36
CA ARG A 8 20.49 -5.89 -5.89
C ARG A 8 19.05 -5.63 -5.48
N ARG A 9 18.87 -4.69 -4.55
CA ARG A 9 17.53 -4.34 -4.07
C ARG A 9 16.95 -3.19 -4.88
N GLU A 10 15.62 -3.19 -5.02
CA GLU A 10 14.94 -2.14 -5.78
C GLU A 10 14.34 -1.10 -4.85
N ASN A 11 14.03 0.07 -5.40
CA ASN A 11 13.45 1.16 -4.61
C ASN A 11 12.26 0.67 -3.80
N HIS A 12 11.70 1.56 -2.98
CA HIS A 12 10.55 1.21 -2.15
C HIS A 12 9.57 2.38 -2.09
N GLN A 13 8.29 2.06 -1.99
CA GLN A 13 7.24 3.07 -1.93
C GLN A 13 6.66 3.16 -0.52
N THR A 14 6.39 4.39 -0.08
CA THR A 14 5.83 4.62 1.25
C THR A 14 4.32 4.83 1.19
N ILE A 15 3.63 4.43 2.25
CA ILE A 15 2.18 4.57 2.31
C ILE A 15 1.77 6.02 2.03
N GLN A 16 2.40 6.96 2.73
CA GLN A 16 2.09 8.37 2.55
C GLN A 16 1.87 8.71 1.08
N GLU A 17 2.94 8.64 0.30
CA GLU A 17 2.87 8.94 -1.13
C GLU A 17 1.98 7.93 -1.85
N PHE A 18 2.10 6.66 -1.47
CA PHE A 18 1.31 5.60 -2.08
C PHE A 18 -0.19 5.92 -1.97
N LEU A 19 -0.55 6.73 -0.99
CA LEU A 19 -1.93 7.10 -0.78
C LEU A 19 -2.27 8.41 -1.50
N GLU A 20 -1.32 9.34 -1.47
CA GLU A 20 -1.51 10.63 -2.12
C GLU A 20 -1.96 10.45 -3.57
N ARG A 21 -1.56 9.34 -4.17
CA ARG A 21 -1.92 9.05 -5.55
C ARG A 21 -3.38 8.63 -5.66
N ILE A 22 -3.86 7.92 -4.64
CA ILE A 22 -5.25 7.47 -4.61
C ILE A 22 -6.12 8.39 -3.76
N HIS A 23 -5.58 9.55 -3.42
CA HIS A 23 -6.30 10.53 -2.61
C HIS A 23 -6.90 9.86 -1.38
N LEU A 24 -6.14 8.96 -0.77
CA LEU A 24 -6.61 8.25 0.42
C LEU A 24 -5.68 8.53 1.60
N GLN A 25 -4.82 9.52 1.45
CA GLN A 25 -3.88 9.88 2.51
C GLN A 25 -4.61 10.13 3.83
N GLU A 26 -5.93 10.33 3.75
CA GLU A 26 -6.73 10.57 4.93
C GLU A 26 -6.68 9.39 5.88
N TYR A 27 -6.26 8.24 5.37
CA TYR A 27 -6.16 7.02 6.18
C TYR A 27 -4.71 6.77 6.61
N THR A 28 -3.79 7.54 6.05
CA THR A 28 -2.38 7.40 6.38
C THR A 28 -2.19 7.11 7.86
N SER A 29 -2.41 8.13 8.68
CA SER A 29 -2.25 7.99 10.13
C SER A 29 -2.79 6.64 10.61
N THR A 30 -4.02 6.32 10.20
CA THR A 30 -4.64 5.06 10.58
C THR A 30 -3.77 3.87 10.21
N LEU A 31 -3.10 3.98 9.06
CA LEU A 31 -2.22 2.90 8.60
C LEU A 31 -0.90 2.91 9.35
N LEU A 32 -0.33 4.10 9.52
CA LEU A 32 0.94 4.24 10.23
C LEU A 32 0.79 3.83 11.70
N LEU A 33 -0.05 4.56 12.42
CA LEU A 33 -0.28 4.27 13.83
C LEU A 33 -0.47 2.78 14.06
N ASN A 34 -1.11 2.11 13.10
CA ASN A 34 -1.35 0.68 13.20
C ASN A 34 -0.06 -0.11 12.98
N GLY A 35 0.82 0.43 12.15
CA GLY A 35 2.08 -0.24 11.87
C GLY A 35 2.51 -0.10 10.42
N TYR A 36 1.53 -0.06 9.52
CA TYR A 36 1.80 0.06 8.10
C TYR A 36 2.59 1.34 7.80
N GLU A 37 3.91 1.21 7.72
CA GLU A 37 4.78 2.34 7.45
C GLU A 37 5.08 2.46 5.95
N THR A 38 5.39 1.33 5.33
CA THR A 38 5.70 1.29 3.92
C THR A 38 4.97 0.15 3.21
N LEU A 39 4.95 0.19 1.89
CA LEU A 39 4.27 -0.83 1.10
C LEU A 39 4.63 -2.23 1.60
N ASP A 40 5.91 -2.42 1.93
CA ASP A 40 6.38 -3.71 2.44
C ASP A 40 5.39 -4.30 3.44
N ASP A 41 4.72 -3.43 4.18
CA ASP A 41 3.74 -3.87 5.17
C ASP A 41 2.38 -4.10 4.52
N LEU A 42 2.07 -3.30 3.51
CA LEU A 42 0.79 -3.41 2.80
C LEU A 42 0.69 -4.74 2.08
N LYS A 43 1.84 -5.37 1.82
CA LYS A 43 1.87 -6.66 1.14
C LYS A 43 1.19 -7.73 1.97
N ASP A 44 0.88 -7.41 3.22
CA ASP A 44 0.22 -8.34 4.12
C ASP A 44 -1.20 -7.89 4.43
N ILE A 45 -1.57 -6.71 3.94
CA ILE A 45 -2.89 -6.15 4.16
C ILE A 45 -3.92 -6.82 3.25
N LYS A 46 -5.14 -6.98 3.77
CA LYS A 46 -6.21 -7.60 2.99
C LYS A 46 -7.48 -6.77 3.08
N GLU A 47 -8.52 -7.19 2.35
CA GLU A 47 -9.79 -6.48 2.34
C GLU A 47 -10.31 -6.29 3.77
N SER A 48 -10.20 -7.34 4.58
CA SER A 48 -10.66 -7.30 5.95
C SER A 48 -9.90 -6.24 6.75
N HIS A 49 -8.57 -6.29 6.67
CA HIS A 49 -7.73 -5.34 7.39
C HIS A 49 -8.27 -3.92 7.24
N LEU A 50 -8.46 -3.49 6.00
CA LEU A 50 -8.98 -2.15 5.73
C LEU A 50 -10.22 -1.86 6.57
N ILE A 51 -11.16 -2.81 6.58
CA ILE A 51 -12.39 -2.65 7.34
C ILE A 51 -12.09 -2.29 8.79
N GLU A 52 -11.26 -3.11 9.44
CA GLU A 52 -10.89 -2.88 10.83
C GLU A 52 -10.14 -1.55 10.98
N LEU A 53 -9.55 -1.09 9.89
CA LEU A 53 -8.80 0.16 9.89
C LEU A 53 -9.73 1.35 9.66
N ASN A 54 -11.02 1.15 9.89
CA ASN A 54 -12.01 2.20 9.71
C ASN A 54 -12.27 2.46 8.23
N ILE A 55 -12.03 1.44 7.41
CA ILE A 55 -12.24 1.54 5.97
C ILE A 55 -13.44 0.72 5.53
N ALA A 56 -14.40 0.54 6.43
CA ALA A 56 -15.60 -0.24 6.13
C ALA A 56 -16.11 0.08 4.73
N ASP A 57 -15.77 1.25 4.23
CA ASP A 57 -16.20 1.67 2.89
C ASP A 57 -15.37 0.99 1.82
N PRO A 58 -16.05 0.44 0.80
CA PRO A 58 -15.39 -0.25 -0.31
C PRO A 58 -14.63 0.71 -1.22
N GLU A 59 -15.07 1.97 -1.24
CA GLU A 59 -14.42 2.98 -2.07
C GLU A 59 -12.92 3.03 -1.80
N ASP A 60 -12.55 3.10 -0.52
CA ASP A 60 -11.15 3.16 -0.13
C ASP A 60 -10.50 1.78 -0.25
N ARG A 61 -11.18 0.77 0.26
CA ARG A 61 -10.68 -0.60 0.22
C ARG A 61 -10.26 -0.98 -1.20
N ALA A 62 -11.20 -0.92 -2.12
CA ALA A 62 -10.94 -1.26 -3.52
C ALA A 62 -9.72 -0.50 -4.04
N ARG A 63 -9.77 0.82 -3.93
CA ARG A 63 -8.66 1.67 -4.39
C ARG A 63 -7.36 1.26 -3.73
N LEU A 64 -7.44 0.86 -2.46
CA LEU A 64 -6.25 0.46 -1.71
C LEU A 64 -5.76 -0.91 -2.18
N LEU A 65 -6.69 -1.78 -2.54
CA LEU A 65 -6.36 -3.11 -3.01
C LEU A 65 -5.78 -3.07 -4.42
N SER A 66 -6.58 -2.57 -5.36
CA SER A 66 -6.15 -2.48 -6.75
C SER A 66 -4.88 -1.64 -6.87
N ALA A 67 -4.61 -0.85 -5.84
CA ALA A 67 -3.42 0.01 -5.83
C ALA A 67 -2.20 -0.76 -5.34
N ALA A 68 -2.31 -1.35 -4.16
CA ALA A 68 -1.21 -2.12 -3.59
C ALA A 68 -0.87 -3.33 -4.45
N GLU A 69 -1.88 -3.88 -5.12
CA GLU A 69 -1.69 -5.04 -5.98
C GLU A 69 -0.84 -4.67 -7.19
N SER A 70 -1.19 -3.57 -7.85
CA SER A 70 -0.46 -3.12 -9.03
C SER A 70 1.02 -2.91 -8.70
N LEU A 71 1.29 -2.42 -7.51
CA LEU A 71 2.66 -2.18 -7.07
C LEU A 71 3.39 -3.49 -6.80
N LEU A 72 3.01 -4.16 -5.72
CA LEU A 72 3.62 -5.44 -5.35
C LEU A 72 3.39 -6.49 -6.43
N SER A 73 2.15 -6.97 -6.52
CA SER A 73 1.80 -7.98 -7.51
C SER A 73 1.62 -7.35 -8.90
N GLY A 74 2.73 -7.09 -9.57
CA GLY A 74 2.67 -6.49 -10.90
C GLY A 74 3.98 -6.63 -11.65
N PRO A 75 3.88 -6.91 -12.96
CA PRO A 75 5.05 -7.07 -13.83
C PRO A 75 5.78 -5.75 -14.07
N SER A 76 7.10 -5.79 -13.94
CA SER A 76 7.92 -4.60 -14.14
C SER A 76 8.88 -4.79 -15.33
N SER A 77 9.73 -5.80 -15.23
CA SER A 77 10.69 -6.08 -16.28
C SER A 77 10.01 -6.14 -17.64
N GLY A 78 10.81 -6.33 -18.70
CA GLY A 78 10.26 -6.39 -20.03
C GLY A 78 10.05 -5.02 -20.65
N GLY A 1 13.80 3.98 -13.22
CA GLY A 1 14.11 3.33 -14.49
C GLY A 1 12.87 2.84 -15.20
N SER A 2 12.19 3.75 -15.89
CA SER A 2 10.98 3.39 -16.62
C SER A 2 11.16 2.07 -17.38
N SER A 3 12.15 2.04 -18.26
CA SER A 3 12.44 0.85 -19.05
C SER A 3 12.64 -0.36 -18.15
N GLY A 4 13.62 -0.28 -17.26
CA GLY A 4 13.90 -1.38 -16.35
C GLY A 4 15.01 -1.06 -15.38
N SER A 5 15.10 -1.84 -14.31
CA SER A 5 16.13 -1.64 -13.29
C SER A 5 17.28 -2.64 -13.47
N SER A 6 18.29 -2.24 -14.24
CA SER A 6 19.44 -3.10 -14.49
C SER A 6 20.64 -2.66 -13.65
N GLY A 7 20.83 -3.34 -12.52
CA GLY A 7 21.95 -3.01 -11.64
C GLY A 7 21.53 -2.13 -10.48
N ARG A 8 20.85 -1.03 -10.79
CA ARG A 8 20.39 -0.11 -9.76
C ARG A 8 19.27 -0.72 -8.94
N ARG A 9 19.61 -1.19 -7.74
CA ARG A 9 18.63 -1.80 -6.84
C ARG A 9 17.35 -0.99 -6.82
N GLU A 10 16.22 -1.66 -7.04
CA GLU A 10 14.92 -1.00 -7.03
C GLU A 10 14.71 -0.24 -5.73
N ASN A 11 13.71 0.64 -5.72
CA ASN A 11 13.40 1.44 -4.54
C ASN A 11 12.12 0.96 -3.87
N HIS A 12 11.74 1.62 -2.78
CA HIS A 12 10.53 1.24 -2.06
C HIS A 12 9.55 2.41 -2.00
N GLN A 13 8.25 2.10 -2.02
CA GLN A 13 7.22 3.12 -1.98
C GLN A 13 6.68 3.30 -0.56
N THR A 14 6.44 4.54 -0.17
CA THR A 14 5.92 4.85 1.16
C THR A 14 4.41 5.04 1.13
N ILE A 15 3.74 4.47 2.12
CA ILE A 15 2.29 4.57 2.22
C ILE A 15 1.82 6.01 1.95
N GLN A 16 2.42 6.96 2.67
CA GLN A 16 2.07 8.37 2.50
C GLN A 16 1.80 8.69 1.04
N GLU A 17 2.83 8.57 0.21
CA GLU A 17 2.70 8.85 -1.22
C GLU A 17 1.78 7.84 -1.90
N PHE A 18 2.01 6.56 -1.61
CA PHE A 18 1.20 5.49 -2.19
C PHE A 18 -0.29 5.81 -2.07
N LEU A 19 -0.65 6.55 -1.03
CA LEU A 19 -2.03 6.92 -0.80
C LEU A 19 -2.38 8.21 -1.53
N GLU A 20 -1.49 9.20 -1.46
CA GLU A 20 -1.71 10.47 -2.12
C GLU A 20 -2.14 10.28 -3.57
N ARG A 21 -1.61 9.23 -4.20
CA ARG A 21 -1.93 8.94 -5.58
C ARG A 21 -3.39 8.49 -5.72
N ILE A 22 -3.82 7.64 -4.80
CA ILE A 22 -5.19 7.13 -4.81
C ILE A 22 -6.11 8.01 -3.97
N HIS A 23 -5.55 9.07 -3.41
CA HIS A 23 -6.31 9.99 -2.58
C HIS A 23 -6.84 9.30 -1.33
N LEU A 24 -6.00 8.46 -0.73
CA LEU A 24 -6.39 7.73 0.48
C LEU A 24 -5.54 8.16 1.67
N GLN A 25 -4.77 9.23 1.49
CA GLN A 25 -3.92 9.75 2.54
C GLN A 25 -4.72 9.99 3.82
N GLU A 26 -6.03 10.13 3.67
CA GLU A 26 -6.91 10.36 4.81
C GLU A 26 -6.85 9.19 5.78
N TYR A 27 -6.20 8.11 5.37
CA TYR A 27 -6.07 6.91 6.20
C TYR A 27 -4.62 6.70 6.62
N THR A 28 -3.72 7.47 6.03
CA THR A 28 -2.30 7.38 6.35
C THR A 28 -2.09 7.10 7.84
N SER A 29 -2.35 8.09 8.66
CA SER A 29 -2.19 7.95 10.11
C SER A 29 -2.77 6.64 10.60
N THR A 30 -3.99 6.33 10.14
CA THR A 30 -4.65 5.09 10.54
C THR A 30 -3.82 3.87 10.16
N LEU A 31 -3.05 4.00 9.09
CA LEU A 31 -2.21 2.91 8.62
C LEU A 31 -0.88 2.87 9.38
N LEU A 32 -0.21 4.02 9.43
CA LEU A 32 1.07 4.13 10.13
C LEU A 32 0.92 3.73 11.60
N LEU A 33 0.05 4.43 12.31
CA LEU A 33 -0.18 4.15 13.72
C LEU A 33 -0.36 2.66 13.96
N ASN A 34 -1.03 1.99 13.02
CA ASN A 34 -1.26 0.55 13.12
C ASN A 34 0.02 -0.23 12.88
N GLY A 35 0.92 0.35 12.08
CA GLY A 35 2.18 -0.31 11.78
C GLY A 35 2.58 -0.14 10.33
N TYR A 36 1.59 -0.12 9.44
CA TYR A 36 1.84 0.02 8.01
C TYR A 36 2.65 1.27 7.73
N GLU A 37 3.97 1.13 7.67
CA GLU A 37 4.85 2.25 7.40
C GLU A 37 5.18 2.35 5.91
N THR A 38 5.44 1.21 5.29
CA THR A 38 5.76 1.17 3.87
C THR A 38 4.98 0.06 3.16
N LEU A 39 4.98 0.10 1.83
CA LEU A 39 4.27 -0.89 1.04
C LEU A 39 4.53 -2.30 1.56
N ASP A 40 5.78 -2.57 1.92
CA ASP A 40 6.17 -3.87 2.44
C ASP A 40 5.11 -4.40 3.41
N ASP A 41 4.51 -3.50 4.18
CA ASP A 41 3.48 -3.87 5.14
C ASP A 41 2.14 -4.11 4.44
N LEU A 42 1.85 -3.30 3.42
CA LEU A 42 0.61 -3.40 2.68
C LEU A 42 0.57 -4.70 1.87
N LYS A 43 1.75 -5.24 1.56
CA LYS A 43 1.86 -6.48 0.80
C LYS A 43 1.14 -7.61 1.52
N ASP A 44 0.92 -7.46 2.82
CA ASP A 44 0.24 -8.47 3.61
C ASP A 44 -1.08 -7.94 4.15
N ILE A 45 -1.71 -7.06 3.38
CA ILE A 45 -2.99 -6.48 3.78
C ILE A 45 -4.15 -7.10 3.01
N LYS A 46 -5.22 -7.43 3.72
CA LYS A 46 -6.41 -8.02 3.11
C LYS A 46 -7.60 -7.08 3.20
N GLU A 47 -8.58 -7.30 2.34
CA GLU A 47 -9.79 -6.48 2.33
C GLU A 47 -10.30 -6.24 3.76
N SER A 48 -10.31 -7.30 4.55
CA SER A 48 -10.78 -7.20 5.93
C SER A 48 -9.99 -6.15 6.71
N HIS A 49 -8.66 -6.24 6.66
CA HIS A 49 -7.80 -5.29 7.36
C HIS A 49 -8.33 -3.87 7.19
N LEU A 50 -8.49 -3.45 5.94
CA LEU A 50 -8.99 -2.11 5.64
C LEU A 50 -10.23 -1.79 6.48
N ILE A 51 -11.16 -2.74 6.52
CA ILE A 51 -12.39 -2.57 7.27
C ILE A 51 -12.10 -2.20 8.73
N GLU A 52 -11.23 -2.97 9.36
CA GLU A 52 -10.87 -2.73 10.75
C GLU A 52 -10.10 -1.42 10.89
N LEU A 53 -9.52 -0.96 9.79
CA LEU A 53 -8.75 0.29 9.78
C LEU A 53 -9.66 1.48 9.57
N ASN A 54 -10.95 1.29 9.81
CA ASN A 54 -11.94 2.35 9.64
C ASN A 54 -12.22 2.61 8.16
N ILE A 55 -12.01 1.59 7.34
CA ILE A 55 -12.24 1.69 5.90
C ILE A 55 -13.46 0.89 5.47
N ALA A 56 -14.42 0.76 6.39
CA ALA A 56 -15.65 0.03 6.11
C ALA A 56 -16.13 0.29 4.69
N ASP A 57 -15.77 1.46 4.16
CA ASP A 57 -16.17 1.83 2.81
C ASP A 57 -15.35 1.07 1.77
N PRO A 58 -16.05 0.50 0.77
CA PRO A 58 -15.42 -0.26 -0.31
C PRO A 58 -14.61 0.63 -1.26
N GLU A 59 -15.15 1.82 -1.53
CA GLU A 59 -14.47 2.76 -2.42
C GLU A 59 -13.00 2.91 -2.05
N ASP A 60 -12.73 2.95 -0.75
CA ASP A 60 -11.36 3.10 -0.26
C ASP A 60 -10.64 1.75 -0.27
N ARG A 61 -11.31 0.71 0.25
CA ARG A 61 -10.72 -0.61 0.30
C ARG A 61 -10.20 -1.03 -1.07
N ALA A 62 -11.07 -0.93 -2.08
CA ALA A 62 -10.69 -1.29 -3.45
C ALA A 62 -9.52 -0.45 -3.93
N ARG A 63 -9.66 0.87 -3.83
CA ARG A 63 -8.62 1.78 -4.28
C ARG A 63 -7.31 1.51 -3.52
N LEU A 64 -7.43 1.04 -2.30
CA LEU A 64 -6.26 0.74 -1.47
C LEU A 64 -5.62 -0.58 -1.88
N LEU A 65 -6.47 -1.58 -2.11
CA LEU A 65 -5.99 -2.90 -2.52
C LEU A 65 -5.55 -2.91 -3.97
N SER A 66 -6.48 -2.64 -4.88
CA SER A 66 -6.17 -2.61 -6.30
C SER A 66 -4.89 -1.85 -6.56
N ALA A 67 -4.54 -0.96 -5.64
CA ALA A 67 -3.32 -0.15 -5.78
C ALA A 67 -2.10 -0.91 -5.26
N ALA A 68 -2.17 -1.36 -4.01
CA ALA A 68 -1.08 -2.11 -3.40
C ALA A 68 -0.66 -3.28 -4.28
N GLU A 69 -1.63 -3.85 -4.99
CA GLU A 69 -1.36 -4.99 -5.86
C GLU A 69 -0.61 -4.55 -7.12
N SER A 70 -1.09 -3.48 -7.74
CA SER A 70 -0.48 -2.96 -8.95
C SER A 70 0.99 -2.61 -8.71
N LEU A 71 1.27 -2.05 -7.54
CA LEU A 71 2.64 -1.68 -7.19
C LEU A 71 3.52 -2.92 -7.03
N LEU A 72 3.21 -3.73 -6.04
CA LEU A 72 3.98 -4.95 -5.78
C LEU A 72 3.99 -5.85 -7.00
N SER A 73 2.81 -6.31 -7.41
CA SER A 73 2.69 -7.19 -8.57
C SER A 73 3.41 -6.59 -9.77
N GLY A 74 4.70 -6.89 -9.88
CA GLY A 74 5.50 -6.38 -10.99
C GLY A 74 5.77 -4.90 -10.87
N PRO A 75 6.96 -4.47 -11.34
CA PRO A 75 7.36 -3.06 -11.30
C PRO A 75 6.56 -2.19 -12.26
N SER A 76 5.44 -1.66 -11.77
CA SER A 76 4.58 -0.82 -12.58
C SER A 76 4.30 0.51 -11.89
N SER A 77 5.09 1.53 -12.23
CA SER A 77 4.92 2.85 -11.64
C SER A 77 5.59 3.91 -12.50
N GLY A 78 4.90 5.04 -12.68
CA GLY A 78 5.44 6.12 -13.48
C GLY A 78 4.78 7.45 -13.17
N GLY A 1 18.60 -0.39 10.75
CA GLY A 1 17.71 -0.26 9.61
C GLY A 1 17.76 1.13 9.00
N SER A 2 17.02 1.31 7.91
CA SER A 2 16.98 2.61 7.23
C SER A 2 15.56 3.20 7.28
N SER A 3 15.41 4.30 7.98
CA SER A 3 14.12 4.97 8.11
C SER A 3 14.00 6.13 7.14
N GLY A 4 14.99 7.02 7.17
CA GLY A 4 14.98 8.17 6.28
C GLY A 4 15.30 9.46 7.00
N SER A 5 16.59 9.77 7.10
CA SER A 5 17.03 10.99 7.78
C SER A 5 17.77 11.91 6.82
N SER A 6 17.03 12.51 5.89
CA SER A 6 17.61 13.41 4.90
C SER A 6 19.01 12.94 4.49
N GLY A 7 19.13 11.63 4.25
CA GLY A 7 20.41 11.08 3.85
C GLY A 7 20.48 10.77 2.37
N ARG A 8 19.48 10.07 1.86
CA ARG A 8 19.42 9.71 0.45
C ARG A 8 18.04 9.15 0.08
N ARG A 9 17.63 9.41 -1.15
CA ARG A 9 16.33 8.93 -1.64
C ARG A 9 16.30 7.41 -1.68
N GLU A 10 15.09 6.84 -1.63
CA GLU A 10 14.93 5.40 -1.67
C GLU A 10 13.78 5.01 -2.61
N ASN A 11 14.01 3.96 -3.40
CA ASN A 11 13.00 3.49 -4.33
C ASN A 11 11.73 3.07 -3.61
N HIS A 12 11.89 2.33 -2.53
CA HIS A 12 10.76 1.87 -1.72
C HIS A 12 9.66 2.92 -1.69
N GLN A 13 8.41 2.48 -1.90
CA GLN A 13 7.28 3.39 -1.88
C GLN A 13 6.73 3.56 -0.48
N THR A 14 6.47 4.81 -0.09
CA THR A 14 5.94 5.10 1.24
C THR A 14 4.43 5.28 1.20
N ILE A 15 3.74 4.60 2.10
CA ILE A 15 2.29 4.69 2.17
C ILE A 15 1.81 6.11 1.90
N GLN A 16 2.32 7.06 2.67
CA GLN A 16 1.95 8.47 2.51
C GLN A 16 1.74 8.80 1.03
N GLU A 17 2.81 8.71 0.25
CA GLU A 17 2.75 9.01 -1.17
C GLU A 17 1.87 8.00 -1.90
N PHE A 18 2.06 6.72 -1.58
CA PHE A 18 1.29 5.65 -2.21
C PHE A 18 -0.21 5.93 -2.09
N LEU A 19 -0.59 6.70 -1.08
CA LEU A 19 -1.99 7.04 -0.86
C LEU A 19 -2.37 8.30 -1.62
N GLU A 20 -1.46 9.28 -1.64
CA GLU A 20 -1.69 10.54 -2.32
C GLU A 20 -2.19 10.30 -3.75
N ARG A 21 -1.77 9.17 -4.33
CA ARG A 21 -2.17 8.82 -5.68
C ARG A 21 -3.64 8.41 -5.74
N ILE A 22 -4.06 7.63 -4.76
CA ILE A 22 -5.44 7.17 -4.69
C ILE A 22 -6.30 8.11 -3.85
N HIS A 23 -5.68 9.18 -3.34
CA HIS A 23 -6.39 10.15 -2.53
C HIS A 23 -6.92 9.51 -1.25
N LEU A 24 -6.13 8.60 -0.68
CA LEU A 24 -6.52 7.91 0.55
C LEU A 24 -5.62 8.31 1.71
N GLN A 25 -4.89 9.41 1.53
CA GLN A 25 -4.00 9.91 2.57
C GLN A 25 -4.74 10.12 3.88
N GLU A 26 -6.06 10.12 3.80
CA GLU A 26 -6.90 10.31 4.98
C GLU A 26 -6.77 9.13 5.94
N TYR A 27 -6.25 8.02 5.43
CA TYR A 27 -6.08 6.81 6.23
C TYR A 27 -4.62 6.63 6.63
N THR A 28 -3.76 7.52 6.15
CA THR A 28 -2.35 7.46 6.46
C THR A 28 -2.11 7.13 7.92
N SER A 29 -2.37 8.11 8.79
CA SER A 29 -2.19 7.92 10.23
C SER A 29 -2.71 6.56 10.67
N THR A 30 -3.92 6.23 10.25
CA THR A 30 -4.54 4.95 10.60
C THR A 30 -3.64 3.79 10.20
N LEU A 31 -3.00 3.90 9.04
CA LEU A 31 -2.11 2.85 8.56
C LEU A 31 -0.79 2.86 9.33
N LEU A 32 -0.19 4.04 9.47
CA LEU A 32 1.07 4.18 10.17
C LEU A 32 0.93 3.75 11.63
N LEU A 33 0.09 4.45 12.37
CA LEU A 33 -0.14 4.14 13.78
C LEU A 33 -0.31 2.63 13.98
N ASN A 34 -1.05 2.00 13.07
CA ASN A 34 -1.29 0.57 13.15
C ASN A 34 0.01 -0.21 12.95
N GLY A 35 0.85 0.28 12.05
CA GLY A 35 2.12 -0.38 11.78
C GLY A 35 2.55 -0.25 10.34
N TYR A 36 1.57 -0.13 9.44
CA TYR A 36 1.85 0.00 8.02
C TYR A 36 2.60 1.30 7.73
N GLU A 37 3.92 1.20 7.63
CA GLU A 37 4.76 2.36 7.36
C GLU A 37 5.11 2.44 5.88
N THR A 38 5.40 1.28 5.28
CA THR A 38 5.76 1.22 3.88
C THR A 38 5.01 0.09 3.17
N LEU A 39 5.00 0.14 1.84
CA LEU A 39 4.31 -0.88 1.05
C LEU A 39 4.60 -2.27 1.59
N ASP A 40 5.85 -2.50 1.97
CA ASP A 40 6.25 -3.81 2.51
C ASP A 40 5.19 -4.35 3.46
N ASP A 41 4.62 -3.47 4.27
CA ASP A 41 3.59 -3.87 5.23
C ASP A 41 2.26 -4.09 4.53
N LEU A 42 1.95 -3.23 3.56
CA LEU A 42 0.71 -3.33 2.82
C LEU A 42 0.59 -4.69 2.13
N LYS A 43 1.72 -5.34 1.93
CA LYS A 43 1.75 -6.65 1.30
C LYS A 43 1.05 -7.70 2.15
N ASP A 44 0.75 -7.32 3.39
CA ASP A 44 0.07 -8.23 4.32
C ASP A 44 -1.35 -7.76 4.59
N ILE A 45 -1.70 -6.59 4.05
CA ILE A 45 -3.03 -6.03 4.24
C ILE A 45 -4.04 -6.68 3.29
N LYS A 46 -5.26 -6.89 3.78
CA LYS A 46 -6.31 -7.50 2.97
C LYS A 46 -7.60 -6.68 3.06
N GLU A 47 -8.62 -7.12 2.32
CA GLU A 47 -9.90 -6.44 2.32
C GLU A 47 -10.43 -6.25 3.74
N SER A 48 -10.35 -7.33 4.53
CA SER A 48 -10.84 -7.29 5.90
C SER A 48 -10.07 -6.25 6.71
N HIS A 49 -8.75 -6.33 6.67
CA HIS A 49 -7.90 -5.39 7.40
C HIS A 49 -8.42 -3.96 7.25
N LEU A 50 -8.55 -3.51 6.02
CA LEU A 50 -9.03 -2.16 5.74
C LEU A 50 -10.28 -1.85 6.57
N ILE A 51 -11.22 -2.80 6.58
CA ILE A 51 -12.46 -2.62 7.34
C ILE A 51 -12.17 -2.28 8.80
N GLU A 52 -11.31 -3.08 9.42
CA GLU A 52 -10.95 -2.86 10.81
C GLU A 52 -10.18 -1.56 10.99
N LEU A 53 -9.58 -1.09 9.89
CA LEU A 53 -8.82 0.15 9.92
C LEU A 53 -9.71 1.36 9.67
N ASN A 54 -11.01 1.18 9.90
CA ASN A 54 -11.97 2.25 9.71
C ASN A 54 -12.22 2.50 8.23
N ILE A 55 -12.00 1.49 7.41
CA ILE A 55 -12.21 1.59 5.97
C ILE A 55 -13.42 0.78 5.52
N ALA A 56 -14.40 0.66 6.41
CA ALA A 56 -15.61 -0.10 6.10
C ALA A 56 -16.11 0.22 4.70
N ASP A 57 -15.73 1.38 4.18
CA ASP A 57 -16.13 1.80 2.85
C ASP A 57 -15.33 1.06 1.78
N PRO A 58 -16.05 0.52 0.77
CA PRO A 58 -15.43 -0.21 -0.32
C PRO A 58 -14.61 0.68 -1.25
N GLU A 59 -15.14 1.88 -1.51
CA GLU A 59 -14.46 2.83 -2.38
C GLU A 59 -12.99 2.97 -2.00
N ASP A 60 -12.73 2.98 -0.70
CA ASP A 60 -11.36 3.11 -0.20
C ASP A 60 -10.64 1.76 -0.23
N ARG A 61 -11.31 0.73 0.27
CA ARG A 61 -10.74 -0.61 0.31
C ARG A 61 -10.25 -1.03 -1.08
N ALA A 62 -11.15 -1.00 -2.05
CA ALA A 62 -10.81 -1.38 -3.42
C ALA A 62 -9.66 -0.52 -3.95
N ARG A 63 -9.81 0.79 -3.86
CA ARG A 63 -8.79 1.72 -4.33
C ARG A 63 -7.45 1.44 -3.65
N LEU A 64 -7.51 1.01 -2.40
CA LEU A 64 -6.31 0.71 -1.64
C LEU A 64 -5.67 -0.59 -2.11
N LEU A 65 -6.45 -1.66 -2.09
CA LEU A 65 -5.97 -2.97 -2.52
C LEU A 65 -5.46 -2.91 -3.96
N SER A 66 -6.35 -2.55 -4.88
CA SER A 66 -6.00 -2.46 -6.29
C SER A 66 -4.67 -1.73 -6.47
N ALA A 67 -4.51 -0.61 -5.77
CA ALA A 67 -3.29 0.18 -5.85
C ALA A 67 -2.08 -0.64 -5.43
N ALA A 68 -2.17 -1.25 -4.25
CA ALA A 68 -1.07 -2.07 -3.73
C ALA A 68 -0.73 -3.21 -4.69
N GLU A 69 -1.76 -3.93 -5.12
CA GLU A 69 -1.58 -5.06 -6.03
C GLU A 69 -0.70 -4.65 -7.22
N SER A 70 -1.12 -3.59 -7.90
CA SER A 70 -0.37 -3.10 -9.06
C SER A 70 1.11 -2.97 -8.74
N LEU A 71 1.40 -2.45 -7.55
CA LEU A 71 2.79 -2.27 -7.12
C LEU A 71 3.44 -3.61 -6.79
N LEU A 72 2.99 -4.23 -5.70
CA LEU A 72 3.53 -5.52 -5.29
C LEU A 72 3.34 -6.57 -6.38
N SER A 73 2.10 -7.01 -6.56
CA SER A 73 1.79 -8.01 -7.57
C SER A 73 1.77 -7.39 -8.97
N GLY A 74 2.96 -7.27 -9.56
CA GLY A 74 3.06 -6.69 -10.89
C GLY A 74 3.79 -7.60 -11.86
N PRO A 75 5.12 -7.48 -11.90
CA PRO A 75 5.96 -8.29 -12.78
C PRO A 75 6.00 -9.76 -12.36
N SER A 76 6.33 -10.62 -13.31
CA SER A 76 6.40 -12.06 -13.05
C SER A 76 7.30 -12.34 -11.84
N SER A 77 6.68 -12.64 -10.71
CA SER A 77 7.42 -12.93 -9.48
C SER A 77 7.05 -14.31 -8.94
N GLY A 78 7.89 -14.83 -8.05
CA GLY A 78 7.64 -16.13 -7.47
C GLY A 78 6.23 -16.26 -6.90
N GLY A 1 9.13 -12.45 -23.07
CA GLY A 1 8.82 -13.43 -22.06
C GLY A 1 9.88 -13.51 -20.99
N SER A 2 9.52 -13.15 -19.76
CA SER A 2 10.45 -13.17 -18.64
C SER A 2 9.71 -13.15 -17.30
N SER A 3 10.31 -13.77 -16.29
CA SER A 3 9.70 -13.83 -14.97
C SER A 3 10.71 -13.44 -13.89
N GLY A 4 10.20 -13.08 -12.72
CA GLY A 4 11.07 -12.69 -11.62
C GLY A 4 10.37 -11.81 -10.61
N SER A 5 10.19 -10.54 -10.96
CA SER A 5 9.53 -9.60 -10.07
C SER A 5 10.02 -9.76 -8.63
N SER A 6 11.33 -9.97 -8.48
CA SER A 6 11.92 -10.16 -7.15
C SER A 6 13.43 -9.99 -7.22
N GLY A 7 14.06 -9.92 -6.05
CA GLY A 7 15.50 -9.76 -5.98
C GLY A 7 15.92 -8.63 -5.07
N ARG A 8 17.05 -8.00 -5.38
CA ARG A 8 17.56 -6.90 -4.56
C ARG A 8 17.31 -5.56 -5.25
N ARG A 9 16.30 -4.84 -4.79
CA ARG A 9 15.95 -3.55 -5.35
C ARG A 9 16.15 -2.44 -4.33
N GLU A 10 16.52 -1.25 -4.80
CA GLU A 10 16.73 -0.11 -3.93
C GLU A 10 15.60 0.90 -4.05
N ASN A 11 14.45 0.42 -4.53
CA ASN A 11 13.28 1.29 -4.69
C ASN A 11 12.11 0.79 -3.84
N HIS A 12 11.60 1.66 -2.98
CA HIS A 12 10.49 1.31 -2.11
C HIS A 12 9.48 2.45 -2.03
N GLN A 13 8.20 2.12 -2.18
CA GLN A 13 7.14 3.12 -2.13
C GLN A 13 6.58 3.25 -0.72
N THR A 14 6.27 4.48 -0.32
CA THR A 14 5.73 4.74 1.01
C THR A 14 4.20 4.87 0.97
N ILE A 15 3.55 4.50 2.06
CA ILE A 15 2.09 4.58 2.15
C ILE A 15 1.61 6.01 1.92
N GLN A 16 2.23 6.96 2.61
CA GLN A 16 1.86 8.36 2.47
C GLN A 16 1.64 8.73 1.01
N GLU A 17 2.71 8.62 0.21
CA GLU A 17 2.64 8.95 -1.21
C GLU A 17 1.76 7.94 -1.95
N PHE A 18 1.89 6.67 -1.60
CA PHE A 18 1.11 5.62 -2.23
C PHE A 18 -0.37 5.90 -2.14
N LEU A 19 -0.77 6.58 -1.06
CA LEU A 19 -2.17 6.92 -0.84
C LEU A 19 -2.53 8.23 -1.55
N GLU A 20 -1.65 9.21 -1.45
CA GLU A 20 -1.87 10.51 -2.08
C GLU A 20 -2.30 10.34 -3.53
N ARG A 21 -1.76 9.31 -4.19
CA ARG A 21 -2.10 9.04 -5.58
C ARG A 21 -3.56 8.65 -5.73
N ILE A 22 -4.06 7.86 -4.78
CA ILE A 22 -5.45 7.42 -4.80
C ILE A 22 -6.32 8.30 -3.92
N HIS A 23 -5.73 9.38 -3.39
CA HIS A 23 -6.46 10.31 -2.54
C HIS A 23 -6.93 9.63 -1.26
N LEU A 24 -6.12 8.69 -0.77
CA LEU A 24 -6.45 7.96 0.46
C LEU A 24 -5.49 8.33 1.59
N GLN A 25 -4.85 9.48 1.47
CA GLN A 25 -3.92 9.95 2.47
C GLN A 25 -4.62 10.19 3.81
N GLU A 26 -5.95 10.11 3.78
CA GLU A 26 -6.74 10.32 4.99
C GLU A 26 -6.66 9.11 5.93
N TYR A 27 -6.19 7.98 5.39
CA TYR A 27 -6.05 6.76 6.17
C TYR A 27 -4.61 6.54 6.60
N THR A 28 -3.72 7.42 6.13
CA THR A 28 -2.31 7.33 6.47
C THR A 28 -2.11 7.04 7.96
N SER A 29 -2.31 8.06 8.78
CA SER A 29 -2.15 7.92 10.22
C SER A 29 -2.71 6.57 10.70
N THR A 30 -3.94 6.27 10.27
CA THR A 30 -4.59 5.02 10.66
C THR A 30 -3.73 3.81 10.28
N LEU A 31 -3.04 3.92 9.14
CA LEU A 31 -2.19 2.84 8.66
C LEU A 31 -0.87 2.82 9.40
N LEU A 32 -0.21 3.98 9.46
CA LEU A 32 1.07 4.09 10.16
C LEU A 32 0.94 3.70 11.62
N LEU A 33 0.05 4.37 12.33
CA LEU A 33 -0.19 4.09 13.74
C LEU A 33 -0.36 2.60 13.99
N ASN A 34 -0.96 1.91 13.01
CA ASN A 34 -1.19 0.48 13.11
C ASN A 34 0.10 -0.29 12.83
N GLY A 35 0.98 0.30 12.03
CA GLY A 35 2.23 -0.36 11.69
C GLY A 35 2.60 -0.18 10.24
N TYR A 36 1.59 -0.20 9.36
CA TYR A 36 1.82 -0.05 7.94
C TYR A 36 2.59 1.23 7.63
N GLU A 37 3.91 1.13 7.63
CA GLU A 37 4.77 2.28 7.36
C GLU A 37 5.03 2.41 5.86
N THR A 38 5.35 1.30 5.21
CA THR A 38 5.63 1.29 3.79
C THR A 38 4.92 0.14 3.09
N LEU A 39 4.90 0.17 1.76
CA LEU A 39 4.25 -0.87 0.98
C LEU A 39 4.60 -2.26 1.51
N ASP A 40 5.88 -2.46 1.81
CA ASP A 40 6.34 -3.74 2.34
C ASP A 40 5.34 -4.31 3.34
N ASP A 41 4.69 -3.44 4.08
CA ASP A 41 3.71 -3.85 5.07
C ASP A 41 2.36 -4.14 4.42
N LEU A 42 1.94 -3.26 3.52
CA LEU A 42 0.68 -3.42 2.82
C LEU A 42 0.62 -4.77 2.10
N LYS A 43 1.79 -5.32 1.80
CA LYS A 43 1.88 -6.61 1.12
C LYS A 43 1.19 -7.71 1.92
N ASP A 44 0.85 -7.39 3.16
CA ASP A 44 0.18 -8.35 4.04
C ASP A 44 -1.24 -7.91 4.36
N ILE A 45 -1.58 -6.69 3.95
CA ILE A 45 -2.91 -6.15 4.19
C ILE A 45 -3.94 -6.78 3.26
N LYS A 46 -5.16 -6.93 3.75
CA LYS A 46 -6.23 -7.52 2.96
C LYS A 46 -7.50 -6.65 3.03
N GLU A 47 -8.53 -7.08 2.32
CA GLU A 47 -9.80 -6.35 2.30
C GLU A 47 -10.33 -6.15 3.72
N SER A 48 -10.32 -7.22 4.51
CA SER A 48 -10.80 -7.16 5.88
C SER A 48 -10.03 -6.12 6.68
N HIS A 49 -8.71 -6.21 6.66
CA HIS A 49 -7.86 -5.28 7.38
C HIS A 49 -8.38 -3.85 7.24
N LEU A 50 -8.57 -3.41 6.00
CA LEU A 50 -9.06 -2.07 5.73
C LEU A 50 -10.30 -1.77 6.56
N ILE A 51 -11.25 -2.71 6.57
CA ILE A 51 -12.48 -2.55 7.32
C ILE A 51 -12.20 -2.24 8.78
N GLU A 52 -11.28 -2.98 9.38
CA GLU A 52 -10.91 -2.78 10.77
C GLU A 52 -10.13 -1.48 10.95
N LEU A 53 -9.56 -0.99 9.85
CA LEU A 53 -8.79 0.25 9.88
C LEU A 53 -9.68 1.46 9.64
N ASN A 54 -10.98 1.29 9.87
CA ASN A 54 -11.94 2.36 9.68
C ASN A 54 -12.17 2.63 8.19
N ILE A 55 -11.97 1.60 7.37
CA ILE A 55 -12.16 1.72 5.93
C ILE A 55 -13.38 0.93 5.47
N ALA A 56 -14.36 0.78 6.36
CA ALA A 56 -15.58 0.06 6.04
C ALA A 56 -16.05 0.37 4.62
N ASP A 57 -15.67 1.53 4.12
CA ASP A 57 -16.05 1.96 2.78
C ASP A 57 -15.26 1.20 1.72
N PRO A 58 -15.96 0.67 0.72
CA PRO A 58 -15.35 -0.09 -0.38
C PRO A 58 -14.52 0.79 -1.30
N GLU A 59 -15.04 1.98 -1.60
CA GLU A 59 -14.34 2.91 -2.47
C GLU A 59 -12.88 3.05 -2.07
N ASP A 60 -12.62 3.07 -0.77
CA ASP A 60 -11.26 3.19 -0.25
C ASP A 60 -10.56 1.84 -0.25
N ARG A 61 -11.25 0.81 0.25
CA ARG A 61 -10.69 -0.53 0.30
C ARG A 61 -10.18 -0.97 -1.06
N ALA A 62 -11.07 -0.95 -2.05
CA ALA A 62 -10.71 -1.34 -3.41
C ALA A 62 -9.53 -0.51 -3.93
N ARG A 63 -9.67 0.81 -3.86
CA ARG A 63 -8.63 1.71 -4.32
C ARG A 63 -7.30 1.42 -3.61
N LEU A 64 -7.39 1.07 -2.34
CA LEU A 64 -6.20 0.77 -1.55
C LEU A 64 -5.57 -0.55 -1.99
N LEU A 65 -6.39 -1.59 -2.09
CA LEU A 65 -5.92 -2.91 -2.50
C LEU A 65 -5.49 -2.89 -3.97
N SER A 66 -6.46 -2.74 -4.86
CA SER A 66 -6.18 -2.71 -6.30
C SER A 66 -4.89 -1.95 -6.58
N ALA A 67 -4.65 -0.89 -5.83
CA ALA A 67 -3.44 -0.09 -6.00
C ALA A 67 -2.21 -0.85 -5.53
N ALA A 68 -2.25 -1.34 -4.30
CA ALA A 68 -1.14 -2.09 -3.73
C ALA A 68 -0.74 -3.25 -4.63
N GLU A 69 -1.73 -4.05 -5.02
CA GLU A 69 -1.49 -5.21 -5.88
C GLU A 69 -0.69 -4.81 -7.11
N SER A 70 -0.97 -3.61 -7.62
CA SER A 70 -0.28 -3.11 -8.81
C SER A 70 1.19 -2.85 -8.52
N LEU A 71 1.46 -2.26 -7.36
CA LEU A 71 2.83 -1.95 -6.95
C LEU A 71 3.58 -3.23 -6.57
N LEU A 72 3.02 -3.97 -5.61
CA LEU A 72 3.65 -5.20 -5.15
C LEU A 72 3.50 -6.31 -6.20
N SER A 73 4.35 -7.32 -6.11
CA SER A 73 4.32 -8.43 -7.05
C SER A 73 4.40 -7.93 -8.50
N GLY A 74 5.30 -6.98 -8.73
CA GLY A 74 5.47 -6.43 -10.06
C GLY A 74 4.14 -6.25 -10.78
N PRO A 75 4.21 -6.19 -12.12
CA PRO A 75 3.02 -6.02 -12.96
C PRO A 75 2.14 -7.27 -12.97
N SER A 76 0.98 -7.16 -12.33
CA SER A 76 0.04 -8.28 -12.25
C SER A 76 -1.35 -7.86 -12.70
N SER A 77 -1.42 -7.12 -13.80
CA SER A 77 -2.70 -6.65 -14.33
C SER A 77 -3.63 -7.82 -14.63
N GLY A 78 -4.85 -7.75 -14.11
CA GLY A 78 -5.82 -8.80 -14.34
C GLY A 78 -6.97 -8.35 -15.21
N GLY A 1 19.28 11.41 -29.20
CA GLY A 1 20.03 10.59 -30.13
C GLY A 1 20.31 9.20 -29.56
N SER A 2 19.32 8.32 -29.64
CA SER A 2 19.45 6.96 -29.13
C SER A 2 20.12 6.97 -27.75
N SER A 3 19.70 7.90 -26.91
CA SER A 3 20.25 8.00 -25.56
C SER A 3 19.38 7.26 -24.56
N GLY A 4 20.03 6.59 -23.60
CA GLY A 4 19.29 5.85 -22.60
C GLY A 4 20.20 5.02 -21.71
N SER A 5 20.23 5.35 -20.43
CA SER A 5 21.07 4.63 -19.47
C SER A 5 20.22 3.95 -18.40
N SER A 6 19.71 2.78 -18.72
CA SER A 6 18.87 2.02 -17.80
C SER A 6 19.64 1.69 -16.52
N GLY A 7 19.03 1.99 -15.38
CA GLY A 7 19.67 1.71 -14.11
C GLY A 7 18.67 1.50 -12.98
N ARG A 8 18.71 0.32 -12.36
CA ARG A 8 17.78 0.00 -11.28
C ARG A 8 18.52 0.02 -9.94
N ARG A 9 17.84 0.51 -8.90
CA ARG A 9 18.42 0.58 -7.57
C ARG A 9 17.42 0.11 -6.52
N GLU A 10 17.86 0.12 -5.26
CA GLU A 10 17.00 -0.31 -4.15
C GLU A 10 16.15 0.85 -3.65
N ASN A 11 14.86 0.82 -3.96
CA ASN A 11 13.94 1.87 -3.54
C ASN A 11 12.76 1.29 -2.76
N HIS A 12 11.82 2.15 -2.38
CA HIS A 12 10.63 1.72 -1.65
C HIS A 12 9.57 2.80 -1.64
N GLN A 13 8.31 2.40 -1.64
CA GLN A 13 7.20 3.33 -1.64
C GLN A 13 6.60 3.47 -0.24
N THR A 14 6.39 4.71 0.19
CA THR A 14 5.83 4.99 1.51
C THR A 14 4.32 5.22 1.42
N ILE A 15 3.57 4.46 2.21
CA ILE A 15 2.12 4.59 2.22
C ILE A 15 1.69 6.04 2.01
N GLN A 16 2.14 6.92 2.89
CA GLN A 16 1.82 8.34 2.78
C GLN A 16 1.70 8.77 1.32
N GLU A 17 2.76 8.53 0.56
CA GLU A 17 2.78 8.89 -0.86
C GLU A 17 1.88 7.97 -1.67
N PHE A 18 2.02 6.66 -1.44
CA PHE A 18 1.23 5.68 -2.15
C PHE A 18 -0.27 6.01 -2.07
N LEU A 19 -0.63 6.74 -1.03
CA LEU A 19 -2.03 7.13 -0.83
C LEU A 19 -2.35 8.41 -1.60
N GLU A 20 -1.38 9.32 -1.66
CA GLU A 20 -1.57 10.58 -2.36
C GLU A 20 -2.02 10.34 -3.80
N ARG A 21 -1.55 9.24 -4.39
CA ARG A 21 -1.90 8.89 -5.76
C ARG A 21 -3.35 8.41 -5.84
N ILE A 22 -3.78 7.66 -4.84
CA ILE A 22 -5.13 7.13 -4.81
C ILE A 22 -6.05 8.05 -4.01
N HIS A 23 -5.54 9.22 -3.64
CA HIS A 23 -6.32 10.19 -2.87
C HIS A 23 -6.90 9.55 -1.62
N LEU A 24 -6.14 8.65 -1.01
CA LEU A 24 -6.59 7.96 0.19
C LEU A 24 -5.66 8.26 1.37
N GLN A 25 -4.90 9.34 1.25
CA GLN A 25 -3.96 9.73 2.30
C GLN A 25 -4.70 10.03 3.59
N GLU A 26 -6.02 10.11 3.51
CA GLU A 26 -6.84 10.39 4.69
C GLU A 26 -6.77 9.23 5.68
N TYR A 27 -6.28 8.10 5.23
CA TYR A 27 -6.15 6.91 6.07
C TYR A 27 -4.70 6.69 6.48
N THR A 28 -3.84 7.61 6.10
CA THR A 28 -2.42 7.51 6.43
C THR A 28 -2.21 7.18 7.90
N SER A 29 -2.43 8.18 8.76
CA SER A 29 -2.26 7.99 10.19
C SER A 29 -2.79 6.63 10.63
N THR A 30 -4.03 6.32 10.24
CA THR A 30 -4.65 5.05 10.58
C THR A 30 -3.76 3.88 10.19
N LEU A 31 -3.09 4.00 9.05
CA LEU A 31 -2.20 2.95 8.57
C LEU A 31 -0.88 2.96 9.31
N LEU A 32 -0.26 4.13 9.38
CA LEU A 32 1.03 4.29 10.07
C LEU A 32 0.92 3.81 11.52
N LEU A 33 0.07 4.48 12.29
CA LEU A 33 -0.13 4.13 13.69
C LEU A 33 -0.31 2.62 13.85
N ASN A 34 -1.04 2.01 12.93
CA ASN A 34 -1.28 0.57 12.98
C ASN A 34 0.01 -0.20 12.71
N GLY A 35 0.90 0.39 11.92
CA GLY A 35 2.16 -0.26 11.61
C GLY A 35 2.52 -0.14 10.15
N TYR A 36 1.52 -0.13 9.28
CA TYR A 36 1.74 -0.02 7.85
C TYR A 36 2.55 1.23 7.52
N GLU A 37 3.87 1.09 7.47
CA GLU A 37 4.75 2.21 7.16
C GLU A 37 5.01 2.30 5.67
N THR A 38 5.31 1.16 5.05
CA THR A 38 5.58 1.11 3.62
C THR A 38 4.84 -0.04 2.96
N LEU A 39 4.73 0.01 1.64
CA LEU A 39 4.04 -1.02 0.88
C LEU A 39 4.37 -2.41 1.43
N ASP A 40 5.65 -2.62 1.74
CA ASP A 40 6.09 -3.90 2.27
C ASP A 40 5.06 -4.49 3.22
N ASP A 41 4.46 -3.64 4.05
CA ASP A 41 3.45 -4.07 5.01
C ASP A 41 2.12 -4.34 4.30
N LEU A 42 1.77 -3.48 3.35
CA LEU A 42 0.53 -3.62 2.61
C LEU A 42 0.51 -4.93 1.83
N LYS A 43 1.69 -5.39 1.44
CA LYS A 43 1.81 -6.64 0.68
C LYS A 43 1.14 -7.79 1.43
N ASP A 44 0.90 -7.60 2.72
CA ASP A 44 0.26 -8.61 3.55
C ASP A 44 -1.05 -8.10 4.12
N ILE A 45 -1.73 -7.23 3.36
CA ILE A 45 -3.01 -6.68 3.80
C ILE A 45 -4.17 -7.35 3.08
N LYS A 46 -5.30 -7.45 3.78
CA LYS A 46 -6.49 -8.07 3.21
C LYS A 46 -7.70 -7.15 3.35
N GLU A 47 -8.65 -7.27 2.43
CA GLU A 47 -9.85 -6.46 2.45
C GLU A 47 -10.34 -6.26 3.89
N SER A 48 -10.27 -7.32 4.68
CA SER A 48 -10.71 -7.27 6.07
C SER A 48 -9.93 -6.20 6.84
N HIS A 49 -8.61 -6.22 6.70
CA HIS A 49 -7.75 -5.26 7.38
C HIS A 49 -8.28 -3.84 7.21
N LEU A 50 -8.50 -3.45 5.96
CA LEU A 50 -9.01 -2.11 5.66
C LEU A 50 -10.23 -1.80 6.50
N ILE A 51 -11.16 -2.75 6.59
CA ILE A 51 -12.37 -2.58 7.36
C ILE A 51 -12.06 -2.16 8.80
N GLU A 52 -11.20 -2.94 9.47
CA GLU A 52 -10.82 -2.64 10.84
C GLU A 52 -10.05 -1.33 10.92
N LEU A 53 -9.44 -0.93 9.81
CA LEU A 53 -8.67 0.30 9.76
C LEU A 53 -9.58 1.50 9.51
N ASN A 54 -10.88 1.31 9.74
CA ASN A 54 -11.85 2.38 9.55
C ASN A 54 -12.12 2.62 8.06
N ILE A 55 -11.89 1.58 7.26
CA ILE A 55 -12.12 1.67 5.82
C ILE A 55 -13.34 0.87 5.40
N ALA A 56 -14.31 0.76 6.30
CA ALA A 56 -15.53 0.03 6.02
C ALA A 56 -16.04 0.31 4.62
N ASP A 57 -15.65 1.46 4.08
CA ASP A 57 -16.06 1.85 2.73
C ASP A 57 -15.29 1.07 1.68
N PRO A 58 -16.02 0.53 0.69
CA PRO A 58 -15.42 -0.25 -0.40
C PRO A 58 -14.59 0.61 -1.35
N GLU A 59 -15.07 1.82 -1.62
CA GLU A 59 -14.37 2.73 -2.51
C GLU A 59 -12.91 2.87 -2.12
N ASP A 60 -12.65 2.98 -0.82
CA ASP A 60 -11.29 3.12 -0.31
C ASP A 60 -10.59 1.76 -0.30
N ARG A 61 -11.26 0.76 0.24
CA ARG A 61 -10.70 -0.58 0.32
C ARG A 61 -10.13 -1.02 -1.03
N ALA A 62 -10.98 -1.01 -2.05
CA ALA A 62 -10.58 -1.39 -3.40
C ALA A 62 -9.40 -0.55 -3.87
N ARG A 63 -9.55 0.77 -3.81
CA ARG A 63 -8.51 1.69 -4.24
C ARG A 63 -7.20 1.41 -3.49
N LEU A 64 -7.33 0.95 -2.25
CA LEU A 64 -6.17 0.65 -1.42
C LEU A 64 -5.55 -0.69 -1.81
N LEU A 65 -6.40 -1.67 -2.04
CA LEU A 65 -5.93 -3.00 -2.43
C LEU A 65 -5.45 -3.01 -3.88
N SER A 66 -6.37 -2.72 -4.80
CA SER A 66 -6.05 -2.70 -6.22
C SER A 66 -4.76 -1.94 -6.47
N ALA A 67 -4.57 -0.84 -5.74
CA ALA A 67 -3.38 -0.02 -5.88
C ALA A 67 -2.13 -0.77 -5.40
N ALA A 68 -2.15 -1.19 -4.14
CA ALA A 68 -1.04 -1.93 -3.56
C ALA A 68 -0.68 -3.15 -4.40
N GLU A 69 -1.69 -3.74 -5.02
CA GLU A 69 -1.48 -4.92 -5.86
C GLU A 69 -0.70 -4.56 -7.12
N SER A 70 -1.12 -3.47 -7.77
CA SER A 70 -0.46 -3.03 -9.00
C SER A 70 1.03 -2.77 -8.75
N LEU A 71 1.33 -2.18 -7.60
CA LEU A 71 2.71 -1.88 -7.25
C LEU A 71 3.53 -3.16 -7.09
N LEU A 72 3.16 -3.97 -6.10
CA LEU A 72 3.85 -5.23 -5.84
C LEU A 72 3.79 -6.14 -7.06
N SER A 73 2.61 -6.69 -7.31
CA SER A 73 2.41 -7.58 -8.45
C SER A 73 2.04 -6.80 -9.71
N GLY A 74 3.05 -6.26 -10.38
CA GLY A 74 2.82 -5.50 -11.58
C GLY A 74 3.85 -4.40 -11.79
N PRO A 75 5.06 -4.81 -12.19
CA PRO A 75 6.16 -3.87 -12.43
C PRO A 75 5.93 -3.01 -13.67
N SER A 76 5.56 -1.75 -13.46
CA SER A 76 5.31 -0.83 -14.55
C SER A 76 4.45 -1.48 -15.62
N SER A 77 3.39 -2.17 -15.19
CA SER A 77 2.49 -2.85 -16.11
C SER A 77 1.53 -1.86 -16.77
N GLY A 78 1.26 -2.06 -18.05
CA GLY A 78 0.36 -1.18 -18.76
C GLY A 78 -1.05 -1.22 -18.21
N GLY A 1 19.96 -15.33 -21.93
CA GLY A 1 19.38 -14.27 -21.13
C GLY A 1 20.15 -14.02 -19.85
N SER A 2 21.36 -13.52 -19.98
CA SER A 2 22.20 -13.24 -18.82
C SER A 2 22.31 -11.73 -18.58
N SER A 3 21.81 -11.27 -17.44
CA SER A 3 21.85 -9.86 -17.09
C SER A 3 21.73 -9.67 -15.58
N GLY A 4 22.57 -8.78 -15.05
CA GLY A 4 22.54 -8.51 -13.62
C GLY A 4 22.82 -7.06 -13.30
N SER A 5 24.00 -6.78 -12.74
CA SER A 5 24.38 -5.43 -12.37
C SER A 5 24.54 -4.56 -13.62
N SER A 6 23.44 -4.03 -14.12
CA SER A 6 23.47 -3.18 -15.31
C SER A 6 23.77 -1.74 -14.94
N GLY A 7 22.99 -1.19 -14.03
CA GLY A 7 23.19 0.19 -13.60
C GLY A 7 21.90 0.90 -13.28
N ARG A 8 21.03 0.23 -12.53
CA ARG A 8 19.74 0.80 -12.15
C ARG A 8 19.49 0.64 -10.66
N ARG A 9 19.23 1.76 -9.98
CA ARG A 9 18.97 1.74 -8.54
C ARG A 9 17.53 1.34 -8.25
N GLU A 10 17.27 0.90 -7.02
CA GLU A 10 15.94 0.49 -6.63
C GLU A 10 15.55 1.13 -5.30
N ASN A 11 14.27 1.48 -5.16
CA ASN A 11 13.77 2.09 -3.94
C ASN A 11 12.45 1.47 -3.51
N HIS A 12 11.85 2.02 -2.46
CA HIS A 12 10.58 1.51 -1.95
C HIS A 12 9.54 2.63 -1.87
N GLN A 13 8.26 2.25 -1.95
CA GLN A 13 7.18 3.23 -1.90
C GLN A 13 6.66 3.38 -0.47
N THR A 14 6.37 4.61 -0.07
CA THR A 14 5.86 4.89 1.26
C THR A 14 4.36 5.12 1.25
N ILE A 15 3.65 4.44 2.14
CA ILE A 15 2.20 4.57 2.23
C ILE A 15 1.76 6.00 1.95
N GLN A 16 2.34 6.95 2.68
CA GLN A 16 2.00 8.36 2.52
C GLN A 16 1.80 8.69 1.04
N GLU A 17 2.86 8.58 0.26
CA GLU A 17 2.80 8.88 -1.17
C GLU A 17 1.89 7.88 -1.88
N PHE A 18 2.01 6.61 -1.52
CA PHE A 18 1.20 5.56 -2.13
C PHE A 18 -0.27 5.87 -2.00
N LEU A 19 -0.63 6.66 -0.99
CA LEU A 19 -2.02 7.03 -0.75
C LEU A 19 -2.37 8.32 -1.49
N GLU A 20 -1.42 9.25 -1.53
CA GLU A 20 -1.62 10.54 -2.20
C GLU A 20 -2.09 10.31 -3.65
N ARG A 21 -1.58 9.26 -4.27
CA ARG A 21 -1.94 8.93 -5.64
C ARG A 21 -3.39 8.47 -5.74
N ILE A 22 -3.80 7.64 -4.78
CA ILE A 22 -5.16 7.13 -4.76
C ILE A 22 -6.09 8.05 -3.97
N HIS A 23 -5.54 9.18 -3.51
CA HIS A 23 -6.32 10.14 -2.75
C HIS A 23 -6.84 9.51 -1.46
N LEU A 24 -6.08 8.59 -0.90
CA LEU A 24 -6.47 7.91 0.33
C LEU A 24 -5.49 8.21 1.46
N GLN A 25 -4.81 9.35 1.36
CA GLN A 25 -3.84 9.76 2.37
C GLN A 25 -4.54 10.07 3.69
N GLU A 26 -5.85 10.24 3.64
CA GLU A 26 -6.63 10.54 4.83
C GLU A 26 -6.62 9.37 5.81
N TYR A 27 -6.11 8.23 5.34
CA TYR A 27 -6.04 7.03 6.17
C TYR A 27 -4.61 6.75 6.59
N THR A 28 -3.67 7.58 6.13
CA THR A 28 -2.27 7.42 6.46
C THR A 28 -2.09 7.12 7.95
N SER A 29 -2.27 8.13 8.78
CA SER A 29 -2.12 7.99 10.22
C SER A 29 -2.70 6.65 10.69
N THR A 30 -3.92 6.36 10.26
CA THR A 30 -4.59 5.11 10.64
C THR A 30 -3.74 3.91 10.26
N LEU A 31 -3.06 4.00 9.13
CA LEU A 31 -2.22 2.91 8.65
C LEU A 31 -0.89 2.87 9.41
N LEU A 32 -0.26 4.03 9.53
CA LEU A 32 1.02 4.14 10.23
C LEU A 32 0.87 3.71 11.69
N LEU A 33 0.02 4.42 12.43
CA LEU A 33 -0.21 4.10 13.83
C LEU A 33 -0.41 2.61 14.04
N ASN A 34 -1.17 1.99 13.14
CA ASN A 34 -1.44 0.55 13.21
C ASN A 34 -0.16 -0.24 13.01
N GLY A 35 0.73 0.28 12.17
CA GLY A 35 1.98 -0.41 11.90
C GLY A 35 2.42 -0.27 10.46
N TYR A 36 1.45 -0.15 9.55
CA TYR A 36 1.74 -0.01 8.13
C TYR A 36 2.53 1.27 7.86
N GLU A 37 3.84 1.14 7.75
CA GLU A 37 4.70 2.29 7.48
C GLU A 37 5.03 2.40 6.01
N THR A 38 5.34 1.27 5.39
CA THR A 38 5.66 1.23 3.97
C THR A 38 4.94 0.08 3.26
N LEU A 39 4.96 0.12 1.93
CA LEU A 39 4.29 -0.91 1.13
C LEU A 39 4.61 -2.30 1.67
N ASP A 40 5.86 -2.50 2.07
CA ASP A 40 6.29 -3.78 2.61
C ASP A 40 5.23 -4.37 3.54
N ASP A 41 4.55 -3.50 4.27
CA ASP A 41 3.51 -3.94 5.20
C ASP A 41 2.19 -4.17 4.47
N LEU A 42 1.90 -3.31 3.50
CA LEU A 42 0.67 -3.43 2.72
C LEU A 42 0.63 -4.75 1.97
N LYS A 43 1.79 -5.22 1.53
CA LYS A 43 1.89 -6.47 0.80
C LYS A 43 1.22 -7.61 1.57
N ASP A 44 0.98 -7.38 2.86
CA ASP A 44 0.35 -8.38 3.72
C ASP A 44 -0.99 -7.88 4.24
N ILE A 45 -1.64 -7.01 3.47
CA ILE A 45 -2.92 -6.46 3.86
C ILE A 45 -4.06 -7.14 3.11
N LYS A 46 -5.21 -7.27 3.78
CA LYS A 46 -6.37 -7.89 3.16
C LYS A 46 -7.60 -7.00 3.29
N GLU A 47 -8.58 -7.19 2.41
CA GLU A 47 -9.79 -6.40 2.42
C GLU A 47 -10.28 -6.17 3.85
N SER A 48 -10.23 -7.22 4.66
CA SER A 48 -10.66 -7.15 6.05
C SER A 48 -9.86 -6.10 6.81
N HIS A 49 -8.54 -6.24 6.79
CA HIS A 49 -7.65 -5.31 7.48
C HIS A 49 -8.16 -3.87 7.33
N LEU A 50 -8.36 -3.45 6.09
CA LEU A 50 -8.84 -2.10 5.82
C LEU A 50 -10.09 -1.79 6.64
N ILE A 51 -11.09 -2.66 6.54
CA ILE A 51 -12.32 -2.47 7.29
C ILE A 51 -12.06 -2.09 8.73
N GLU A 52 -11.25 -2.89 9.43
CA GLU A 52 -10.91 -2.63 10.81
C GLU A 52 -10.15 -1.31 10.94
N LEU A 53 -9.53 -0.88 9.85
CA LEU A 53 -8.76 0.36 9.84
C LEU A 53 -9.67 1.56 9.58
N ASN A 54 -10.96 1.38 9.81
CA ASN A 54 -11.93 2.45 9.60
C ASN A 54 -12.20 2.66 8.11
N ILE A 55 -11.99 1.60 7.32
CA ILE A 55 -12.20 1.67 5.88
C ILE A 55 -13.39 0.81 5.46
N ALA A 56 -14.36 0.68 6.36
CA ALA A 56 -15.56 -0.12 6.08
C ALA A 56 -16.08 0.15 4.69
N ASP A 57 -15.74 1.32 4.14
CA ASP A 57 -16.18 1.70 2.80
C ASP A 57 -15.39 0.95 1.73
N PRO A 58 -16.09 0.47 0.70
CA PRO A 58 -15.48 -0.28 -0.40
C PRO A 58 -14.62 0.61 -1.29
N GLU A 59 -15.14 1.79 -1.61
CA GLU A 59 -14.42 2.74 -2.46
C GLU A 59 -12.99 2.92 -1.97
N ASP A 60 -12.82 3.02 -0.66
CA ASP A 60 -11.50 3.20 -0.06
C ASP A 60 -10.71 1.89 -0.09
N ARG A 61 -11.36 0.81 0.32
CA ARG A 61 -10.72 -0.51 0.34
C ARG A 61 -10.24 -0.90 -1.05
N ALA A 62 -11.18 -1.06 -1.97
CA ALA A 62 -10.86 -1.44 -3.34
C ALA A 62 -9.70 -0.60 -3.88
N ARG A 63 -9.87 0.72 -3.86
CA ARG A 63 -8.84 1.62 -4.35
C ARG A 63 -7.48 1.28 -3.74
N LEU A 64 -7.49 0.74 -2.53
CA LEU A 64 -6.26 0.37 -1.85
C LEU A 64 -5.73 -0.97 -2.37
N LEU A 65 -6.62 -1.94 -2.51
CA LEU A 65 -6.24 -3.25 -3.00
C LEU A 65 -5.62 -3.16 -4.39
N SER A 66 -6.38 -2.62 -5.34
CA SER A 66 -5.90 -2.47 -6.70
C SER A 66 -4.57 -1.73 -6.74
N ALA A 67 -4.45 -0.68 -5.92
CA ALA A 67 -3.23 0.10 -5.85
C ALA A 67 -2.06 -0.75 -5.37
N ALA A 68 -2.16 -1.27 -4.16
CA ALA A 68 -1.11 -2.10 -3.58
C ALA A 68 -0.75 -3.26 -4.51
N GLU A 69 -1.77 -3.83 -5.15
CA GLU A 69 -1.58 -4.95 -6.06
C GLU A 69 -0.75 -4.51 -7.28
N SER A 70 -1.16 -3.43 -7.90
CA SER A 70 -0.46 -2.90 -9.08
C SER A 70 1.02 -2.72 -8.79
N LEU A 71 1.33 -2.15 -7.63
CA LEU A 71 2.71 -1.91 -7.22
C LEU A 71 3.45 -3.23 -7.05
N LEU A 72 3.11 -3.96 -6.01
CA LEU A 72 3.74 -5.25 -5.73
C LEU A 72 3.54 -6.22 -6.88
N SER A 73 2.28 -6.50 -7.20
CA SER A 73 1.95 -7.43 -8.28
C SER A 73 2.87 -8.64 -8.26
N GLY A 74 3.20 -9.10 -7.06
CA GLY A 74 4.07 -10.25 -6.92
C GLY A 74 3.33 -11.50 -6.47
N PRO A 75 3.42 -11.81 -5.18
CA PRO A 75 2.76 -12.98 -4.60
C PRO A 75 1.24 -12.81 -4.54
N SER A 76 0.52 -13.83 -5.02
CA SER A 76 -0.93 -13.79 -5.04
C SER A 76 -1.50 -14.46 -3.79
N SER A 77 -1.11 -15.72 -3.56
CA SER A 77 -1.59 -16.47 -2.40
C SER A 77 -0.54 -17.47 -1.94
N GLY A 78 -0.12 -17.34 -0.68
CA GLY A 78 0.87 -18.25 -0.13
C GLY A 78 0.51 -18.74 1.25
N GLY A 1 14.26 -4.07 -3.78
CA GLY A 1 14.10 -5.48 -4.05
C GLY A 1 13.67 -5.76 -5.48
N SER A 2 13.05 -6.92 -5.69
CA SER A 2 12.60 -7.31 -7.02
C SER A 2 11.27 -6.64 -7.35
N SER A 3 10.35 -6.67 -6.39
CA SER A 3 9.03 -6.07 -6.59
C SER A 3 9.16 -4.60 -6.98
N GLY A 4 8.01 -3.96 -7.23
CA GLY A 4 8.01 -2.57 -7.60
C GLY A 4 8.71 -2.33 -8.94
N SER A 5 7.93 -2.06 -9.97
CA SER A 5 8.49 -1.82 -11.30
C SER A 5 9.25 -0.49 -11.34
N SER A 6 10.56 -0.57 -11.15
CA SER A 6 11.40 0.63 -11.15
C SER A 6 12.34 0.62 -12.36
N GLY A 7 12.97 1.76 -12.63
CA GLY A 7 13.88 1.87 -13.75
C GLY A 7 15.06 0.91 -13.63
N ARG A 8 16.21 1.44 -13.23
CA ARG A 8 17.40 0.62 -13.08
C ARG A 8 17.97 0.74 -11.66
N ARG A 9 17.11 1.07 -10.71
CA ARG A 9 17.52 1.23 -9.32
C ARG A 9 16.55 0.51 -8.38
N GLU A 10 17.01 0.22 -7.17
CA GLU A 10 16.19 -0.46 -6.18
C GLU A 10 15.67 0.52 -5.13
N ASN A 11 14.35 0.60 -5.01
CA ASN A 11 13.74 1.51 -4.04
C ASN A 11 12.40 0.95 -3.54
N HIS A 12 11.77 1.67 -2.64
CA HIS A 12 10.48 1.25 -2.08
C HIS A 12 9.50 2.41 -2.01
N GLN A 13 8.22 2.10 -2.08
CA GLN A 13 7.18 3.13 -2.03
C GLN A 13 6.62 3.25 -0.61
N THR A 14 6.35 4.49 -0.20
CA THR A 14 5.81 4.75 1.13
C THR A 14 4.30 4.94 1.08
N ILE A 15 3.62 4.49 2.14
CA ILE A 15 2.17 4.61 2.21
C ILE A 15 1.72 6.05 1.96
N GLN A 16 2.36 6.99 2.64
CA GLN A 16 2.04 8.40 2.48
C GLN A 16 1.75 8.74 1.02
N GLU A 17 2.79 8.71 0.21
CA GLU A 17 2.66 9.01 -1.22
C GLU A 17 1.79 7.97 -1.92
N PHE A 18 2.01 6.70 -1.58
CA PHE A 18 1.25 5.61 -2.17
C PHE A 18 -0.25 5.87 -2.05
N LEU A 19 -0.64 6.68 -1.07
CA LEU A 19 -2.04 7.00 -0.85
C LEU A 19 -2.42 8.28 -1.60
N GLU A 20 -1.54 9.25 -1.59
CA GLU A 20 -1.78 10.52 -2.26
C GLU A 20 -2.21 10.29 -3.72
N ARG A 21 -1.73 9.20 -4.29
CA ARG A 21 -2.06 8.86 -5.67
C ARG A 21 -3.51 8.41 -5.79
N ILE A 22 -3.97 7.63 -4.82
CA ILE A 22 -5.33 7.12 -4.82
C ILE A 22 -6.24 8.01 -3.97
N HIS A 23 -5.68 9.09 -3.44
CA HIS A 23 -6.44 10.03 -2.62
C HIS A 23 -6.92 9.34 -1.34
N LEU A 24 -6.07 8.51 -0.76
CA LEU A 24 -6.41 7.80 0.47
C LEU A 24 -5.48 8.20 1.61
N GLN A 25 -4.74 9.29 1.42
CA GLN A 25 -3.82 9.77 2.43
C GLN A 25 -4.54 10.08 3.73
N GLU A 26 -5.87 10.14 3.66
CA GLU A 26 -6.68 10.44 4.83
C GLU A 26 -6.66 9.27 5.81
N TYR A 27 -6.10 8.15 5.37
CA TYR A 27 -6.01 6.96 6.22
C TYR A 27 -4.58 6.72 6.68
N THR A 28 -3.66 7.53 6.17
CA THR A 28 -2.25 7.41 6.52
C THR A 28 -2.08 7.11 8.01
N SER A 29 -2.30 8.12 8.84
CA SER A 29 -2.17 7.96 10.29
C SER A 29 -2.73 6.62 10.73
N THR A 30 -3.95 6.31 10.29
CA THR A 30 -4.60 5.05 10.65
C THR A 30 -3.73 3.86 10.27
N LEU A 31 -3.03 3.97 9.14
CA LEU A 31 -2.17 2.89 8.66
C LEU A 31 -0.86 2.87 9.44
N LEU A 32 -0.20 4.03 9.52
CA LEU A 32 1.07 4.15 10.24
C LEU A 32 0.90 3.71 11.69
N LEU A 33 0.05 4.42 12.42
CA LEU A 33 -0.20 4.11 13.83
C LEU A 33 -0.39 2.61 14.02
N ASN A 34 -1.02 1.96 13.05
CA ASN A 34 -1.27 0.53 13.12
C ASN A 34 0.02 -0.26 12.88
N GLY A 35 0.93 0.33 12.10
CA GLY A 35 2.19 -0.33 11.81
C GLY A 35 2.59 -0.17 10.36
N TYR A 36 1.62 -0.12 9.47
CA TYR A 36 1.89 0.02 8.04
C TYR A 36 2.67 1.30 7.76
N GLU A 37 3.98 1.15 7.55
CA GLU A 37 4.85 2.28 7.28
C GLU A 37 5.12 2.40 5.78
N THR A 38 5.43 1.28 5.15
CA THR A 38 5.73 1.26 3.72
C THR A 38 5.01 0.10 3.03
N LEU A 39 4.92 0.18 1.71
CA LEU A 39 4.26 -0.86 0.92
C LEU A 39 4.60 -2.25 1.46
N ASP A 40 5.86 -2.43 1.85
CA ASP A 40 6.31 -3.71 2.38
C ASP A 40 5.27 -4.31 3.32
N ASP A 41 4.66 -3.47 4.15
CA ASP A 41 3.65 -3.93 5.09
C ASP A 41 2.35 -4.24 4.38
N LEU A 42 1.97 -3.37 3.44
CA LEU A 42 0.74 -3.56 2.68
C LEU A 42 0.75 -4.89 1.93
N LYS A 43 1.94 -5.45 1.76
CA LYS A 43 2.10 -6.72 1.06
C LYS A 43 1.30 -7.82 1.75
N ASP A 44 0.96 -7.59 3.02
CA ASP A 44 0.20 -8.55 3.79
C ASP A 44 -1.13 -7.96 4.24
N ILE A 45 -1.67 -7.04 3.45
CA ILE A 45 -2.93 -6.40 3.76
C ILE A 45 -4.06 -6.96 2.91
N LYS A 46 -5.18 -7.28 3.55
CA LYS A 46 -6.34 -7.81 2.84
C LYS A 46 -7.55 -6.90 2.99
N GLU A 47 -8.59 -7.17 2.21
CA GLU A 47 -9.81 -6.37 2.26
C GLU A 47 -10.27 -6.17 3.70
N SER A 48 -10.25 -7.26 4.48
CA SER A 48 -10.68 -7.20 5.88
C SER A 48 -9.87 -6.17 6.65
N HIS A 49 -8.54 -6.26 6.54
CA HIS A 49 -7.65 -5.34 7.23
C HIS A 49 -8.17 -3.91 7.12
N LEU A 50 -8.41 -3.45 5.90
CA LEU A 50 -8.90 -2.11 5.66
C LEU A 50 -10.15 -1.83 6.50
N ILE A 51 -11.09 -2.76 6.49
CA ILE A 51 -12.33 -2.61 7.25
C ILE A 51 -12.03 -2.24 8.70
N GLU A 52 -11.22 -3.05 9.36
CA GLU A 52 -10.86 -2.79 10.76
C GLU A 52 -10.13 -1.46 10.90
N LEU A 53 -9.57 -0.98 9.79
CA LEU A 53 -8.84 0.29 9.79
C LEU A 53 -9.80 1.46 9.59
N ASN A 54 -11.08 1.23 9.86
CA ASN A 54 -12.09 2.27 9.72
C ASN A 54 -12.36 2.57 8.25
N ILE A 55 -12.09 1.58 7.39
CA ILE A 55 -12.31 1.74 5.96
C ILE A 55 -13.51 0.92 5.50
N ALA A 56 -14.47 0.73 6.39
CA ALA A 56 -15.67 -0.03 6.07
C ALA A 56 -16.15 0.27 4.65
N ASP A 57 -15.81 1.45 4.16
CA ASP A 57 -16.21 1.87 2.82
C ASP A 57 -15.39 1.14 1.76
N PRO A 58 -16.07 0.56 0.77
CA PRO A 58 -15.42 -0.18 -0.32
C PRO A 58 -14.64 0.74 -1.26
N GLU A 59 -15.21 1.91 -1.55
CA GLU A 59 -14.55 2.86 -2.43
C GLU A 59 -13.09 3.05 -2.05
N ASP A 60 -12.80 2.99 -0.76
CA ASP A 60 -11.44 3.15 -0.27
C ASP A 60 -10.71 1.82 -0.28
N ARG A 61 -11.37 0.77 0.24
CA ARG A 61 -10.77 -0.55 0.30
C ARG A 61 -10.30 -1.00 -1.07
N ALA A 62 -11.20 -0.97 -2.05
CA ALA A 62 -10.86 -1.37 -3.41
C ALA A 62 -9.69 -0.56 -3.95
N ARG A 63 -9.82 0.77 -3.90
CA ARG A 63 -8.77 1.66 -4.38
C ARG A 63 -7.45 1.37 -3.68
N LEU A 64 -7.52 1.07 -2.38
CA LEU A 64 -6.33 0.78 -1.60
C LEU A 64 -5.72 -0.56 -2.02
N LEU A 65 -6.57 -1.52 -2.33
CA LEU A 65 -6.11 -2.84 -2.75
C LEU A 65 -5.61 -2.82 -4.19
N SER A 66 -6.51 -2.50 -5.12
CA SER A 66 -6.15 -2.44 -6.53
C SER A 66 -4.87 -1.65 -6.73
N ALA A 67 -4.53 -0.81 -5.75
CA ALA A 67 -3.32 -0.01 -5.82
C ALA A 67 -2.11 -0.77 -5.30
N ALA A 68 -2.23 -1.29 -4.08
CA ALA A 68 -1.14 -2.05 -3.47
C ALA A 68 -0.81 -3.30 -4.27
N GLU A 69 -1.83 -3.86 -4.91
CA GLU A 69 -1.65 -5.07 -5.72
C GLU A 69 -0.75 -4.78 -6.91
N SER A 70 -1.03 -3.69 -7.63
CA SER A 70 -0.25 -3.32 -8.80
C SER A 70 1.22 -3.11 -8.43
N LEU A 71 1.46 -2.44 -7.30
CA LEU A 71 2.81 -2.18 -6.84
C LEU A 71 3.48 -3.47 -6.36
N LEU A 72 2.84 -4.14 -5.40
CA LEU A 72 3.37 -5.38 -4.86
C LEU A 72 3.24 -6.51 -5.86
N SER A 73 4.20 -7.42 -5.86
CA SER A 73 4.20 -8.56 -6.77
C SER A 73 2.78 -9.09 -6.97
N GLY A 74 2.05 -9.24 -5.87
CA GLY A 74 0.69 -9.73 -5.94
C GLY A 74 0.47 -10.96 -5.09
N PRO A 75 -0.72 -11.07 -4.48
CA PRO A 75 -1.08 -12.20 -3.64
C PRO A 75 -1.25 -13.50 -4.43
N SER A 76 -1.29 -14.62 -3.71
CA SER A 76 -1.46 -15.92 -4.35
C SER A 76 -2.59 -15.89 -5.38
N SER A 77 -3.77 -15.51 -4.92
CA SER A 77 -4.94 -15.44 -5.79
C SER A 77 -5.25 -13.99 -6.17
N GLY A 78 -5.02 -13.65 -7.43
CA GLY A 78 -5.28 -12.30 -7.89
C GLY A 78 -6.76 -11.97 -7.92
N GLY A 1 32.64 4.38 -7.38
CA GLY A 1 32.37 3.14 -6.68
C GLY A 1 32.23 1.95 -7.61
N SER A 2 33.14 1.00 -7.51
CA SER A 2 33.12 -0.18 -8.36
C SER A 2 33.35 -1.45 -7.53
N SER A 3 32.72 -2.54 -7.96
CA SER A 3 32.85 -3.82 -7.26
C SER A 3 32.15 -4.93 -8.02
N GLY A 4 32.64 -6.16 -7.87
CA GLY A 4 32.05 -7.29 -8.56
C GLY A 4 30.79 -7.78 -7.87
N SER A 5 29.88 -6.84 -7.57
CA SER A 5 28.63 -7.18 -6.91
C SER A 5 27.65 -6.01 -6.96
N SER A 6 26.63 -6.15 -7.80
CA SER A 6 25.62 -5.10 -7.95
C SER A 6 24.29 -5.68 -8.42
N GLY A 7 23.23 -4.88 -8.32
CA GLY A 7 21.92 -5.34 -8.73
C GLY A 7 20.81 -4.82 -7.83
N ARG A 8 20.87 -3.54 -7.49
CA ARG A 8 19.88 -2.93 -6.63
C ARG A 8 18.76 -2.30 -7.45
N ARG A 9 17.63 -3.00 -7.54
CA ARG A 9 16.49 -2.52 -8.30
C ARG A 9 15.21 -2.62 -7.48
N GLU A 10 15.36 -2.71 -6.16
CA GLU A 10 14.22 -2.81 -5.26
C GLU A 10 13.87 -1.44 -4.68
N ASN A 11 12.81 -0.84 -5.22
CA ASN A 11 12.36 0.47 -4.76
C ASN A 11 11.33 0.33 -3.64
N HIS A 12 11.41 1.24 -2.67
CA HIS A 12 10.49 1.21 -1.54
C HIS A 12 9.52 2.40 -1.60
N GLN A 13 8.23 2.11 -1.62
CA GLN A 13 7.21 3.16 -1.67
C GLN A 13 6.59 3.40 -0.30
N THR A 14 6.55 4.66 0.12
CA THR A 14 5.99 5.02 1.41
C THR A 14 4.48 5.20 1.33
N ILE A 15 3.76 4.52 2.21
CA ILE A 15 2.30 4.60 2.24
C ILE A 15 1.83 6.01 1.94
N GLN A 16 2.25 6.97 2.76
CA GLN A 16 1.87 8.36 2.57
C GLN A 16 1.74 8.70 1.09
N GLU A 17 2.83 8.58 0.37
CA GLU A 17 2.83 8.87 -1.07
C GLU A 17 1.94 7.89 -1.83
N PHE A 18 2.07 6.61 -1.50
CA PHE A 18 1.27 5.57 -2.15
C PHE A 18 -0.21 5.89 -2.07
N LEU A 19 -0.60 6.62 -1.02
CA LEU A 19 -1.99 7.00 -0.83
C LEU A 19 -2.33 8.26 -1.62
N GLU A 20 -1.46 9.26 -1.52
CA GLU A 20 -1.66 10.51 -2.23
C GLU A 20 -2.14 10.27 -3.65
N ARG A 21 -1.64 9.21 -4.27
CA ARG A 21 -2.01 8.86 -5.63
C ARG A 21 -3.48 8.45 -5.71
N ILE A 22 -3.90 7.60 -4.77
CA ILE A 22 -5.29 7.13 -4.74
C ILE A 22 -6.15 8.07 -3.92
N HIS A 23 -5.55 9.14 -3.40
CA HIS A 23 -6.28 10.11 -2.61
C HIS A 23 -6.81 9.48 -1.32
N LEU A 24 -6.03 8.57 -0.75
CA LEU A 24 -6.42 7.89 0.48
C LEU A 24 -5.50 8.28 1.64
N GLN A 25 -4.82 9.42 1.49
CA GLN A 25 -3.92 9.91 2.52
C GLN A 25 -4.66 10.16 3.83
N GLU A 26 -5.99 10.17 3.75
CA GLU A 26 -6.81 10.41 4.93
C GLU A 26 -6.71 9.25 5.91
N TYR A 27 -6.20 8.12 5.43
CA TYR A 27 -6.05 6.92 6.26
C TYR A 27 -4.60 6.74 6.68
N THR A 28 -3.72 7.57 6.12
CA THR A 28 -2.30 7.50 6.44
C THR A 28 -2.08 7.18 7.91
N SER A 29 -2.32 8.17 8.76
CA SER A 29 -2.15 7.99 10.21
C SER A 29 -2.69 6.64 10.67
N THR A 30 -3.91 6.33 10.24
CA THR A 30 -4.55 5.07 10.59
C THR A 30 -3.69 3.88 10.21
N LEU A 31 -3.04 3.98 9.04
CA LEU A 31 -2.18 2.92 8.56
C LEU A 31 -0.86 2.89 9.32
N LEU A 32 -0.19 4.04 9.36
CA LEU A 32 1.09 4.16 10.06
C LEU A 32 0.96 3.74 11.52
N LEU A 33 0.06 4.40 12.24
CA LEU A 33 -0.17 4.10 13.65
C LEU A 33 -0.33 2.60 13.86
N ASN A 34 -1.17 1.98 13.04
CA ASN A 34 -1.40 0.54 13.14
C ASN A 34 -0.12 -0.24 12.92
N GLY A 35 0.75 0.28 12.06
CA GLY A 35 2.01 -0.38 11.77
C GLY A 35 2.43 -0.25 10.33
N TYR A 36 1.45 -0.15 9.44
CA TYR A 36 1.71 -0.02 8.01
C TYR A 36 2.53 1.24 7.73
N GLU A 37 3.86 1.08 7.72
CA GLU A 37 4.76 2.21 7.46
C GLU A 37 5.06 2.33 5.97
N THR A 38 5.34 1.19 5.34
CA THR A 38 5.66 1.17 3.91
C THR A 38 4.89 0.05 3.20
N LEU A 39 4.92 0.08 1.87
CA LEU A 39 4.23 -0.93 1.08
C LEU A 39 4.50 -2.33 1.61
N ASP A 40 5.75 -2.59 1.98
CA ASP A 40 6.15 -3.89 2.51
C ASP A 40 5.10 -4.40 3.50
N ASP A 41 4.47 -3.49 4.23
CA ASP A 41 3.45 -3.85 5.20
C ASP A 41 2.12 -4.14 4.52
N LEU A 42 1.82 -3.36 3.49
CA LEU A 42 0.57 -3.52 2.75
C LEU A 42 0.56 -4.83 1.98
N LYS A 43 1.74 -5.27 1.55
CA LYS A 43 1.88 -6.51 0.81
C LYS A 43 1.16 -7.66 1.52
N ASP A 44 0.98 -7.51 2.83
CA ASP A 44 0.30 -8.53 3.63
C ASP A 44 -1.03 -8.02 4.15
N ILE A 45 -1.68 -7.15 3.37
CA ILE A 45 -2.96 -6.59 3.77
C ILE A 45 -4.11 -7.28 3.04
N LYS A 46 -5.24 -7.41 3.73
CA LYS A 46 -6.41 -8.05 3.15
C LYS A 46 -7.63 -7.14 3.25
N GLU A 47 -8.56 -7.28 2.31
CA GLU A 47 -9.77 -6.47 2.30
C GLU A 47 -10.29 -6.25 3.71
N SER A 48 -10.18 -7.28 4.54
CA SER A 48 -10.64 -7.21 5.92
C SER A 48 -9.86 -6.16 6.70
N HIS A 49 -8.53 -6.25 6.61
CA HIS A 49 -7.66 -5.31 7.32
C HIS A 49 -8.17 -3.87 7.17
N LEU A 50 -8.39 -3.45 5.93
CA LEU A 50 -8.89 -2.11 5.65
C LEU A 50 -10.11 -1.80 6.50
N ILE A 51 -11.08 -2.71 6.50
CA ILE A 51 -12.30 -2.53 7.28
C ILE A 51 -11.99 -2.16 8.73
N GLU A 52 -11.16 -2.99 9.37
CA GLU A 52 -10.77 -2.75 10.76
C GLU A 52 -10.01 -1.44 10.89
N LEU A 53 -9.43 -0.98 9.80
CA LEU A 53 -8.67 0.26 9.79
C LEU A 53 -9.58 1.47 9.62
N ASN A 54 -10.87 1.26 9.87
CA ASN A 54 -11.85 2.33 9.75
C ASN A 54 -12.15 2.63 8.28
N ILE A 55 -11.94 1.62 7.43
CA ILE A 55 -12.19 1.77 6.00
C ILE A 55 -13.43 0.98 5.56
N ALA A 56 -14.37 0.83 6.48
CA ALA A 56 -15.59 0.09 6.20
C ALA A 56 -16.08 0.38 4.78
N ASP A 57 -15.73 1.54 4.25
CA ASP A 57 -16.13 1.93 2.91
C ASP A 57 -15.31 1.18 1.86
N PRO A 58 -16.01 0.59 0.88
CA PRO A 58 -15.37 -0.18 -0.19
C PRO A 58 -14.60 0.73 -1.16
N GLU A 59 -15.22 1.84 -1.54
CA GLU A 59 -14.59 2.79 -2.45
C GLU A 59 -13.11 3.00 -2.10
N ASP A 60 -12.80 2.88 -0.82
CA ASP A 60 -11.44 3.05 -0.34
C ASP A 60 -10.69 1.72 -0.33
N ARG A 61 -11.36 0.68 0.14
CA ARG A 61 -10.75 -0.64 0.21
C ARG A 61 -10.27 -1.09 -1.17
N ALA A 62 -11.16 -1.00 -2.16
CA ALA A 62 -10.83 -1.39 -3.52
C ALA A 62 -9.65 -0.59 -4.06
N ARG A 63 -9.72 0.74 -3.90
CA ARG A 63 -8.67 1.63 -4.37
C ARG A 63 -7.35 1.32 -3.65
N LEU A 64 -7.44 0.98 -2.36
CA LEU A 64 -6.26 0.67 -1.57
C LEU A 64 -5.65 -0.66 -2.01
N LEU A 65 -6.50 -1.67 -2.18
CA LEU A 65 -6.04 -2.99 -2.60
C LEU A 65 -5.60 -2.98 -4.06
N SER A 66 -6.52 -2.62 -4.95
CA SER A 66 -6.23 -2.58 -6.38
C SER A 66 -4.99 -1.72 -6.65
N ALA A 67 -4.64 -0.88 -5.67
CA ALA A 67 -3.48 -0.01 -5.80
C ALA A 67 -2.21 -0.69 -5.33
N ALA A 68 -2.23 -1.16 -4.09
CA ALA A 68 -1.07 -1.85 -3.51
C ALA A 68 -0.70 -3.07 -4.34
N GLU A 69 -1.71 -3.72 -4.92
CA GLU A 69 -1.48 -4.91 -5.74
C GLU A 69 -0.68 -4.57 -6.99
N SER A 70 -1.11 -3.52 -7.69
CA SER A 70 -0.42 -3.10 -8.90
C SER A 70 1.04 -2.82 -8.64
N LEU A 71 1.33 -2.22 -7.49
CA LEU A 71 2.70 -1.89 -7.11
C LEU A 71 3.53 -3.15 -6.95
N LEU A 72 3.09 -4.05 -6.08
CA LEU A 72 3.78 -5.31 -5.82
C LEU A 72 3.62 -6.26 -7.00
N SER A 73 2.63 -5.98 -7.84
CA SER A 73 2.36 -6.83 -9.01
C SER A 73 3.53 -6.77 -9.99
N GLY A 74 3.86 -5.56 -10.43
CA GLY A 74 4.95 -5.39 -11.38
C GLY A 74 5.82 -4.19 -11.04
N PRO A 75 7.09 -4.24 -11.47
CA PRO A 75 8.05 -3.16 -11.22
C PRO A 75 7.73 -1.90 -12.03
N SER A 76 6.63 -1.95 -12.79
CA SER A 76 6.21 -0.82 -13.60
C SER A 76 6.46 0.50 -12.87
N SER A 77 7.36 1.30 -13.42
CA SER A 77 7.70 2.59 -12.82
C SER A 77 7.53 3.72 -13.83
N GLY A 78 6.45 4.48 -13.69
CA GLY A 78 6.19 5.58 -14.60
C GLY A 78 4.92 6.34 -14.25
N GLY A 1 6.46 -18.50 -11.45
CA GLY A 1 7.17 -19.72 -11.13
C GLY A 1 8.50 -19.46 -10.45
N SER A 2 9.56 -20.06 -10.98
CA SER A 2 10.89 -19.90 -10.41
C SER A 2 11.48 -18.55 -10.80
N SER A 3 11.59 -18.31 -12.11
CA SER A 3 12.14 -17.06 -12.62
C SER A 3 11.29 -15.87 -12.18
N GLY A 4 11.95 -14.84 -11.67
CA GLY A 4 11.24 -13.65 -11.22
C GLY A 4 11.55 -13.31 -9.78
N SER A 5 12.58 -12.50 -9.58
CA SER A 5 12.98 -12.10 -8.23
C SER A 5 11.99 -11.11 -7.64
N SER A 6 11.19 -11.58 -6.70
CA SER A 6 10.18 -10.74 -6.05
C SER A 6 10.84 -9.61 -5.26
N GLY A 7 11.04 -8.48 -5.93
CA GLY A 7 11.66 -7.34 -5.29
C GLY A 7 13.09 -7.12 -5.74
N ARG A 8 14.00 -7.00 -4.78
CA ARG A 8 15.41 -6.80 -5.08
C ARG A 8 15.61 -5.51 -5.89
N ARG A 9 14.95 -4.44 -5.46
CA ARG A 9 15.05 -3.16 -6.15
C ARG A 9 15.67 -2.11 -5.24
N GLU A 10 16.15 -1.02 -5.84
CA GLU A 10 16.78 0.06 -5.08
C GLU A 10 15.81 1.22 -4.90
N ASN A 11 14.56 0.90 -4.60
CA ASN A 11 13.53 1.92 -4.40
C ASN A 11 12.44 1.43 -3.47
N HIS A 12 11.94 2.32 -2.61
CA HIS A 12 10.88 1.97 -1.67
C HIS A 12 9.78 3.03 -1.67
N GLN A 13 8.53 2.55 -1.64
CA GLN A 13 7.39 3.47 -1.64
C GLN A 13 6.84 3.64 -0.22
N THR A 14 6.49 4.88 0.11
CA THR A 14 5.96 5.19 1.43
C THR A 14 4.44 5.36 1.39
N ILE A 15 3.74 4.59 2.21
CA ILE A 15 2.29 4.65 2.27
C ILE A 15 1.79 6.07 2.05
N GLN A 16 2.38 7.02 2.77
CA GLN A 16 2.01 8.42 2.66
C GLN A 16 1.87 8.83 1.20
N GLU A 17 2.85 8.46 0.38
CA GLU A 17 2.83 8.79 -1.03
C GLU A 17 1.94 7.82 -1.81
N PHE A 18 2.04 6.54 -1.47
CA PHE A 18 1.24 5.51 -2.13
C PHE A 18 -0.25 5.80 -1.99
N LEU A 19 -0.60 6.57 -0.97
CA LEU A 19 -2.00 6.92 -0.73
C LEU A 19 -2.38 8.19 -1.50
N GLU A 20 -1.52 9.20 -1.43
CA GLU A 20 -1.76 10.46 -2.12
C GLU A 20 -2.18 10.21 -3.57
N ARG A 21 -1.58 9.21 -4.19
CA ARG A 21 -1.88 8.87 -5.57
C ARG A 21 -3.34 8.45 -5.72
N ILE A 22 -3.83 7.69 -4.75
CA ILE A 22 -5.21 7.22 -4.77
C ILE A 22 -6.13 8.14 -3.96
N HIS A 23 -5.55 9.22 -3.43
CA HIS A 23 -6.31 10.18 -2.64
C HIS A 23 -6.85 9.53 -1.37
N LEU A 24 -6.05 8.63 -0.78
CA LEU A 24 -6.45 7.94 0.44
C LEU A 24 -5.56 8.34 1.61
N GLN A 25 -4.85 9.45 1.46
CA GLN A 25 -3.95 9.94 2.50
C GLN A 25 -4.71 10.16 3.80
N GLU A 26 -6.04 10.13 3.72
CA GLU A 26 -6.87 10.33 4.90
C GLU A 26 -6.77 9.15 5.85
N TYR A 27 -6.22 8.04 5.35
CA TYR A 27 -6.05 6.84 6.16
C TYR A 27 -4.60 6.66 6.58
N THR A 28 -3.72 7.52 6.06
CA THR A 28 -2.31 7.46 6.38
C THR A 28 -2.09 7.16 7.86
N SER A 29 -2.34 8.16 8.70
CA SER A 29 -2.17 8.01 10.14
C SER A 29 -2.72 6.67 10.62
N THR A 30 -3.94 6.35 10.21
CA THR A 30 -4.58 5.10 10.60
C THR A 30 -3.71 3.91 10.23
N LEU A 31 -3.06 3.99 9.07
CA LEU A 31 -2.20 2.92 8.59
C LEU A 31 -0.87 2.90 9.36
N LEU A 32 -0.23 4.06 9.43
CA LEU A 32 1.04 4.19 10.14
C LEU A 32 0.89 3.77 11.59
N LEU A 33 0.01 4.44 12.32
CA LEU A 33 -0.23 4.14 13.72
C LEU A 33 -0.38 2.64 13.94
N ASN A 34 -1.15 2.00 13.06
CA ASN A 34 -1.38 0.56 13.15
C ASN A 34 -0.08 -0.21 12.94
N GLY A 35 0.76 0.29 12.05
CA GLY A 35 2.03 -0.35 11.77
C GLY A 35 2.46 -0.20 10.33
N TYR A 36 1.49 -0.18 9.43
CA TYR A 36 1.77 -0.03 8.00
C TYR A 36 2.58 1.23 7.74
N GLU A 37 3.91 1.07 7.63
CA GLU A 37 4.79 2.19 7.38
C GLU A 37 5.11 2.32 5.89
N THR A 38 5.45 1.19 5.27
CA THR A 38 5.78 1.17 3.86
C THR A 38 5.00 0.07 3.13
N LEU A 39 5.02 0.12 1.80
CA LEU A 39 4.32 -0.86 0.99
C LEU A 39 4.53 -2.27 1.53
N ASP A 40 5.78 -2.58 1.89
CA ASP A 40 6.11 -3.89 2.43
C ASP A 40 5.04 -4.38 3.40
N ASP A 41 4.57 -3.47 4.24
CA ASP A 41 3.53 -3.80 5.22
C ASP A 41 2.20 -4.07 4.54
N LEU A 42 1.94 -3.34 3.46
CA LEU A 42 0.69 -3.50 2.72
C LEU A 42 0.66 -4.83 1.97
N LYS A 43 1.85 -5.38 1.74
CA LYS A 43 1.96 -6.67 1.04
C LYS A 43 1.21 -7.77 1.79
N ASP A 44 0.99 -7.54 3.08
CA ASP A 44 0.28 -8.51 3.92
C ASP A 44 -1.07 -7.96 4.36
N ILE A 45 -1.65 -7.08 3.54
CA ILE A 45 -2.94 -6.49 3.86
C ILE A 45 -4.07 -7.19 3.11
N LYS A 46 -5.22 -7.31 3.75
CA LYS A 46 -6.37 -7.97 3.16
C LYS A 46 -7.61 -7.07 3.26
N GLU A 47 -8.55 -7.28 2.34
CA GLU A 47 -9.78 -6.49 2.33
C GLU A 47 -10.30 -6.26 3.75
N SER A 48 -10.21 -7.29 4.58
CA SER A 48 -10.67 -7.19 5.95
C SER A 48 -9.89 -6.14 6.72
N HIS A 49 -8.56 -6.24 6.66
CA HIS A 49 -7.70 -5.28 7.34
C HIS A 49 -8.21 -3.86 7.18
N LEU A 50 -8.41 -3.45 5.93
CA LEU A 50 -8.89 -2.11 5.63
C LEU A 50 -10.13 -1.78 6.48
N ILE A 51 -11.10 -2.69 6.47
CA ILE A 51 -12.32 -2.50 7.24
C ILE A 51 -12.02 -2.15 8.69
N GLU A 52 -11.20 -2.98 9.33
CA GLU A 52 -10.83 -2.76 10.73
C GLU A 52 -10.06 -1.45 10.89
N LEU A 53 -9.48 -0.98 9.79
CA LEU A 53 -8.72 0.27 9.80
C LEU A 53 -9.64 1.47 9.62
N ASN A 54 -10.93 1.27 9.89
CA ASN A 54 -11.91 2.34 9.75
C ASN A 54 -12.19 2.64 8.28
N ILE A 55 -11.97 1.64 7.43
CA ILE A 55 -12.21 1.80 6.00
C ILE A 55 -13.43 1.00 5.56
N ALA A 56 -14.38 0.82 6.46
CA ALA A 56 -15.60 0.07 6.16
C ALA A 56 -16.07 0.35 4.75
N ASP A 57 -15.73 1.52 4.23
CA ASP A 57 -16.13 1.92 2.88
C ASP A 57 -15.32 1.16 1.83
N PRO A 58 -16.02 0.56 0.86
CA PRO A 58 -15.39 -0.21 -0.22
C PRO A 58 -14.62 0.69 -1.19
N GLU A 59 -15.22 1.83 -1.53
CA GLU A 59 -14.58 2.77 -2.46
C GLU A 59 -13.11 2.96 -2.11
N ASP A 60 -12.79 2.90 -0.82
CA ASP A 60 -11.42 3.07 -0.36
C ASP A 60 -10.69 1.73 -0.34
N ARG A 61 -11.35 0.70 0.19
CA ARG A 61 -10.76 -0.63 0.27
C ARG A 61 -10.26 -1.09 -1.10
N ALA A 62 -11.11 -0.95 -2.11
CA ALA A 62 -10.76 -1.34 -3.47
C ALA A 62 -9.57 -0.55 -3.98
N ARG A 63 -9.67 0.77 -3.90
CA ARG A 63 -8.59 1.66 -4.36
C ARG A 63 -7.30 1.35 -3.62
N LEU A 64 -7.42 1.01 -2.34
CA LEU A 64 -6.25 0.70 -1.52
C LEU A 64 -5.64 -0.64 -1.93
N LEU A 65 -6.51 -1.61 -2.22
CA LEU A 65 -6.05 -2.94 -2.62
C LEU A 65 -5.59 -2.94 -4.07
N SER A 66 -6.52 -2.66 -4.99
CA SER A 66 -6.20 -2.64 -6.41
C SER A 66 -4.96 -1.77 -6.68
N ALA A 67 -4.63 -0.90 -5.71
CA ALA A 67 -3.49 -0.03 -5.84
C ALA A 67 -2.20 -0.72 -5.37
N ALA A 68 -2.23 -1.22 -4.14
CA ALA A 68 -1.07 -1.89 -3.57
C ALA A 68 -0.70 -3.13 -4.40
N GLU A 69 -1.72 -3.74 -5.01
CA GLU A 69 -1.48 -4.94 -5.83
C GLU A 69 -0.72 -4.59 -7.10
N SER A 70 -1.15 -3.53 -7.78
CA SER A 70 -0.50 -3.09 -9.01
C SER A 70 0.98 -2.80 -8.77
N LEU A 71 1.30 -2.33 -7.56
CA LEU A 71 2.67 -2.02 -7.21
C LEU A 71 3.49 -3.28 -7.01
N LEU A 72 3.04 -4.12 -6.08
CA LEU A 72 3.74 -5.38 -5.79
C LEU A 72 3.71 -6.32 -7.01
N SER A 73 2.51 -6.61 -7.49
CA SER A 73 2.34 -7.49 -8.64
C SER A 73 3.48 -7.30 -9.63
N GLY A 74 3.70 -6.06 -10.05
CA GLY A 74 4.77 -5.76 -10.99
C GLY A 74 4.36 -6.06 -12.42
N PRO A 75 3.76 -5.06 -13.09
CA PRO A 75 3.31 -5.20 -14.48
C PRO A 75 4.48 -5.27 -15.46
N SER A 76 5.67 -4.97 -14.97
CA SER A 76 6.87 -4.99 -15.81
C SER A 76 7.30 -6.44 -16.08
N SER A 77 6.86 -6.97 -17.22
CA SER A 77 7.19 -8.34 -17.61
C SER A 77 8.64 -8.43 -18.06
N GLY A 78 9.44 -9.19 -17.30
CA GLY A 78 10.85 -9.36 -17.64
C GLY A 78 11.45 -10.59 -17.02
N GLY A 1 16.59 1.62 -25.59
CA GLY A 1 17.41 1.50 -24.40
C GLY A 1 18.81 2.04 -24.59
N SER A 2 19.39 2.58 -23.53
CA SER A 2 20.73 3.15 -23.58
C SER A 2 21.44 3.02 -22.24
N SER A 3 22.67 2.53 -22.28
CA SER A 3 23.45 2.35 -21.06
C SER A 3 24.55 3.41 -20.95
N GLY A 4 24.75 3.93 -19.74
CA GLY A 4 25.76 4.94 -19.54
C GLY A 4 25.55 5.73 -18.26
N SER A 5 24.31 6.14 -18.03
CA SER A 5 23.97 6.91 -16.84
C SER A 5 22.92 6.18 -16.00
N SER A 6 23.07 6.27 -14.68
CA SER A 6 22.15 5.61 -13.77
C SER A 6 20.71 6.02 -14.06
N GLY A 7 19.82 5.04 -14.10
CA GLY A 7 18.41 5.31 -14.37
C GLY A 7 17.54 5.16 -13.14
N ARG A 8 16.84 4.03 -13.06
CA ARG A 8 15.96 3.76 -11.93
C ARG A 8 16.42 2.51 -11.17
N ARG A 9 17.01 2.72 -10.00
CA ARG A 9 17.49 1.63 -9.17
C ARG A 9 16.38 1.07 -8.29
N GLU A 10 16.67 -0.01 -7.58
CA GLU A 10 15.68 -0.63 -6.71
C GLU A 10 15.33 0.28 -5.53
N ASN A 11 14.11 0.82 -5.56
CA ASN A 11 13.66 1.71 -4.50
C ASN A 11 12.38 1.17 -3.84
N HIS A 12 11.87 1.92 -2.88
CA HIS A 12 10.66 1.51 -2.16
C HIS A 12 9.65 2.67 -2.10
N GLN A 13 8.37 2.33 -2.02
CA GLN A 13 7.32 3.33 -1.95
C GLN A 13 6.78 3.47 -0.53
N THR A 14 6.52 4.70 -0.12
CA THR A 14 6.00 4.96 1.22
C THR A 14 4.48 5.13 1.20
N ILE A 15 3.82 4.51 2.17
CA ILE A 15 2.37 4.59 2.26
C ILE A 15 1.87 6.02 1.97
N GLN A 16 2.51 6.99 2.59
CA GLN A 16 2.15 8.39 2.39
C GLN A 16 1.91 8.70 0.92
N GLU A 17 2.99 8.69 0.14
CA GLU A 17 2.90 8.97 -1.28
C GLU A 17 2.02 7.93 -1.98
N PHE A 18 2.09 6.69 -1.51
CA PHE A 18 1.31 5.60 -2.10
C PHE A 18 -0.19 5.89 -1.97
N LEU A 19 -0.56 6.61 -0.92
CA LEU A 19 -1.96 6.94 -0.68
C LEU A 19 -2.35 8.20 -1.45
N GLU A 20 -1.44 9.18 -1.46
CA GLU A 20 -1.69 10.44 -2.16
C GLU A 20 -2.21 10.19 -3.57
N ARG A 21 -1.60 9.22 -4.26
CA ARG A 21 -2.00 8.88 -5.62
C ARG A 21 -3.46 8.48 -5.68
N ILE A 22 -3.91 7.73 -4.68
CA ILE A 22 -5.29 7.28 -4.61
C ILE A 22 -6.13 8.21 -3.74
N HIS A 23 -5.54 9.34 -3.35
CA HIS A 23 -6.23 10.32 -2.52
C HIS A 23 -6.77 9.66 -1.25
N LEU A 24 -5.97 8.80 -0.65
CA LEU A 24 -6.37 8.11 0.57
C LEU A 24 -5.45 8.48 1.73
N GLN A 25 -4.75 9.60 1.59
CA GLN A 25 -3.83 10.06 2.63
C GLN A 25 -4.57 10.29 3.95
N GLU A 26 -5.89 10.29 3.88
CA GLU A 26 -6.71 10.50 5.07
C GLU A 26 -6.62 9.30 6.02
N TYR A 27 -6.22 8.16 5.47
CA TYR A 27 -6.09 6.94 6.26
C TYR A 27 -4.64 6.72 6.67
N THR A 28 -3.75 7.57 6.19
CA THR A 28 -2.33 7.47 6.50
C THR A 28 -2.12 7.16 7.99
N SER A 29 -2.37 8.17 8.82
CA SER A 29 -2.20 8.01 10.27
C SER A 29 -2.74 6.66 10.73
N THR A 30 -3.94 6.31 10.28
CA THR A 30 -4.57 5.04 10.65
C THR A 30 -3.69 3.87 10.26
N LEU A 31 -3.05 3.97 9.09
CA LEU A 31 -2.18 2.90 8.60
C LEU A 31 -0.87 2.88 9.38
N LEU A 32 -0.26 4.05 9.54
CA LEU A 32 1.00 4.16 10.27
C LEU A 32 0.83 3.75 11.73
N LEU A 33 -0.04 4.46 12.44
CA LEU A 33 -0.30 4.17 13.84
C LEU A 33 -0.48 2.67 14.07
N ASN A 34 -1.09 2.00 13.09
CA ASN A 34 -1.32 0.57 13.18
C ASN A 34 -0.02 -0.21 12.96
N GLY A 35 0.81 0.29 12.05
CA GLY A 35 2.08 -0.36 11.77
C GLY A 35 2.51 -0.18 10.32
N TYR A 36 1.54 -0.17 9.42
CA TYR A 36 1.83 -0.01 8.00
C TYR A 36 2.64 1.26 7.74
N GLU A 37 3.96 1.11 7.61
CA GLU A 37 4.84 2.23 7.38
C GLU A 37 5.18 2.36 5.89
N THR A 38 5.48 1.21 5.27
CA THR A 38 5.83 1.18 3.85
C THR A 38 5.03 0.11 3.12
N LEU A 39 5.07 0.16 1.79
CA LEU A 39 4.35 -0.81 0.96
C LEU A 39 4.63 -2.23 1.43
N ASP A 40 5.87 -2.49 1.81
CA ASP A 40 6.27 -3.81 2.28
C ASP A 40 5.25 -4.36 3.29
N ASP A 41 4.59 -3.46 4.00
CA ASP A 41 3.59 -3.84 4.98
C ASP A 41 2.25 -4.12 4.32
N LEU A 42 1.89 -3.30 3.35
CA LEU A 42 0.63 -3.44 2.62
C LEU A 42 0.60 -4.77 1.87
N LYS A 43 1.77 -5.26 1.50
CA LYS A 43 1.88 -6.53 0.77
C LYS A 43 1.20 -7.66 1.54
N ASP A 44 0.96 -7.43 2.83
CA ASP A 44 0.31 -8.43 3.68
C ASP A 44 -1.02 -7.91 4.20
N ILE A 45 -1.66 -7.05 3.43
CA ILE A 45 -2.95 -6.47 3.81
C ILE A 45 -4.09 -7.12 3.04
N LYS A 46 -5.23 -7.28 3.70
CA LYS A 46 -6.41 -7.89 3.08
C LYS A 46 -7.63 -6.99 3.25
N GLU A 47 -8.62 -7.18 2.37
CA GLU A 47 -9.84 -6.40 2.43
C GLU A 47 -10.31 -6.20 3.87
N SER A 48 -10.25 -7.28 4.65
CA SER A 48 -10.68 -7.23 6.04
C SER A 48 -9.90 -6.17 6.81
N HIS A 49 -8.57 -6.26 6.76
CA HIS A 49 -7.71 -5.31 7.45
C HIS A 49 -8.25 -3.88 7.32
N LEU A 50 -8.43 -3.44 6.07
CA LEU A 50 -8.94 -2.09 5.81
C LEU A 50 -10.21 -1.83 6.62
N ILE A 51 -11.18 -2.74 6.50
CA ILE A 51 -12.44 -2.59 7.22
C ILE A 51 -12.20 -2.24 8.68
N GLU A 52 -11.38 -3.05 9.36
CA GLU A 52 -11.06 -2.83 10.76
C GLU A 52 -10.32 -1.51 10.95
N LEU A 53 -9.68 -1.03 9.88
CA LEU A 53 -8.93 0.21 9.92
C LEU A 53 -9.85 1.41 9.69
N ASN A 54 -11.15 1.19 9.89
CA ASN A 54 -12.13 2.26 9.69
C ASN A 54 -12.36 2.53 8.22
N ILE A 55 -12.10 1.52 7.39
CA ILE A 55 -12.29 1.65 5.94
C ILE A 55 -13.46 0.81 5.45
N ALA A 56 -14.45 0.65 6.31
CA ALA A 56 -15.64 -0.13 5.97
C ALA A 56 -16.12 0.19 4.57
N ASP A 57 -15.75 1.37 4.07
CA ASP A 57 -16.15 1.81 2.74
C ASP A 57 -15.36 1.05 1.67
N PRO A 58 -16.08 0.55 0.65
CA PRO A 58 -15.48 -0.19 -0.45
C PRO A 58 -14.62 0.69 -1.36
N GLU A 59 -15.16 1.86 -1.71
CA GLU A 59 -14.45 2.80 -2.57
C GLU A 59 -13.01 3.00 -2.08
N ASP A 60 -12.83 2.97 -0.77
CA ASP A 60 -11.51 3.14 -0.17
C ASP A 60 -10.74 1.84 -0.16
N ARG A 61 -11.40 0.77 0.26
CA ARG A 61 -10.77 -0.55 0.32
C ARG A 61 -10.28 -0.98 -1.06
N ALA A 62 -11.21 -1.06 -2.01
CA ALA A 62 -10.87 -1.47 -3.37
C ALA A 62 -9.70 -0.65 -3.91
N ARG A 63 -9.85 0.68 -3.89
CA ARG A 63 -8.80 1.57 -4.37
C ARG A 63 -7.48 1.27 -3.70
N LEU A 64 -7.53 0.96 -2.41
CA LEU A 64 -6.33 0.65 -1.64
C LEU A 64 -5.71 -0.66 -2.11
N LEU A 65 -6.53 -1.70 -2.22
CA LEU A 65 -6.06 -3.01 -2.65
C LEU A 65 -5.57 -2.95 -4.09
N SER A 66 -6.47 -2.59 -5.01
CA SER A 66 -6.14 -2.51 -6.42
C SER A 66 -4.90 -1.63 -6.64
N ALA A 67 -4.55 -0.85 -5.62
CA ALA A 67 -3.40 0.03 -5.69
C ALA A 67 -2.12 -0.71 -5.28
N ALA A 68 -2.15 -1.32 -4.11
CA ALA A 68 -1.00 -2.07 -3.60
C ALA A 68 -0.66 -3.24 -4.51
N GLU A 69 -1.69 -3.87 -5.06
CA GLU A 69 -1.51 -5.01 -5.95
C GLU A 69 -0.69 -4.63 -7.17
N SER A 70 -1.07 -3.54 -7.83
CA SER A 70 -0.38 -3.07 -9.01
C SER A 70 1.11 -2.83 -8.71
N LEU A 71 1.39 -2.27 -7.54
CA LEU A 71 2.76 -1.99 -7.13
C LEU A 71 3.51 -3.28 -6.82
N LEU A 72 3.04 -4.00 -5.80
CA LEU A 72 3.66 -5.26 -5.41
C LEU A 72 3.41 -6.34 -6.45
N SER A 73 4.18 -7.44 -6.37
CA SER A 73 4.04 -8.54 -7.31
C SER A 73 3.37 -9.74 -6.64
N GLY A 74 2.37 -9.45 -5.80
CA GLY A 74 1.65 -10.51 -5.12
C GLY A 74 0.27 -10.75 -5.68
N PRO A 75 0.18 -11.56 -6.74
CA PRO A 75 -1.09 -11.87 -7.40
C PRO A 75 -1.99 -12.75 -6.53
N SER A 76 -3.26 -12.85 -6.92
CA SER A 76 -4.21 -13.66 -6.16
C SER A 76 -5.01 -14.56 -7.10
N SER A 77 -4.94 -15.87 -6.84
CA SER A 77 -5.65 -16.85 -7.66
C SER A 77 -5.51 -16.51 -9.15
N GLY A 78 -4.28 -16.17 -9.55
CA GLY A 78 -4.04 -15.83 -10.94
C GLY A 78 -2.56 -15.61 -11.23
N GLY A 1 29.89 -14.13 -5.49
CA GLY A 1 29.29 -14.88 -6.59
C GLY A 1 28.82 -13.98 -7.71
N SER A 2 27.82 -14.45 -8.45
CA SER A 2 27.27 -13.69 -9.57
C SER A 2 26.06 -12.87 -9.13
N SER A 3 26.30 -11.62 -8.75
CA SER A 3 25.24 -10.73 -8.29
C SER A 3 24.81 -9.79 -9.42
N GLY A 4 23.75 -9.02 -9.16
CA GLY A 4 23.26 -8.09 -10.16
C GLY A 4 22.82 -6.78 -9.55
N SER A 5 23.25 -5.67 -10.16
CA SER A 5 22.89 -4.34 -9.66
C SER A 5 21.76 -3.74 -10.49
N SER A 6 20.52 -3.98 -10.06
CA SER A 6 19.37 -3.46 -10.76
C SER A 6 19.27 -1.95 -10.63
N GLY A 7 19.44 -1.46 -9.40
CA GLY A 7 19.37 -0.03 -9.16
C GLY A 7 20.11 0.38 -7.90
N ARG A 8 20.41 1.67 -7.79
CA ARG A 8 21.13 2.19 -6.63
C ARG A 8 20.15 2.72 -5.58
N ARG A 9 18.97 2.11 -5.50
CA ARG A 9 17.96 2.52 -4.54
C ARG A 9 16.97 1.39 -4.29
N GLU A 10 16.45 1.33 -3.07
CA GLU A 10 15.49 0.29 -2.70
C GLU A 10 14.13 0.55 -3.34
N ASN A 11 14.04 1.64 -4.10
CA ASN A 11 12.80 2.01 -4.76
C ASN A 11 11.59 1.63 -3.91
N HIS A 12 11.74 1.75 -2.59
CA HIS A 12 10.66 1.42 -1.66
C HIS A 12 9.64 2.55 -1.61
N GLN A 13 8.36 2.20 -1.79
CA GLN A 13 7.29 3.19 -1.76
C GLN A 13 6.72 3.33 -0.35
N THR A 14 6.47 4.57 0.06
CA THR A 14 5.93 4.84 1.38
C THR A 14 4.42 5.05 1.32
N ILE A 15 3.70 4.39 2.22
CA ILE A 15 2.25 4.51 2.27
C ILE A 15 1.80 5.94 1.96
N GLN A 16 2.29 6.89 2.75
CA GLN A 16 1.95 8.29 2.55
C GLN A 16 1.79 8.62 1.07
N GLU A 17 2.90 8.62 0.34
CA GLU A 17 2.86 8.91 -1.09
C GLU A 17 2.00 7.90 -1.83
N PHE A 18 2.13 6.64 -1.47
CA PHE A 18 1.37 5.56 -2.10
C PHE A 18 -0.13 5.87 -2.04
N LEU A 19 -0.54 6.60 -1.02
CA LEU A 19 -1.94 6.96 -0.84
C LEU A 19 -2.29 8.22 -1.62
N GLU A 20 -1.35 9.16 -1.65
CA GLU A 20 -1.55 10.42 -2.36
C GLU A 20 -2.02 10.16 -3.80
N ARG A 21 -1.54 9.06 -4.38
CA ARG A 21 -1.91 8.70 -5.74
C ARG A 21 -3.38 8.30 -5.83
N ILE A 22 -3.84 7.57 -4.82
CA ILE A 22 -5.22 7.12 -4.78
C ILE A 22 -6.10 8.09 -3.98
N HIS A 23 -5.52 9.22 -3.59
CA HIS A 23 -6.24 10.23 -2.82
C HIS A 23 -6.83 9.62 -1.56
N LEU A 24 -6.10 8.67 -0.97
CA LEU A 24 -6.56 8.00 0.25
C LEU A 24 -5.63 8.32 1.42
N GLN A 25 -4.82 9.36 1.26
CA GLN A 25 -3.88 9.76 2.30
C GLN A 25 -4.62 10.07 3.61
N GLU A 26 -5.94 10.19 3.51
CA GLU A 26 -6.76 10.49 4.69
C GLU A 26 -6.74 9.33 5.68
N TYR A 27 -6.20 8.20 5.24
CA TYR A 27 -6.12 7.01 6.08
C TYR A 27 -4.68 6.75 6.53
N THR A 28 -3.77 7.61 6.10
CA THR A 28 -2.36 7.47 6.44
C THR A 28 -2.18 7.17 7.93
N SER A 29 -2.41 8.18 8.77
CA SER A 29 -2.27 8.02 10.21
C SER A 29 -2.83 6.68 10.66
N THR A 30 -4.04 6.37 10.22
CA THR A 30 -4.69 5.11 10.58
C THR A 30 -3.82 3.92 10.20
N LEU A 31 -3.17 4.01 9.05
CA LEU A 31 -2.30 2.94 8.58
C LEU A 31 -0.99 2.90 9.36
N LEU A 32 -0.37 4.07 9.51
CA LEU A 32 0.89 4.18 10.24
C LEU A 32 0.71 3.78 11.70
N LEU A 33 -0.15 4.50 12.40
CA LEU A 33 -0.42 4.21 13.81
C LEU A 33 -0.62 2.71 14.04
N ASN A 34 -1.26 2.06 13.08
CA ASN A 34 -1.52 0.63 13.16
C ASN A 34 -0.23 -0.16 12.98
N GLY A 35 0.62 0.30 12.08
CA GLY A 35 1.88 -0.38 11.82
C GLY A 35 2.33 -0.22 10.37
N TYR A 36 1.36 -0.14 9.47
CA TYR A 36 1.67 0.00 8.04
C TYR A 36 2.46 1.28 7.78
N GLU A 37 3.78 1.13 7.68
CA GLU A 37 4.65 2.28 7.43
C GLU A 37 4.99 2.39 5.95
N THR A 38 5.32 1.26 5.33
CA THR A 38 5.66 1.23 3.91
C THR A 38 4.95 0.09 3.20
N LEU A 39 4.99 0.11 1.86
CA LEU A 39 4.34 -0.91 1.07
C LEU A 39 4.68 -2.31 1.59
N ASP A 40 5.90 -2.47 2.06
CA ASP A 40 6.35 -3.75 2.60
C ASP A 40 5.31 -4.35 3.54
N ASP A 41 4.61 -3.46 4.26
CA ASP A 41 3.58 -3.90 5.19
C ASP A 41 2.24 -4.13 4.48
N LEU A 42 1.97 -3.29 3.49
CA LEU A 42 0.73 -3.39 2.72
C LEU A 42 0.65 -4.74 2.00
N LYS A 43 1.80 -5.24 1.57
CA LYS A 43 1.85 -6.53 0.88
C LYS A 43 1.21 -7.63 1.70
N ASP A 44 0.99 -7.34 2.98
CA ASP A 44 0.38 -8.31 3.89
C ASP A 44 -0.97 -7.82 4.38
N ILE A 45 -1.61 -6.96 3.59
CA ILE A 45 -2.91 -6.41 3.95
C ILE A 45 -4.02 -7.08 3.15
N LYS A 46 -5.18 -7.26 3.80
CA LYS A 46 -6.32 -7.90 3.16
C LYS A 46 -7.56 -7.02 3.30
N GLU A 47 -8.52 -7.22 2.39
CA GLU A 47 -9.75 -6.44 2.41
C GLU A 47 -10.26 -6.26 3.84
N SER A 48 -10.15 -7.32 4.64
CA SER A 48 -10.59 -7.28 6.03
C SER A 48 -9.82 -6.21 6.81
N HIS A 49 -8.49 -6.28 6.74
CA HIS A 49 -7.64 -5.32 7.44
C HIS A 49 -8.19 -3.90 7.31
N LEU A 50 -8.39 -3.46 6.06
CA LEU A 50 -8.92 -2.13 5.79
C LEU A 50 -10.15 -1.84 6.66
N ILE A 51 -11.08 -2.78 6.66
CA ILE A 51 -12.31 -2.63 7.44
C ILE A 51 -12.00 -2.29 8.90
N GLU A 52 -11.14 -3.10 9.51
CA GLU A 52 -10.76 -2.88 10.91
C GLU A 52 -10.04 -1.54 11.06
N LEU A 53 -9.51 -1.03 9.97
CA LEU A 53 -8.80 0.25 9.98
C LEU A 53 -9.76 1.41 9.74
N ASN A 54 -11.04 1.19 10.05
CA ASN A 54 -12.05 2.22 9.86
C ASN A 54 -12.28 2.50 8.38
N ILE A 55 -11.99 1.51 7.54
CA ILE A 55 -12.18 1.64 6.10
C ILE A 55 -13.38 0.85 5.63
N ALA A 56 -14.35 0.66 6.51
CA ALA A 56 -15.56 -0.08 6.18
C ALA A 56 -16.05 0.28 4.78
N ASP A 57 -15.68 1.45 4.31
CA ASP A 57 -16.08 1.90 2.98
C ASP A 57 -15.30 1.17 1.90
N PRO A 58 -16.02 0.67 0.89
CA PRO A 58 -15.42 -0.07 -0.22
C PRO A 58 -14.61 0.83 -1.14
N GLU A 59 -15.09 2.06 -1.34
CA GLU A 59 -14.39 3.03 -2.19
C GLU A 59 -12.90 3.09 -1.84
N ASP A 60 -12.61 3.11 -0.55
CA ASP A 60 -11.23 3.17 -0.09
C ASP A 60 -10.56 1.81 -0.18
N ARG A 61 -11.25 0.78 0.32
CA ARG A 61 -10.71 -0.57 0.30
C ARG A 61 -10.32 -0.98 -1.13
N ALA A 62 -11.31 -1.08 -2.01
CA ALA A 62 -11.07 -1.45 -3.39
C ALA A 62 -9.85 -0.72 -3.94
N ARG A 63 -9.90 0.60 -3.92
CA ARG A 63 -8.80 1.42 -4.43
C ARG A 63 -7.48 1.01 -3.77
N LEU A 64 -7.48 0.94 -2.45
CA LEU A 64 -6.29 0.57 -1.69
C LEU A 64 -5.74 -0.78 -2.16
N LEU A 65 -6.65 -1.67 -2.53
CA LEU A 65 -6.26 -3.00 -3.00
C LEU A 65 -5.71 -2.93 -4.42
N SER A 66 -6.48 -2.34 -5.33
CA SER A 66 -6.05 -2.21 -6.72
C SER A 66 -4.75 -1.43 -6.82
N ALA A 67 -4.43 -0.70 -5.76
CA ALA A 67 -3.20 0.10 -5.74
C ALA A 67 -2.01 -0.76 -5.33
N ALA A 68 -2.10 -1.37 -4.16
CA ALA A 68 -1.02 -2.22 -3.65
C ALA A 68 -0.74 -3.39 -4.60
N GLU A 69 -1.79 -3.88 -5.25
CA GLU A 69 -1.67 -4.99 -6.19
C GLU A 69 -0.82 -4.59 -7.40
N SER A 70 -1.15 -3.45 -7.98
CA SER A 70 -0.43 -2.95 -9.16
C SER A 70 1.06 -2.82 -8.85
N LEU A 71 1.36 -2.28 -7.68
CA LEU A 71 2.75 -2.07 -7.26
C LEU A 71 3.44 -3.41 -7.01
N LEU A 72 2.94 -4.16 -6.02
CA LEU A 72 3.51 -5.46 -5.68
C LEU A 72 3.18 -6.49 -6.76
N SER A 73 1.91 -6.82 -6.90
CA SER A 73 1.47 -7.80 -7.89
C SER A 73 1.23 -7.13 -9.24
N GLY A 74 2.31 -6.71 -9.89
CA GLY A 74 2.21 -6.06 -11.18
C GLY A 74 3.54 -5.99 -11.90
N PRO A 75 3.63 -5.07 -12.88
CA PRO A 75 4.85 -4.89 -13.67
C PRO A 75 5.98 -4.28 -12.85
N SER A 76 7.12 -4.96 -12.83
CA SER A 76 8.28 -4.50 -12.08
C SER A 76 8.88 -3.25 -12.72
N SER A 77 9.01 -3.28 -14.05
CA SER A 77 9.56 -2.15 -14.79
C SER A 77 9.06 -0.83 -14.21
N GLY A 78 7.75 -0.62 -14.27
CA GLY A 78 7.17 0.60 -13.75
C GLY A 78 5.96 0.34 -12.88
N GLY A 1 25.08 -15.60 -4.50
CA GLY A 1 26.00 -15.81 -3.39
C GLY A 1 25.98 -14.70 -2.38
N SER A 2 26.24 -13.47 -2.85
CA SER A 2 26.26 -12.31 -1.98
C SER A 2 27.18 -12.53 -0.78
N SER A 3 28.34 -13.12 -1.04
CA SER A 3 29.32 -13.40 0.00
C SER A 3 30.07 -12.13 0.40
N GLY A 4 29.45 -11.34 1.27
CA GLY A 4 30.07 -10.10 1.72
C GLY A 4 29.05 -9.00 1.95
N SER A 5 28.78 -8.23 0.90
CA SER A 5 27.82 -7.13 0.99
C SER A 5 26.66 -7.33 0.03
N SER A 6 25.57 -6.62 0.26
CA SER A 6 24.39 -6.72 -0.59
C SER A 6 23.77 -5.34 -0.83
N GLY A 7 22.77 -5.30 -1.70
CA GLY A 7 22.12 -4.04 -2.02
C GLY A 7 21.69 -3.96 -3.47
N ARG A 8 21.97 -2.81 -4.10
CA ARG A 8 21.62 -2.60 -5.50
C ARG A 8 20.29 -3.29 -5.84
N ARG A 9 19.25 -2.96 -5.07
CA ARG A 9 17.94 -3.55 -5.28
C ARG A 9 16.95 -2.50 -5.77
N GLU A 10 15.71 -2.92 -6.00
CA GLU A 10 14.66 -2.01 -6.47
C GLU A 10 14.26 -1.02 -5.37
N ASN A 11 13.79 0.14 -5.78
CA ASN A 11 13.38 1.17 -4.84
C ASN A 11 12.17 0.70 -4.03
N HIS A 12 11.70 1.56 -3.11
CA HIS A 12 10.56 1.23 -2.27
C HIS A 12 9.60 2.42 -2.20
N GLN A 13 8.31 2.11 -2.09
CA GLN A 13 7.28 3.15 -2.01
C GLN A 13 6.71 3.24 -0.59
N THR A 14 6.44 4.46 -0.15
CA THR A 14 5.90 4.68 1.18
C THR A 14 4.40 4.91 1.13
N ILE A 15 3.70 4.48 2.17
CA ILE A 15 2.25 4.63 2.25
C ILE A 15 1.84 6.08 2.02
N GLN A 16 2.55 7.00 2.66
CA GLN A 16 2.26 8.42 2.52
C GLN A 16 2.00 8.78 1.07
N GLU A 17 3.04 8.72 0.24
CA GLU A 17 2.92 9.04 -1.17
C GLU A 17 2.03 8.03 -1.89
N PHE A 18 2.17 6.77 -1.52
CA PHE A 18 1.38 5.70 -2.13
C PHE A 18 -0.11 6.00 -2.02
N LEU A 19 -0.48 6.78 -1.02
CA LEU A 19 -1.88 7.15 -0.80
C LEU A 19 -2.22 8.44 -1.54
N GLU A 20 -1.30 9.40 -1.51
CA GLU A 20 -1.50 10.68 -2.18
C GLU A 20 -1.93 10.47 -3.63
N ARG A 21 -1.59 9.31 -4.17
CA ARG A 21 -1.93 8.99 -5.56
C ARG A 21 -3.38 8.55 -5.67
N ILE A 22 -3.85 7.80 -4.67
CA ILE A 22 -5.22 7.31 -4.67
C ILE A 22 -6.12 8.24 -3.87
N HIS A 23 -5.59 9.40 -3.48
CA HIS A 23 -6.35 10.38 -2.71
C HIS A 23 -6.91 9.75 -1.44
N LEU A 24 -6.16 8.80 -0.87
CA LEU A 24 -6.59 8.13 0.35
C LEU A 24 -5.63 8.42 1.50
N GLN A 25 -4.94 9.56 1.41
CA GLN A 25 -3.99 9.95 2.45
C GLN A 25 -4.70 10.26 3.75
N GLU A 26 -6.03 10.29 3.70
CA GLU A 26 -6.83 10.59 4.88
C GLU A 26 -6.81 9.42 5.86
N TYR A 27 -6.30 8.28 5.40
CA TYR A 27 -6.22 7.08 6.24
C TYR A 27 -4.77 6.82 6.67
N THR A 28 -3.85 7.58 6.09
CA THR A 28 -2.43 7.43 6.41
C THR A 28 -2.23 7.13 7.90
N SER A 29 -2.45 8.15 8.73
CA SER A 29 -2.30 8.00 10.17
C SER A 29 -2.82 6.65 10.64
N THR A 30 -4.04 6.31 10.23
CA THR A 30 -4.66 5.05 10.61
C THR A 30 -3.78 3.87 10.22
N LEU A 31 -3.10 3.99 9.08
CA LEU A 31 -2.22 2.92 8.59
C LEU A 31 -0.90 2.94 9.34
N LEU A 32 -0.26 4.11 9.38
CA LEU A 32 1.02 4.26 10.07
C LEU A 32 0.91 3.84 11.54
N LEU A 33 0.01 4.50 12.25
CA LEU A 33 -0.20 4.21 13.67
C LEU A 33 -0.36 2.71 13.89
N ASN A 34 -1.10 2.05 13.00
CA ASN A 34 -1.32 0.61 13.11
C ASN A 34 -0.03 -0.16 12.82
N GLY A 35 0.84 0.44 12.01
CA GLY A 35 2.10 -0.21 11.67
C GLY A 35 2.46 -0.04 10.21
N TYR A 36 1.47 -0.11 9.34
CA TYR A 36 1.69 0.03 7.91
C TYR A 36 2.35 1.37 7.58
N GLU A 37 3.66 1.34 7.37
CA GLU A 37 4.41 2.54 7.06
C GLU A 37 4.90 2.51 5.61
N THR A 38 5.19 1.32 5.11
CA THR A 38 5.66 1.16 3.74
C THR A 38 4.90 0.06 3.01
N LEU A 39 4.88 0.13 1.70
CA LEU A 39 4.19 -0.86 0.88
C LEU A 39 4.45 -2.27 1.40
N ASP A 40 5.72 -2.57 1.67
CA ASP A 40 6.10 -3.88 2.18
C ASP A 40 5.07 -4.40 3.19
N ASP A 41 4.56 -3.49 4.02
CA ASP A 41 3.58 -3.86 5.03
C ASP A 41 2.21 -4.09 4.39
N LEU A 42 1.91 -3.32 3.35
CA LEU A 42 0.63 -3.45 2.66
C LEU A 42 0.51 -4.80 1.97
N LYS A 43 1.65 -5.43 1.72
CA LYS A 43 1.68 -6.74 1.07
C LYS A 43 1.07 -7.81 1.97
N ASP A 44 0.85 -7.46 3.23
CA ASP A 44 0.27 -8.38 4.19
C ASP A 44 -1.14 -7.96 4.58
N ILE A 45 -1.57 -6.83 4.03
CA ILE A 45 -2.90 -6.30 4.32
C ILE A 45 -3.95 -6.93 3.41
N LYS A 46 -5.16 -7.08 3.93
CA LYS A 46 -6.26 -7.67 3.15
C LYS A 46 -7.51 -6.80 3.25
N GLU A 47 -8.52 -7.14 2.47
CA GLU A 47 -9.78 -6.40 2.47
C GLU A 47 -10.30 -6.22 3.89
N SER A 48 -10.37 -7.33 4.63
CA SER A 48 -10.85 -7.30 6.01
C SER A 48 -10.06 -6.30 6.84
N HIS A 49 -8.74 -6.37 6.76
CA HIS A 49 -7.88 -5.47 7.51
C HIS A 49 -8.37 -4.03 7.39
N LEU A 50 -8.50 -3.55 6.16
CA LEU A 50 -8.96 -2.19 5.91
C LEU A 50 -10.24 -1.90 6.68
N ILE A 51 -11.23 -2.78 6.54
CA ILE A 51 -12.50 -2.61 7.23
C ILE A 51 -12.29 -2.30 8.71
N GLU A 52 -11.45 -3.10 9.37
CA GLU A 52 -11.17 -2.90 10.78
C GLU A 52 -10.42 -1.59 11.01
N LEU A 53 -9.78 -1.09 9.96
CA LEU A 53 -9.02 0.15 10.03
C LEU A 53 -9.92 1.36 9.77
N ASN A 54 -11.22 1.17 9.96
CA ASN A 54 -12.18 2.24 9.73
C ASN A 54 -12.39 2.49 8.24
N ILE A 55 -12.18 1.44 7.43
CA ILE A 55 -12.34 1.55 5.99
C ILE A 55 -13.52 0.70 5.51
N ALA A 56 -14.51 0.54 6.38
CA ALA A 56 -15.70 -0.25 6.04
C ALA A 56 -16.17 0.06 4.62
N ASP A 57 -15.81 1.24 4.12
CA ASP A 57 -16.20 1.65 2.78
C ASP A 57 -15.37 0.91 1.72
N PRO A 58 -16.05 0.36 0.72
CA PRO A 58 -15.41 -0.36 -0.38
C PRO A 58 -14.60 0.55 -1.30
N GLU A 59 -15.08 1.77 -1.48
CA GLU A 59 -14.41 2.75 -2.33
C GLU A 59 -12.95 2.89 -1.93
N ASP A 60 -12.70 3.03 -0.63
CA ASP A 60 -11.34 3.17 -0.12
C ASP A 60 -10.60 1.83 -0.16
N ARG A 61 -11.25 0.80 0.36
CA ARG A 61 -10.66 -0.53 0.39
C ARG A 61 -10.16 -0.95 -1.00
N ALA A 62 -11.09 -1.00 -1.95
CA ALA A 62 -10.76 -1.37 -3.32
C ALA A 62 -9.59 -0.55 -3.85
N ARG A 63 -9.73 0.77 -3.78
CA ARG A 63 -8.69 1.67 -4.25
C ARG A 63 -7.36 1.38 -3.56
N LEU A 64 -7.44 0.84 -2.35
CA LEU A 64 -6.25 0.51 -1.57
C LEU A 64 -5.68 -0.85 -1.99
N LEU A 65 -6.57 -1.76 -2.34
CA LEU A 65 -6.16 -3.11 -2.76
C LEU A 65 -5.64 -3.09 -4.19
N SER A 66 -6.44 -2.59 -5.12
CA SER A 66 -6.06 -2.52 -6.52
C SER A 66 -4.82 -1.67 -6.69
N ALA A 67 -4.51 -0.86 -5.68
CA ALA A 67 -3.35 0.02 -5.73
C ALA A 67 -2.09 -0.73 -5.27
N ALA A 68 -2.16 -1.33 -4.09
CA ALA A 68 -1.03 -2.07 -3.54
C ALA A 68 -0.68 -3.26 -4.42
N GLU A 69 -1.70 -3.84 -5.05
CA GLU A 69 -1.49 -5.00 -5.92
C GLU A 69 -0.68 -4.62 -7.15
N SER A 70 -1.08 -3.54 -7.80
CA SER A 70 -0.39 -3.06 -9.00
C SER A 70 1.10 -2.83 -8.71
N LEU A 71 1.39 -2.28 -7.54
CA LEU A 71 2.76 -2.01 -7.14
C LEU A 71 3.51 -3.30 -6.83
N LEU A 72 3.13 -3.94 -5.72
CA LEU A 72 3.76 -5.19 -5.31
C LEU A 72 3.84 -6.17 -6.47
N SER A 73 2.82 -6.16 -7.32
CA SER A 73 2.78 -7.05 -8.47
C SER A 73 3.38 -6.38 -9.70
N GLY A 74 4.64 -5.99 -9.59
CA GLY A 74 5.31 -5.34 -10.70
C GLY A 74 5.00 -3.86 -10.79
N PRO A 75 5.76 -3.04 -10.04
CA PRO A 75 5.57 -1.59 -10.01
C PRO A 75 6.00 -0.93 -11.31
N SER A 76 5.01 -0.55 -12.12
CA SER A 76 5.27 0.09 -13.40
C SER A 76 4.87 1.56 -13.37
N SER A 77 5.79 2.43 -13.76
CA SER A 77 5.55 3.86 -13.77
C SER A 77 4.87 4.31 -12.48
N GLY A 78 5.38 3.82 -11.35
CA GLY A 78 4.82 4.17 -10.07
C GLY A 78 5.79 4.96 -9.20
N GLY A 1 26.11 9.54 -18.97
CA GLY A 1 27.49 9.87 -18.63
C GLY A 1 27.64 10.30 -17.19
N SER A 2 26.92 11.35 -16.80
CA SER A 2 27.00 11.85 -15.42
C SER A 2 27.04 10.70 -14.43
N SER A 3 25.98 9.89 -14.42
CA SER A 3 25.90 8.76 -13.50
C SER A 3 26.34 7.47 -14.19
N GLY A 4 26.43 6.39 -13.42
CA GLY A 4 26.84 5.12 -13.97
C GLY A 4 26.98 4.05 -12.90
N SER A 5 26.05 4.01 -11.97
CA SER A 5 26.08 3.03 -10.89
C SER A 5 25.33 1.76 -11.27
N SER A 6 25.96 0.61 -11.05
CA SER A 6 25.36 -0.68 -11.38
C SER A 6 24.68 -1.29 -10.16
N GLY A 7 23.98 -0.45 -9.39
CA GLY A 7 23.29 -0.93 -8.21
C GLY A 7 21.94 -1.51 -8.53
N ARG A 8 21.88 -2.84 -8.69
CA ARG A 8 20.64 -3.52 -8.99
C ARG A 8 19.82 -3.77 -7.72
N ARG A 9 19.06 -2.77 -7.31
CA ARG A 9 18.24 -2.88 -6.10
C ARG A 9 16.76 -2.73 -6.44
N GLU A 10 15.92 -2.76 -5.41
CA GLU A 10 14.47 -2.64 -5.60
C GLU A 10 13.93 -1.46 -4.80
N ASN A 11 13.54 -0.41 -5.52
CA ASN A 11 12.99 0.78 -4.87
C ASN A 11 11.75 0.44 -4.04
N HIS A 12 11.47 1.27 -3.04
CA HIS A 12 10.32 1.05 -2.17
C HIS A 12 9.40 2.27 -2.18
N GLN A 13 8.09 2.02 -2.07
CA GLN A 13 7.11 3.10 -2.07
C GLN A 13 6.54 3.31 -0.67
N THR A 14 6.37 4.56 -0.29
CA THR A 14 5.83 4.91 1.02
C THR A 14 4.31 5.03 0.98
N ILE A 15 3.66 4.64 2.08
CA ILE A 15 2.21 4.72 2.17
C ILE A 15 1.71 6.13 1.91
N GLN A 16 2.28 7.09 2.63
CA GLN A 16 1.89 8.49 2.49
C GLN A 16 1.69 8.84 1.01
N GLU A 17 2.76 8.78 0.23
CA GLU A 17 2.71 9.10 -1.18
C GLU A 17 1.83 8.08 -1.93
N PHE A 18 1.99 6.81 -1.60
CA PHE A 18 1.22 5.75 -2.24
C PHE A 18 -0.27 6.05 -2.19
N LEU A 19 -0.71 6.66 -1.09
CA LEU A 19 -2.10 7.01 -0.91
C LEU A 19 -2.45 8.28 -1.68
N GLU A 20 -1.50 9.22 -1.72
CA GLU A 20 -1.70 10.47 -2.43
C GLU A 20 -2.24 10.24 -3.83
N ARG A 21 -1.79 9.16 -4.46
CA ARG A 21 -2.22 8.83 -5.81
C ARG A 21 -3.71 8.52 -5.83
N ILE A 22 -4.16 7.69 -4.90
CA ILE A 22 -5.57 7.32 -4.83
C ILE A 22 -6.33 8.26 -3.90
N HIS A 23 -5.64 9.26 -3.37
CA HIS A 23 -6.25 10.24 -2.48
C HIS A 23 -6.74 9.56 -1.21
N LEU A 24 -5.97 8.59 -0.71
CA LEU A 24 -6.33 7.87 0.50
C LEU A 24 -5.43 8.28 1.67
N GLN A 25 -4.65 9.33 1.46
CA GLN A 25 -3.74 9.83 2.49
C GLN A 25 -4.49 10.11 3.79
N GLU A 26 -5.81 10.24 3.68
CA GLU A 26 -6.64 10.50 4.85
C GLU A 26 -6.62 9.32 5.82
N TYR A 27 -6.04 8.22 5.38
CA TYR A 27 -5.95 7.01 6.20
C TYR A 27 -4.51 6.76 6.65
N THR A 28 -3.60 7.62 6.20
CA THR A 28 -2.19 7.49 6.56
C THR A 28 -2.02 7.14 8.03
N SER A 29 -2.25 8.11 8.90
CA SER A 29 -2.12 7.90 10.34
C SER A 29 -2.70 6.56 10.74
N THR A 30 -3.92 6.28 10.29
CA THR A 30 -4.60 5.03 10.61
C THR A 30 -3.74 3.83 10.22
N LEU A 31 -3.03 3.95 9.11
CA LEU A 31 -2.16 2.88 8.63
C LEU A 31 -0.85 2.85 9.42
N LEU A 32 -0.21 4.00 9.55
CA LEU A 32 1.04 4.10 10.28
C LEU A 32 0.88 3.63 11.72
N LEU A 33 -0.02 4.29 12.44
CA LEU A 33 -0.27 3.94 13.84
C LEU A 33 -0.45 2.44 14.00
N ASN A 34 -1.10 1.81 13.02
CA ASN A 34 -1.33 0.38 13.06
C ASN A 34 -0.04 -0.39 12.82
N GLY A 35 0.86 0.20 12.05
CA GLY A 35 2.14 -0.43 11.75
C GLY A 35 2.55 -0.29 10.30
N TYR A 36 1.55 -0.17 9.43
CA TYR A 36 1.81 -0.02 7.99
C TYR A 36 2.58 1.27 7.72
N GLU A 37 3.91 1.15 7.63
CA GLU A 37 4.76 2.31 7.37
C GLU A 37 5.11 2.39 5.89
N THR A 38 5.37 1.23 5.28
CA THR A 38 5.72 1.18 3.87
C THR A 38 4.95 0.08 3.15
N LEU A 39 4.93 0.13 1.81
CA LEU A 39 4.23 -0.86 1.02
C LEU A 39 4.56 -2.28 1.50
N ASP A 40 5.83 -2.53 1.76
CA ASP A 40 6.27 -3.83 2.22
C ASP A 40 5.28 -4.41 3.22
N ASP A 41 4.66 -3.54 4.01
CA ASP A 41 3.70 -3.97 5.02
C ASP A 41 2.32 -4.18 4.39
N LEU A 42 1.95 -3.30 3.46
CA LEU A 42 0.66 -3.39 2.78
C LEU A 42 0.54 -4.70 2.01
N LYS A 43 1.69 -5.31 1.71
CA LYS A 43 1.71 -6.57 0.98
C LYS A 43 0.98 -7.66 1.75
N ASP A 44 0.63 -7.37 3.00
CA ASP A 44 -0.09 -8.32 3.85
C ASP A 44 -1.52 -7.85 4.11
N ILE A 45 -1.76 -6.57 3.89
CA ILE A 45 -3.09 -6.01 4.10
C ILE A 45 -4.11 -6.63 3.16
N LYS A 46 -5.30 -6.90 3.68
CA LYS A 46 -6.37 -7.49 2.88
C LYS A 46 -7.65 -6.68 3.01
N GLU A 47 -8.69 -7.11 2.29
CA GLU A 47 -9.97 -6.42 2.32
C GLU A 47 -10.44 -6.20 3.76
N SER A 48 -10.35 -7.26 4.57
CA SER A 48 -10.78 -7.18 5.96
C SER A 48 -9.98 -6.12 6.71
N HIS A 49 -8.65 -6.25 6.67
CA HIS A 49 -7.77 -5.30 7.35
C HIS A 49 -8.28 -3.87 7.17
N LEU A 50 -8.44 -3.45 5.92
CA LEU A 50 -8.91 -2.11 5.62
C LEU A 50 -10.16 -1.77 6.44
N ILE A 51 -11.12 -2.68 6.44
CA ILE A 51 -12.35 -2.48 7.20
C ILE A 51 -12.06 -2.13 8.65
N GLU A 52 -11.21 -2.94 9.29
CA GLU A 52 -10.85 -2.71 10.68
C GLU A 52 -10.05 -1.42 10.83
N LEU A 53 -9.46 -0.96 9.74
CA LEU A 53 -8.67 0.27 9.75
C LEU A 53 -9.55 1.49 9.50
N ASN A 54 -10.85 1.33 9.74
CA ASN A 54 -11.80 2.43 9.55
C ASN A 54 -12.08 2.64 8.06
N ILE A 55 -11.91 1.57 7.28
CA ILE A 55 -12.14 1.65 5.84
C ILE A 55 -13.35 0.80 5.43
N ALA A 56 -14.31 0.67 6.34
CA ALA A 56 -15.51 -0.10 6.09
C ALA A 56 -16.05 0.18 4.69
N ASP A 57 -15.69 1.33 4.13
CA ASP A 57 -16.14 1.72 2.80
C ASP A 57 -15.36 0.97 1.73
N PRO A 58 -16.08 0.43 0.74
CA PRO A 58 -15.48 -0.33 -0.36
C PRO A 58 -14.69 0.58 -1.30
N GLU A 59 -15.15 1.82 -1.46
CA GLU A 59 -14.49 2.78 -2.33
C GLU A 59 -13.00 2.89 -1.99
N ASP A 60 -12.70 3.07 -0.71
CA ASP A 60 -11.33 3.20 -0.26
C ASP A 60 -10.62 1.86 -0.30
N ARG A 61 -11.26 0.83 0.26
CA ARG A 61 -10.69 -0.51 0.30
C ARG A 61 -10.18 -0.91 -1.09
N ALA A 62 -11.10 -0.92 -2.06
CA ALA A 62 -10.74 -1.30 -3.42
C ALA A 62 -9.55 -0.47 -3.93
N ARG A 63 -9.69 0.85 -3.86
CA ARG A 63 -8.63 1.73 -4.31
C ARG A 63 -7.30 1.39 -3.64
N LEU A 64 -7.36 1.04 -2.36
CA LEU A 64 -6.16 0.69 -1.60
C LEU A 64 -5.57 -0.63 -2.10
N LEU A 65 -6.40 -1.68 -2.08
CA LEU A 65 -5.96 -3.00 -2.54
C LEU A 65 -5.51 -2.95 -3.99
N SER A 66 -6.45 -2.74 -4.89
CA SER A 66 -6.15 -2.67 -6.33
C SER A 66 -4.84 -1.93 -6.56
N ALA A 67 -4.64 -0.83 -5.85
CA ALA A 67 -3.43 -0.03 -6.00
C ALA A 67 -2.22 -0.79 -5.46
N ALA A 68 -2.35 -1.33 -4.26
CA ALA A 68 -1.26 -2.08 -3.63
C ALA A 68 -0.84 -3.27 -4.50
N GLU A 69 -1.82 -4.08 -4.89
CA GLU A 69 -1.55 -5.24 -5.72
C GLU A 69 -0.74 -4.86 -6.96
N SER A 70 -1.01 -3.67 -7.48
CA SER A 70 -0.31 -3.18 -8.66
C SER A 70 1.16 -2.90 -8.35
N LEU A 71 1.41 -2.19 -7.26
CA LEU A 71 2.77 -1.86 -6.85
C LEU A 71 3.57 -3.12 -6.54
N LEU A 72 3.01 -3.99 -5.70
CA LEU A 72 3.66 -5.23 -5.33
C LEU A 72 3.47 -6.29 -6.41
N SER A 73 4.41 -7.25 -6.46
CA SER A 73 4.35 -8.31 -7.45
C SER A 73 3.83 -9.60 -6.82
N GLY A 74 2.72 -9.50 -6.09
CA GLY A 74 2.14 -10.66 -5.45
C GLY A 74 0.93 -11.18 -6.19
N PRO A 75 0.74 -12.52 -6.17
CA PRO A 75 -0.40 -13.16 -6.84
C PRO A 75 -1.73 -12.87 -6.15
N SER A 76 -2.79 -12.79 -6.94
CA SER A 76 -4.12 -12.51 -6.40
C SER A 76 -5.02 -13.72 -6.55
N SER A 77 -4.45 -14.91 -6.39
CA SER A 77 -5.21 -16.14 -6.50
C SER A 77 -5.97 -16.44 -5.21
N GLY A 78 -7.13 -17.06 -5.35
CA GLY A 78 -7.94 -17.38 -4.20
C GLY A 78 -9.36 -17.77 -4.56
N GLY A 1 17.69 -17.55 -23.60
CA GLY A 1 18.64 -16.93 -22.69
C GLY A 1 18.36 -15.45 -22.48
N SER A 2 17.28 -15.15 -21.78
CA SER A 2 16.90 -13.76 -21.52
C SER A 2 17.27 -13.36 -20.09
N SER A 3 17.88 -12.20 -19.95
CA SER A 3 18.28 -11.70 -18.64
C SER A 3 17.94 -10.22 -18.49
N GLY A 4 17.48 -9.84 -17.31
CA GLY A 4 17.12 -8.45 -17.06
C GLY A 4 18.24 -7.68 -16.38
N SER A 5 18.94 -6.86 -17.15
CA SER A 5 20.05 -6.07 -16.62
C SER A 5 19.93 -4.62 -17.06
N SER A 6 19.25 -3.82 -16.25
CA SER A 6 19.06 -2.40 -16.56
C SER A 6 19.58 -1.53 -15.43
N GLY A 7 19.88 -0.27 -15.75
CA GLY A 7 20.38 0.65 -14.75
C GLY A 7 19.27 1.26 -13.91
N ARG A 8 18.87 0.56 -12.86
CA ARG A 8 17.81 1.03 -11.98
C ARG A 8 18.06 0.58 -10.55
N ARG A 9 17.90 1.52 -9.61
CA ARG A 9 18.11 1.22 -8.19
C ARG A 9 16.81 0.77 -7.54
N GLU A 10 16.86 -0.35 -6.83
CA GLU A 10 15.68 -0.88 -6.15
C GLU A 10 15.21 0.07 -5.06
N ASN A 11 14.17 0.83 -5.37
CA ASN A 11 13.61 1.79 -4.41
C ASN A 11 12.39 1.21 -3.70
N HIS A 12 11.80 2.00 -2.82
CA HIS A 12 10.62 1.55 -2.07
C HIS A 12 9.57 2.66 -2.03
N GLN A 13 8.29 2.26 -2.02
CA GLN A 13 7.19 3.21 -1.97
C GLN A 13 6.70 3.41 -0.54
N THR A 14 6.33 4.64 -0.21
CA THR A 14 5.85 4.96 1.13
C THR A 14 4.34 5.18 1.13
N ILE A 15 3.65 4.46 2.00
CA ILE A 15 2.19 4.58 2.10
C ILE A 15 1.73 6.01 1.84
N GLN A 16 2.21 6.94 2.65
CA GLN A 16 1.85 8.34 2.50
C GLN A 16 1.66 8.71 1.03
N GLU A 17 2.73 8.59 0.26
CA GLU A 17 2.68 8.91 -1.16
C GLU A 17 1.80 7.92 -1.91
N PHE A 18 1.99 6.63 -1.63
CA PHE A 18 1.20 5.59 -2.27
C PHE A 18 -0.29 5.89 -2.18
N LEU A 19 -0.67 6.66 -1.18
CA LEU A 19 -2.06 7.03 -0.98
C LEU A 19 -2.41 8.31 -1.75
N GLU A 20 -1.51 9.28 -1.70
CA GLU A 20 -1.71 10.54 -2.39
C GLU A 20 -2.16 10.31 -3.83
N ARG A 21 -1.64 9.26 -4.45
CA ARG A 21 -1.98 8.93 -5.83
C ARG A 21 -3.44 8.50 -5.93
N ILE A 22 -3.87 7.65 -5.00
CA ILE A 22 -5.25 7.17 -4.99
C ILE A 22 -6.14 8.07 -4.15
N HIS A 23 -5.55 9.11 -3.57
CA HIS A 23 -6.29 10.05 -2.75
C HIS A 23 -6.83 9.37 -1.49
N LEU A 24 -5.97 8.60 -0.82
CA LEU A 24 -6.35 7.89 0.38
C LEU A 24 -5.48 8.32 1.57
N GLN A 25 -4.73 9.40 1.38
CA GLN A 25 -3.85 9.91 2.43
C GLN A 25 -4.64 10.18 3.71
N GLU A 26 -5.96 10.19 3.60
CA GLU A 26 -6.82 10.44 4.75
C GLU A 26 -6.78 9.27 5.73
N TYR A 27 -6.16 8.17 5.31
CA TYR A 27 -6.05 6.98 6.14
C TYR A 27 -4.60 6.78 6.61
N THR A 28 -3.69 7.56 6.05
CA THR A 28 -2.28 7.47 6.41
C THR A 28 -2.11 7.15 7.90
N SER A 29 -2.40 8.15 8.73
CA SER A 29 -2.27 7.98 10.17
C SER A 29 -2.82 6.63 10.62
N THR A 30 -4.04 6.33 10.19
CA THR A 30 -4.68 5.07 10.54
C THR A 30 -3.79 3.88 10.18
N LEU A 31 -3.12 3.98 9.04
CA LEU A 31 -2.24 2.91 8.58
C LEU A 31 -0.94 2.90 9.38
N LEU A 32 -0.25 4.04 9.42
CA LEU A 32 0.99 4.15 10.15
C LEU A 32 0.82 3.74 11.61
N LEU A 33 -0.08 4.44 12.31
CA LEU A 33 -0.35 4.14 13.72
C LEU A 33 -0.51 2.64 13.93
N ASN A 34 -1.20 1.98 13.00
CA ASN A 34 -1.41 0.53 13.10
C ASN A 34 -0.11 -0.23 12.86
N GLY A 35 0.75 0.34 12.03
CA GLY A 35 2.01 -0.31 11.72
C GLY A 35 2.42 -0.15 10.27
N TYR A 36 1.43 -0.20 9.38
CA TYR A 36 1.69 -0.07 7.95
C TYR A 36 2.47 1.21 7.65
N GLU A 37 3.80 1.09 7.64
CA GLU A 37 4.66 2.24 7.37
C GLU A 37 5.00 2.32 5.88
N THR A 38 5.33 1.17 5.29
CA THR A 38 5.68 1.12 3.88
C THR A 38 4.94 -0.01 3.17
N LEU A 39 4.98 0.00 1.85
CA LEU A 39 4.31 -1.02 1.05
C LEU A 39 4.60 -2.42 1.59
N ASP A 40 5.84 -2.62 2.04
CA ASP A 40 6.25 -3.91 2.57
C ASP A 40 5.19 -4.46 3.55
N ASP A 41 4.56 -3.55 4.28
CA ASP A 41 3.52 -3.93 5.23
C ASP A 41 2.20 -4.18 4.54
N LEU A 42 1.90 -3.38 3.52
CA LEU A 42 0.66 -3.51 2.77
C LEU A 42 0.62 -4.83 2.01
N LYS A 43 1.79 -5.29 1.57
CA LYS A 43 1.89 -6.55 0.84
C LYS A 43 1.22 -7.68 1.61
N ASP A 44 1.01 -7.47 2.90
CA ASP A 44 0.37 -8.47 3.75
C ASP A 44 -0.97 -7.98 4.27
N ILE A 45 -1.63 -7.13 3.48
CA ILE A 45 -2.92 -6.58 3.87
C ILE A 45 -4.06 -7.25 3.10
N LYS A 46 -5.21 -7.37 3.75
CA LYS A 46 -6.37 -8.01 3.13
C LYS A 46 -7.59 -7.09 3.23
N GLU A 47 -8.51 -7.24 2.27
CA GLU A 47 -9.72 -6.43 2.26
C GLU A 47 -10.28 -6.25 3.67
N SER A 48 -10.21 -7.31 4.47
CA SER A 48 -10.71 -7.27 5.84
C SER A 48 -9.94 -6.24 6.66
N HIS A 49 -8.61 -6.35 6.64
CA HIS A 49 -7.76 -5.43 7.38
C HIS A 49 -8.27 -4.00 7.26
N LEU A 50 -8.44 -3.54 6.03
CA LEU A 50 -8.91 -2.19 5.77
C LEU A 50 -10.16 -1.88 6.60
N ILE A 51 -11.13 -2.78 6.54
CA ILE A 51 -12.38 -2.61 7.29
C ILE A 51 -12.09 -2.28 8.75
N GLU A 52 -11.27 -3.11 9.39
CA GLU A 52 -10.92 -2.91 10.79
C GLU A 52 -10.16 -1.60 10.98
N LEU A 53 -9.55 -1.11 9.90
CA LEU A 53 -8.80 0.13 9.94
C LEU A 53 -9.71 1.34 9.78
N ASN A 54 -11.00 1.13 9.99
CA ASN A 54 -11.99 2.19 9.87
C ASN A 54 -12.26 2.52 8.41
N ILE A 55 -12.04 1.54 7.53
CA ILE A 55 -12.25 1.71 6.11
C ILE A 55 -13.48 0.94 5.64
N ALA A 56 -14.46 0.78 6.54
CA ALA A 56 -15.68 0.06 6.22
C ALA A 56 -16.13 0.36 4.79
N ASP A 57 -15.78 1.54 4.30
CA ASP A 57 -16.14 1.95 2.94
C ASP A 57 -15.31 1.20 1.90
N PRO A 58 -15.99 0.60 0.92
CA PRO A 58 -15.34 -0.15 -0.16
C PRO A 58 -14.56 0.76 -1.10
N GLU A 59 -15.10 1.94 -1.37
CA GLU A 59 -14.46 2.90 -2.26
C GLU A 59 -12.97 3.04 -1.92
N ASP A 60 -12.68 3.06 -0.63
CA ASP A 60 -11.30 3.20 -0.17
C ASP A 60 -10.57 1.85 -0.19
N ARG A 61 -11.23 0.83 0.35
CA ARG A 61 -10.66 -0.51 0.38
C ARG A 61 -10.16 -0.93 -0.99
N ALA A 62 -11.05 -0.88 -1.98
CA ALA A 62 -10.70 -1.26 -3.34
C ALA A 62 -9.51 -0.45 -3.85
N ARG A 63 -9.63 0.87 -3.77
CA ARG A 63 -8.57 1.77 -4.22
C ARG A 63 -7.25 1.44 -3.52
N LEU A 64 -7.33 1.12 -2.24
CA LEU A 64 -6.15 0.78 -1.46
C LEU A 64 -5.55 -0.54 -1.93
N LEU A 65 -6.39 -1.55 -2.08
CA LEU A 65 -5.93 -2.87 -2.52
C LEU A 65 -5.48 -2.83 -3.97
N SER A 66 -6.42 -2.59 -4.88
CA SER A 66 -6.12 -2.53 -6.30
C SER A 66 -4.80 -1.81 -6.54
N ALA A 67 -4.57 -0.74 -5.78
CA ALA A 67 -3.34 0.04 -5.91
C ALA A 67 -2.13 -0.76 -5.46
N ALA A 68 -2.17 -1.26 -4.23
CA ALA A 68 -1.07 -2.05 -3.69
C ALA A 68 -0.77 -3.25 -4.58
N GLU A 69 -1.81 -3.85 -5.13
CA GLU A 69 -1.66 -5.01 -6.00
C GLU A 69 -0.77 -4.67 -7.20
N SER A 70 -1.08 -3.55 -7.86
CA SER A 70 -0.32 -3.12 -9.02
C SER A 70 1.16 -2.93 -8.67
N LEU A 71 1.41 -2.22 -7.57
CA LEU A 71 2.78 -1.97 -7.12
C LEU A 71 3.54 -3.28 -6.90
N LEU A 72 2.93 -4.19 -6.16
CA LEU A 72 3.54 -5.49 -5.88
C LEU A 72 3.20 -6.49 -6.96
N SER A 73 3.81 -7.68 -6.89
CA SER A 73 3.56 -8.73 -7.86
C SER A 73 2.16 -9.31 -7.70
N GLY A 74 1.79 -9.62 -6.46
CA GLY A 74 0.48 -10.17 -6.19
C GLY A 74 0.54 -11.36 -5.25
N PRO A 75 -0.50 -11.52 -4.42
CA PRO A 75 -0.58 -12.61 -3.45
C PRO A 75 -0.80 -13.96 -4.13
N SER A 76 -0.96 -13.93 -5.45
CA SER A 76 -1.20 -15.16 -6.22
C SER A 76 -0.27 -16.27 -5.74
N SER A 77 -0.82 -17.14 -4.88
CA SER A 77 -0.04 -18.26 -4.35
C SER A 77 -0.83 -19.56 -4.44
N GLY A 78 -0.33 -20.50 -5.23
CA GLY A 78 -1.01 -21.78 -5.39
C GLY A 78 -0.23 -22.92 -4.76
N GLY A 1 19.46 12.28 -2.15
CA GLY A 1 20.00 13.61 -1.96
C GLY A 1 19.63 14.19 -0.61
N SER A 2 18.38 14.00 -0.21
CA SER A 2 17.90 14.53 1.06
C SER A 2 18.42 13.69 2.23
N SER A 3 18.62 12.40 1.98
CA SER A 3 19.12 11.49 3.01
C SER A 3 20.42 10.83 2.56
N GLY A 4 21.26 11.61 1.86
CA GLY A 4 22.52 11.09 1.39
C GLY A 4 22.36 9.96 0.39
N SER A 5 23.21 9.95 -0.64
CA SER A 5 23.15 8.92 -1.66
C SER A 5 24.53 8.30 -1.90
N SER A 6 24.61 6.98 -1.75
CA SER A 6 25.87 6.27 -1.94
C SER A 6 25.83 5.44 -3.22
N GLY A 7 24.86 4.53 -3.31
CA GLY A 7 24.74 3.69 -4.49
C GLY A 7 23.30 3.33 -4.78
N ARG A 8 22.83 3.69 -5.98
CA ARG A 8 21.46 3.40 -6.39
C ARG A 8 21.11 1.93 -6.13
N ARG A 9 20.05 1.71 -5.39
CA ARG A 9 19.60 0.36 -5.07
C ARG A 9 18.08 0.25 -5.13
N GLU A 10 17.57 -0.97 -4.94
CA GLU A 10 16.14 -1.20 -4.99
C GLU A 10 15.37 -0.02 -4.40
N ASN A 11 14.18 0.23 -4.94
CA ASN A 11 13.35 1.34 -4.48
C ASN A 11 12.18 0.82 -3.65
N HIS A 12 11.65 1.68 -2.79
CA HIS A 12 10.52 1.32 -1.95
C HIS A 12 9.48 2.44 -1.90
N GLN A 13 8.21 2.08 -1.98
CA GLN A 13 7.13 3.05 -1.95
C GLN A 13 6.58 3.22 -0.54
N THR A 14 6.38 4.47 -0.13
CA THR A 14 5.87 4.77 1.20
C THR A 14 4.37 5.04 1.16
N ILE A 15 3.63 4.37 2.05
CA ILE A 15 2.19 4.54 2.12
C ILE A 15 1.79 5.99 1.84
N GLN A 16 2.30 6.90 2.66
CA GLN A 16 2.00 8.32 2.51
C GLN A 16 1.83 8.69 1.04
N GLU A 17 2.92 8.53 0.28
CA GLU A 17 2.90 8.85 -1.14
C GLU A 17 1.97 7.91 -1.90
N PHE A 18 2.10 6.61 -1.62
CA PHE A 18 1.27 5.60 -2.27
C PHE A 18 -0.21 5.97 -2.18
N LEU A 19 -0.56 6.74 -1.16
CA LEU A 19 -1.95 7.16 -0.96
C LEU A 19 -2.23 8.45 -1.71
N GLU A 20 -1.26 9.36 -1.71
CA GLU A 20 -1.40 10.64 -2.38
C GLU A 20 -1.86 10.44 -3.83
N ARG A 21 -1.46 9.32 -4.42
CA ARG A 21 -1.83 9.01 -5.80
C ARG A 21 -3.28 8.57 -5.89
N ILE A 22 -3.75 7.87 -4.87
CA ILE A 22 -5.13 7.41 -4.83
C ILE A 22 -6.03 8.37 -4.08
N HIS A 23 -5.46 9.50 -3.67
CA HIS A 23 -6.22 10.52 -2.93
C HIS A 23 -6.84 9.92 -1.68
N LEU A 24 -6.10 9.04 -1.02
CA LEU A 24 -6.59 8.39 0.20
C LEU A 24 -5.61 8.61 1.36
N GLN A 25 -4.75 9.62 1.23
CA GLN A 25 -3.78 9.92 2.26
C GLN A 25 -4.46 10.20 3.60
N GLU A 26 -5.77 10.41 3.55
CA GLU A 26 -6.54 10.70 4.75
C GLU A 26 -6.54 9.50 5.70
N TYR A 27 -6.17 8.34 5.17
CA TYR A 27 -6.12 7.12 5.96
C TYR A 27 -4.70 6.81 6.42
N THR A 28 -3.76 7.68 6.04
CA THR A 28 -2.36 7.51 6.41
C THR A 28 -2.23 7.19 7.89
N SER A 29 -2.41 8.20 8.72
CA SER A 29 -2.30 8.04 10.17
C SER A 29 -2.88 6.70 10.61
N THR A 30 -4.07 6.39 10.09
CA THR A 30 -4.76 5.14 10.43
C THR A 30 -3.90 3.94 10.07
N LEU A 31 -3.21 4.03 8.93
CA LEU A 31 -2.35 2.94 8.48
C LEU A 31 -1.06 2.90 9.27
N LEU A 32 -0.41 4.06 9.41
CA LEU A 32 0.83 4.16 10.15
C LEU A 32 0.64 3.75 11.61
N LEU A 33 -0.25 4.45 12.29
CA LEU A 33 -0.53 4.17 13.70
C LEU A 33 -0.75 2.67 13.91
N ASN A 34 -1.41 2.02 12.96
CA ASN A 34 -1.68 0.60 13.05
C ASN A 34 -0.40 -0.21 12.84
N GLY A 35 0.52 0.33 12.03
CA GLY A 35 1.77 -0.35 11.76
C GLY A 35 2.21 -0.20 10.32
N TYR A 36 1.23 -0.19 9.41
CA TYR A 36 1.53 -0.06 7.99
C TYR A 36 2.32 1.21 7.70
N GLU A 37 3.64 1.07 7.63
CA GLU A 37 4.52 2.20 7.37
C GLU A 37 4.87 2.29 5.88
N THR A 38 5.21 1.15 5.29
CA THR A 38 5.57 1.10 3.88
C THR A 38 4.82 -0.03 3.17
N LEU A 39 4.89 -0.03 1.84
CA LEU A 39 4.22 -1.05 1.04
C LEU A 39 4.53 -2.45 1.58
N ASP A 40 5.79 -2.67 1.93
CA ASP A 40 6.22 -3.97 2.46
C ASP A 40 5.17 -4.52 3.43
N ASP A 41 4.50 -3.63 4.16
CA ASP A 41 3.48 -4.03 5.11
C ASP A 41 2.15 -4.29 4.41
N LEU A 42 1.82 -3.44 3.43
CA LEU A 42 0.58 -3.59 2.68
C LEU A 42 0.54 -4.92 1.94
N LYS A 43 1.70 -5.39 1.51
CA LYS A 43 1.79 -6.65 0.79
C LYS A 43 1.16 -7.79 1.59
N ASP A 44 0.95 -7.53 2.88
CA ASP A 44 0.35 -8.54 3.76
C ASP A 44 -0.99 -8.04 4.31
N ILE A 45 -1.66 -7.18 3.54
CA ILE A 45 -2.94 -6.63 3.96
C ILE A 45 -4.09 -7.30 3.22
N LYS A 46 -5.23 -7.46 3.90
CA LYS A 46 -6.40 -8.09 3.31
C LYS A 46 -7.61 -7.19 3.44
N GLU A 47 -8.61 -7.39 2.58
CA GLU A 47 -9.83 -6.60 2.59
C GLU A 47 -10.30 -6.37 4.04
N SER A 48 -10.24 -7.42 4.84
CA SER A 48 -10.67 -7.33 6.23
C SER A 48 -9.87 -6.28 6.99
N HIS A 49 -8.54 -6.41 6.94
CA HIS A 49 -7.66 -5.45 7.62
C HIS A 49 -8.17 -4.02 7.45
N LEU A 50 -8.40 -3.63 6.21
CA LEU A 50 -8.89 -2.29 5.91
C LEU A 50 -10.14 -1.97 6.73
N ILE A 51 -11.13 -2.85 6.66
CA ILE A 51 -12.37 -2.66 7.39
C ILE A 51 -12.10 -2.27 8.84
N GLU A 52 -11.27 -3.06 9.51
CA GLU A 52 -10.93 -2.81 10.91
C GLU A 52 -10.21 -1.46 11.05
N LEU A 53 -9.60 -1.01 9.96
CA LEU A 53 -8.88 0.26 9.96
C LEU A 53 -9.83 1.43 9.74
N ASN A 54 -11.12 1.18 9.94
CA ASN A 54 -12.13 2.22 9.77
C ASN A 54 -12.39 2.49 8.29
N ILE A 55 -12.11 1.49 7.46
CA ILE A 55 -12.32 1.63 6.03
C ILE A 55 -13.56 0.86 5.57
N ALA A 56 -14.54 0.74 6.47
CA ALA A 56 -15.77 0.02 6.16
C ALA A 56 -16.23 0.31 4.73
N ASP A 57 -15.82 1.47 4.21
CA ASP A 57 -16.19 1.86 2.85
C ASP A 57 -15.33 1.13 1.82
N PRO A 58 -15.99 0.52 0.82
CA PRO A 58 -15.31 -0.22 -0.23
C PRO A 58 -14.54 0.68 -1.17
N GLU A 59 -14.97 1.93 -1.28
CA GLU A 59 -14.32 2.91 -2.15
C GLU A 59 -12.83 3.01 -1.82
N ASP A 60 -12.51 3.02 -0.53
CA ASP A 60 -11.13 3.11 -0.08
C ASP A 60 -10.45 1.75 -0.12
N ARG A 61 -11.13 0.74 0.41
CA ARG A 61 -10.60 -0.61 0.43
C ARG A 61 -10.16 -1.05 -0.96
N ALA A 62 -11.04 -0.87 -1.93
CA ALA A 62 -10.74 -1.24 -3.32
C ALA A 62 -9.57 -0.44 -3.86
N ARG A 63 -9.65 0.89 -3.74
CA ARG A 63 -8.61 1.77 -4.23
C ARG A 63 -7.27 1.43 -3.57
N LEU A 64 -7.33 0.92 -2.35
CA LEU A 64 -6.12 0.55 -1.61
C LEU A 64 -5.57 -0.78 -2.11
N LEU A 65 -6.45 -1.77 -2.24
CA LEU A 65 -6.05 -3.10 -2.71
C LEU A 65 -5.55 -3.04 -4.16
N SER A 66 -6.40 -2.55 -5.05
CA SER A 66 -6.05 -2.45 -6.46
C SER A 66 -4.72 -1.72 -6.63
N ALA A 67 -4.57 -0.60 -5.95
CA ALA A 67 -3.35 0.18 -6.03
C ALA A 67 -2.15 -0.62 -5.55
N ALA A 68 -2.24 -1.14 -4.33
CA ALA A 68 -1.17 -1.94 -3.75
C ALA A 68 -0.81 -3.11 -4.65
N GLU A 69 -1.83 -3.73 -5.25
CA GLU A 69 -1.63 -4.87 -6.13
C GLU A 69 -0.74 -4.49 -7.31
N SER A 70 -1.07 -3.38 -7.96
CA SER A 70 -0.29 -2.91 -9.11
C SER A 70 1.18 -2.72 -8.74
N LEU A 71 1.41 -2.04 -7.62
CA LEU A 71 2.77 -1.79 -7.15
C LEU A 71 3.52 -3.10 -6.92
N LEU A 72 2.95 -3.96 -6.07
CA LEU A 72 3.56 -5.24 -5.76
C LEU A 72 3.31 -6.25 -6.88
N SER A 73 3.99 -7.39 -6.82
CA SER A 73 3.84 -8.44 -7.82
C SER A 73 3.64 -9.79 -7.17
N GLY A 74 2.76 -9.85 -6.18
CA GLY A 74 2.49 -11.10 -5.49
C GLY A 74 1.40 -11.91 -6.15
N PRO A 75 1.54 -13.24 -6.10
CA PRO A 75 0.58 -14.17 -6.70
C PRO A 75 -0.76 -14.18 -5.96
N SER A 76 -0.83 -13.42 -4.87
CA SER A 76 -2.05 -13.35 -4.07
C SER A 76 -3.14 -12.59 -4.82
N SER A 77 -4.15 -13.31 -5.28
CA SER A 77 -5.25 -12.70 -6.01
C SER A 77 -6.53 -12.71 -5.16
N GLY A 78 -7.03 -11.52 -4.85
CA GLY A 78 -8.23 -11.40 -4.05
C GLY A 78 -7.97 -11.59 -2.57
N GLY A 1 11.77 -15.94 -2.74
CA GLY A 1 12.60 -16.89 -2.03
C GLY A 1 12.80 -16.52 -0.57
N SER A 2 13.80 -17.12 0.06
CA SER A 2 14.09 -16.85 1.46
C SER A 2 14.77 -15.49 1.62
N SER A 3 13.99 -14.50 2.07
CA SER A 3 14.51 -13.16 2.26
C SER A 3 14.97 -12.96 3.70
N GLY A 4 15.99 -12.12 3.88
CA GLY A 4 16.51 -11.85 5.21
C GLY A 4 17.55 -10.75 5.22
N SER A 5 18.69 -11.00 4.58
CA SER A 5 19.77 -10.02 4.52
C SER A 5 20.10 -9.67 3.07
N SER A 6 20.35 -8.39 2.82
CA SER A 6 20.68 -7.92 1.48
C SER A 6 21.45 -6.61 1.54
N GLY A 7 22.48 -6.50 0.71
CA GLY A 7 23.28 -5.29 0.68
C GLY A 7 22.47 -4.05 0.33
N ARG A 8 21.92 -4.04 -0.88
CA ARG A 8 21.11 -2.91 -1.34
C ARG A 8 19.81 -3.40 -1.97
N ARG A 9 18.72 -2.71 -1.67
CA ARG A 9 17.41 -3.06 -2.22
C ARG A 9 16.92 -2.01 -3.20
N GLU A 10 15.93 -2.37 -4.01
CA GLU A 10 15.37 -1.46 -5.00
C GLU A 10 14.53 -0.38 -4.32
N ASN A 11 14.17 0.64 -5.09
CA ASN A 11 13.36 1.74 -4.56
C ASN A 11 12.18 1.22 -3.75
N HIS A 12 11.74 2.00 -2.77
CA HIS A 12 10.62 1.62 -1.93
C HIS A 12 9.56 2.71 -1.90
N GLN A 13 8.29 2.30 -1.97
CA GLN A 13 7.18 3.25 -1.95
C GLN A 13 6.60 3.40 -0.55
N THR A 14 6.44 4.64 -0.11
CA THR A 14 5.91 4.92 1.22
C THR A 14 4.40 5.14 1.17
N ILE A 15 3.68 4.44 2.05
CA ILE A 15 2.23 4.57 2.10
C ILE A 15 1.78 5.99 1.81
N GLN A 16 2.29 6.95 2.59
CA GLN A 16 1.94 8.35 2.40
C GLN A 16 1.75 8.67 0.92
N GLU A 17 2.86 8.70 0.19
CA GLU A 17 2.82 8.99 -1.24
C GLU A 17 1.93 7.99 -1.98
N PHE A 18 2.04 6.72 -1.61
CA PHE A 18 1.26 5.66 -2.24
C PHE A 18 -0.24 5.97 -2.13
N LEU A 19 -0.61 6.74 -1.12
CA LEU A 19 -2.01 7.10 -0.91
C LEU A 19 -2.35 8.40 -1.63
N GLU A 20 -1.41 9.34 -1.58
CA GLU A 20 -1.62 10.64 -2.23
C GLU A 20 -2.05 10.46 -3.68
N ARG A 21 -1.61 9.37 -4.30
CA ARG A 21 -1.95 9.08 -5.68
C ARG A 21 -3.42 8.66 -5.81
N ILE A 22 -3.89 7.89 -4.83
CA ILE A 22 -5.28 7.43 -4.83
C ILE A 22 -6.16 8.32 -3.97
N HIS A 23 -5.60 9.43 -3.51
CA HIS A 23 -6.33 10.38 -2.69
C HIS A 23 -6.89 9.70 -1.43
N LEU A 24 -6.10 8.81 -0.86
CA LEU A 24 -6.51 8.08 0.34
C LEU A 24 -5.59 8.40 1.51
N GLN A 25 -4.86 9.51 1.40
CA GLN A 25 -3.94 9.93 2.45
C GLN A 25 -4.68 10.16 3.77
N GLU A 26 -6.00 10.34 3.68
CA GLU A 26 -6.82 10.57 4.86
C GLU A 26 -6.77 9.36 5.80
N TYR A 27 -6.16 8.28 5.32
CA TYR A 27 -6.06 7.06 6.12
C TYR A 27 -4.61 6.81 6.54
N THR A 28 -3.69 7.60 5.98
CA THR A 28 -2.28 7.47 6.29
C THR A 28 -2.07 7.14 7.77
N SER A 29 -2.40 8.10 8.64
CA SER A 29 -2.25 7.91 10.07
C SER A 29 -2.80 6.57 10.51
N THR A 30 -4.03 6.28 10.10
CA THR A 30 -4.68 5.02 10.44
C THR A 30 -3.80 3.83 10.08
N LEU A 31 -3.12 3.92 8.95
CA LEU A 31 -2.23 2.85 8.49
C LEU A 31 -0.94 2.83 9.29
N LEU A 32 -0.29 3.99 9.39
CA LEU A 32 0.96 4.11 10.13
C LEU A 32 0.77 3.68 11.58
N LEU A 33 -0.11 4.37 12.30
CA LEU A 33 -0.39 4.06 13.69
C LEU A 33 -0.58 2.56 13.88
N ASN A 34 -1.25 1.92 12.93
CA ASN A 34 -1.50 0.49 13.00
C ASN A 34 -0.21 -0.31 12.79
N GLY A 35 0.72 0.29 12.05
CA GLY A 35 1.99 -0.37 11.78
C GLY A 35 2.41 -0.24 10.33
N TYR A 36 1.44 -0.18 9.43
CA TYR A 36 1.73 -0.06 8.01
C TYR A 36 2.47 1.24 7.71
N GLU A 37 3.80 1.14 7.59
CA GLU A 37 4.63 2.30 7.31
C GLU A 37 4.99 2.37 5.83
N THR A 38 5.32 1.22 5.26
CA THR A 38 5.69 1.14 3.85
C THR A 38 4.92 0.04 3.14
N LEU A 39 4.94 0.08 1.81
CA LEU A 39 4.23 -0.92 1.01
C LEU A 39 4.49 -2.32 1.52
N ASP A 40 5.76 -2.61 1.82
CA ASP A 40 6.14 -3.92 2.32
C ASP A 40 5.12 -4.44 3.33
N ASP A 41 4.53 -3.52 4.10
CA ASP A 41 3.53 -3.88 5.10
C ASP A 41 2.16 -4.05 4.46
N LEU A 42 1.89 -3.26 3.42
CA LEU A 42 0.62 -3.32 2.73
C LEU A 42 0.45 -4.65 2.00
N LYS A 43 1.57 -5.22 1.57
CA LYS A 43 1.56 -6.50 0.86
C LYS A 43 0.90 -7.58 1.71
N ASP A 44 0.70 -7.29 2.98
CA ASP A 44 0.08 -8.24 3.90
C ASP A 44 -1.36 -7.82 4.24
N ILE A 45 -1.70 -6.59 3.86
CA ILE A 45 -3.04 -6.06 4.13
C ILE A 45 -4.07 -6.70 3.21
N LYS A 46 -5.26 -6.94 3.74
CA LYS A 46 -6.34 -7.53 2.96
C LYS A 46 -7.62 -6.71 3.07
N GLU A 47 -8.67 -7.17 2.40
CA GLU A 47 -9.95 -6.47 2.42
C GLU A 47 -10.43 -6.26 3.86
N SER A 48 -10.38 -7.32 4.66
CA SER A 48 -10.81 -7.25 6.05
C SER A 48 -10.03 -6.20 6.82
N HIS A 49 -8.70 -6.32 6.80
CA HIS A 49 -7.84 -5.38 7.50
C HIS A 49 -8.36 -3.95 7.33
N LEU A 50 -8.49 -3.51 6.09
CA LEU A 50 -8.97 -2.16 5.80
C LEU A 50 -10.23 -1.86 6.60
N ILE A 51 -11.20 -2.76 6.54
CA ILE A 51 -12.45 -2.59 7.26
C ILE A 51 -12.20 -2.26 8.73
N GLU A 52 -11.37 -3.08 9.38
CA GLU A 52 -11.05 -2.88 10.78
C GLU A 52 -10.27 -1.58 10.98
N LEU A 53 -9.65 -1.09 9.92
CA LEU A 53 -8.88 0.14 9.97
C LEU A 53 -9.77 1.36 9.74
N ASN A 54 -11.07 1.17 9.95
CA ASN A 54 -12.02 2.26 9.78
C ASN A 54 -12.27 2.53 8.30
N ILE A 55 -12.08 1.52 7.47
CA ILE A 55 -12.27 1.65 6.04
C ILE A 55 -13.48 0.84 5.57
N ALA A 56 -14.46 0.69 6.45
CA ALA A 56 -15.67 -0.05 6.13
C ALA A 56 -16.14 0.25 4.71
N ASP A 57 -15.76 1.41 4.20
CA ASP A 57 -16.15 1.81 2.85
C ASP A 57 -15.33 1.05 1.80
N PRO A 58 -16.04 0.46 0.83
CA PRO A 58 -15.40 -0.30 -0.25
C PRO A 58 -14.62 0.58 -1.21
N GLU A 59 -15.07 1.82 -1.37
CA GLU A 59 -14.41 2.77 -2.26
C GLU A 59 -12.93 2.89 -1.93
N ASP A 60 -12.62 3.08 -0.65
CA ASP A 60 -11.24 3.21 -0.20
C ASP A 60 -10.54 1.85 -0.20
N ARG A 61 -11.20 0.85 0.37
CA ARG A 61 -10.63 -0.50 0.44
C ARG A 61 -10.10 -0.92 -0.93
N ALA A 62 -10.95 -0.87 -1.94
CA ALA A 62 -10.57 -1.25 -3.29
C ALA A 62 -9.38 -0.43 -3.77
N ARG A 63 -9.50 0.89 -3.67
CA ARG A 63 -8.43 1.79 -4.11
C ARG A 63 -7.12 1.44 -3.40
N LEU A 64 -7.23 0.96 -2.17
CA LEU A 64 -6.05 0.60 -1.39
C LEU A 64 -5.47 -0.73 -1.86
N LEU A 65 -6.33 -1.74 -1.99
CA LEU A 65 -5.90 -3.05 -2.43
C LEU A 65 -5.45 -3.02 -3.90
N SER A 66 -6.39 -2.74 -4.79
CA SER A 66 -6.10 -2.68 -6.21
C SER A 66 -4.81 -1.92 -6.47
N ALA A 67 -4.61 -0.83 -5.73
CA ALA A 67 -3.41 -0.01 -5.87
C ALA A 67 -2.16 -0.79 -5.47
N ALA A 68 -2.15 -1.28 -4.24
CA ALA A 68 -1.01 -2.06 -3.74
C ALA A 68 -0.63 -3.16 -4.71
N GLU A 69 -1.61 -4.00 -5.06
CA GLU A 69 -1.38 -5.11 -5.98
C GLU A 69 -0.77 -4.61 -7.29
N SER A 70 -1.04 -3.36 -7.62
CA SER A 70 -0.52 -2.76 -8.85
C SER A 70 0.94 -2.38 -8.69
N LEU A 71 1.38 -2.27 -7.45
CA LEU A 71 2.77 -1.91 -7.16
C LEU A 71 3.61 -3.17 -6.91
N LEU A 72 3.09 -4.07 -6.08
CA LEU A 72 3.79 -5.30 -5.77
C LEU A 72 3.15 -6.50 -6.47
N SER A 73 3.87 -7.60 -6.53
CA SER A 73 3.36 -8.81 -7.18
C SER A 73 2.14 -9.35 -6.44
N GLY A 74 2.28 -9.54 -5.13
CA GLY A 74 1.17 -10.04 -4.34
C GLY A 74 1.62 -11.12 -3.36
N PRO A 75 0.78 -11.36 -2.34
CA PRO A 75 1.07 -12.37 -1.31
C PRO A 75 0.99 -13.79 -1.86
N SER A 76 0.74 -13.91 -3.15
CA SER A 76 0.63 -15.22 -3.79
C SER A 76 -0.61 -15.96 -3.32
N SER A 77 -1.72 -15.22 -3.17
CA SER A 77 -2.97 -15.80 -2.73
C SER A 77 -3.54 -16.75 -3.78
N GLY A 78 -3.85 -17.97 -3.36
CA GLY A 78 -4.38 -18.96 -4.29
C GLY A 78 -5.47 -19.81 -3.66
N GLY A 1 12.55 -2.36 6.73
CA GLY A 1 12.33 -0.94 6.91
C GLY A 1 13.24 -0.10 6.02
N SER A 2 13.45 1.15 6.41
CA SER A 2 14.29 2.05 5.64
C SER A 2 14.97 3.08 6.56
N SER A 3 16.25 3.33 6.31
CA SER A 3 17.01 4.28 7.10
C SER A 3 17.75 5.28 6.21
N GLY A 4 17.14 6.45 6.03
CA GLY A 4 17.75 7.47 5.20
C GLY A 4 18.17 6.95 3.83
N SER A 5 17.20 6.85 2.92
CA SER A 5 17.47 6.36 1.58
C SER A 5 18.08 7.45 0.71
N SER A 6 19.21 7.14 0.07
CA SER A 6 19.89 8.10 -0.80
C SER A 6 20.52 7.40 -1.98
N GLY A 7 20.10 7.77 -3.19
CA GLY A 7 20.64 7.16 -4.39
C GLY A 7 20.65 5.66 -4.33
N ARG A 8 19.47 5.05 -4.49
CA ARG A 8 19.34 3.61 -4.44
C ARG A 8 18.36 3.11 -5.51
N ARG A 9 18.61 1.91 -6.03
CA ARG A 9 17.76 1.34 -7.06
C ARG A 9 16.55 0.65 -6.44
N GLU A 10 15.66 0.14 -7.30
CA GLU A 10 14.46 -0.55 -6.83
C GLU A 10 13.96 0.06 -5.52
N ASN A 11 13.76 1.37 -5.51
CA ASN A 11 13.29 2.06 -4.33
C ASN A 11 11.92 1.54 -3.88
N HIS A 12 11.61 1.72 -2.61
CA HIS A 12 10.33 1.27 -2.07
C HIS A 12 9.33 2.42 -1.97
N GLN A 13 8.07 2.13 -2.25
CA GLN A 13 7.02 3.14 -2.19
C GLN A 13 6.46 3.27 -0.78
N THR A 14 6.34 4.51 -0.31
CA THR A 14 5.82 4.77 1.03
C THR A 14 4.31 4.97 0.99
N ILE A 15 3.64 4.51 2.05
CA ILE A 15 2.19 4.65 2.14
C ILE A 15 1.75 6.08 1.87
N GLN A 16 2.39 7.02 2.57
CA GLN A 16 2.06 8.43 2.41
C GLN A 16 1.84 8.78 0.94
N GLU A 17 2.92 8.76 0.16
CA GLU A 17 2.83 9.08 -1.26
C GLU A 17 1.92 8.09 -1.98
N PHE A 18 2.01 6.82 -1.59
CA PHE A 18 1.20 5.77 -2.20
C PHE A 18 -0.29 6.09 -2.08
N LEU A 19 -0.65 6.82 -1.03
CA LEU A 19 -2.03 7.20 -0.80
C LEU A 19 -2.38 8.50 -1.53
N GLU A 20 -1.44 9.44 -1.52
CA GLU A 20 -1.65 10.72 -2.19
C GLU A 20 -2.12 10.52 -3.62
N ARG A 21 -1.58 9.50 -4.28
CA ARG A 21 -1.94 9.20 -5.66
C ARG A 21 -3.38 8.70 -5.75
N ILE A 22 -3.76 7.86 -4.80
CA ILE A 22 -5.11 7.30 -4.77
C ILE A 22 -6.06 8.19 -3.96
N HIS A 23 -5.54 9.34 -3.52
CA HIS A 23 -6.34 10.28 -2.73
C HIS A 23 -6.89 9.61 -1.48
N LEU A 24 -6.03 8.85 -0.79
CA LEU A 24 -6.44 8.15 0.43
C LEU A 24 -5.48 8.46 1.57
N GLN A 25 -4.70 9.54 1.42
CA GLN A 25 -3.74 9.94 2.45
C GLN A 25 -4.45 10.20 3.77
N GLU A 26 -5.77 10.25 3.73
CA GLU A 26 -6.55 10.50 4.94
C GLU A 26 -6.49 9.30 5.89
N TYR A 27 -6.06 8.16 5.36
CA TYR A 27 -5.96 6.94 6.16
C TYR A 27 -4.52 6.71 6.61
N THR A 28 -3.61 7.56 6.14
CA THR A 28 -2.21 7.45 6.50
C THR A 28 -2.03 7.14 7.98
N SER A 29 -2.24 8.15 8.82
CA SER A 29 -2.10 7.98 10.26
C SER A 29 -2.68 6.64 10.71
N THR A 30 -3.89 6.34 10.24
CA THR A 30 -4.55 5.09 10.59
C THR A 30 -3.69 3.88 10.22
N LEU A 31 -3.02 3.97 9.08
CA LEU A 31 -2.17 2.89 8.60
C LEU A 31 -0.86 2.85 9.39
N LEU A 32 -0.21 4.01 9.51
CA LEU A 32 1.05 4.11 10.22
C LEU A 32 0.88 3.69 11.68
N LEU A 33 0.01 4.40 12.39
CA LEU A 33 -0.25 4.10 13.80
C LEU A 33 -0.44 2.60 14.02
N ASN A 34 -1.16 1.96 13.09
CA ASN A 34 -1.41 0.53 13.17
C ASN A 34 -0.12 -0.26 12.96
N GLY A 35 0.74 0.24 12.09
CA GLY A 35 2.00 -0.43 11.82
C GLY A 35 2.44 -0.27 10.38
N TYR A 36 1.48 -0.24 9.46
CA TYR A 36 1.78 -0.09 8.04
C TYR A 36 2.58 1.18 7.79
N GLU A 37 3.86 1.02 7.49
CA GLU A 37 4.73 2.16 7.22
C GLU A 37 5.03 2.27 5.73
N THR A 38 5.29 1.13 5.09
CA THR A 38 5.59 1.11 3.66
C THR A 38 4.80 0.00 2.95
N LEU A 39 4.77 0.07 1.64
CA LEU A 39 4.05 -0.93 0.84
C LEU A 39 4.34 -2.34 1.35
N ASP A 40 5.61 -2.61 1.64
CA ASP A 40 6.01 -3.93 2.13
C ASP A 40 4.98 -4.45 3.14
N ASP A 41 4.43 -3.55 3.95
CA ASP A 41 3.44 -3.93 4.95
C ASP A 41 2.07 -4.13 4.32
N LEU A 42 1.73 -3.27 3.37
CA LEU A 42 0.45 -3.35 2.69
C LEU A 42 0.30 -4.69 1.96
N LYS A 43 1.42 -5.19 1.44
CA LYS A 43 1.41 -6.47 0.73
C LYS A 43 0.73 -7.56 1.56
N ASP A 44 0.58 -7.30 2.85
CA ASP A 44 -0.05 -8.26 3.76
C ASP A 44 -1.48 -7.84 4.07
N ILE A 45 -1.78 -6.57 3.84
CA ILE A 45 -3.11 -6.05 4.11
C ILE A 45 -4.15 -6.72 3.22
N LYS A 46 -5.33 -6.99 3.78
CA LYS A 46 -6.40 -7.62 3.03
C LYS A 46 -7.69 -6.81 3.13
N GLU A 47 -8.71 -7.21 2.37
CA GLU A 47 -9.99 -6.51 2.38
C GLU A 47 -10.47 -6.30 3.81
N SER A 48 -10.34 -7.33 4.64
CA SER A 48 -10.77 -7.26 6.03
C SER A 48 -9.97 -6.20 6.79
N HIS A 49 -8.65 -6.33 6.77
CA HIS A 49 -7.77 -5.40 7.45
C HIS A 49 -8.28 -3.97 7.28
N LEU A 50 -8.45 -3.54 6.03
CA LEU A 50 -8.92 -2.20 5.74
C LEU A 50 -10.17 -1.87 6.56
N ILE A 51 -11.15 -2.75 6.53
CA ILE A 51 -12.39 -2.55 7.27
C ILE A 51 -12.10 -2.17 8.73
N GLU A 52 -11.32 -3.01 9.40
CA GLU A 52 -10.96 -2.76 10.80
C GLU A 52 -10.23 -1.42 10.94
N LEU A 53 -9.66 -0.95 9.84
CA LEU A 53 -8.93 0.31 9.84
C LEU A 53 -9.87 1.48 9.54
N ASN A 54 -11.14 1.31 9.85
CA ASN A 54 -12.14 2.35 9.62
C ASN A 54 -12.34 2.57 8.12
N ILE A 55 -12.06 1.54 7.33
CA ILE A 55 -12.22 1.63 5.89
C ILE A 55 -13.40 0.79 5.41
N ALA A 56 -14.38 0.60 6.30
CA ALA A 56 -15.57 -0.17 5.97
C ALA A 56 -16.05 0.13 4.56
N ASP A 57 -15.70 1.32 4.06
CA ASP A 57 -16.10 1.73 2.72
C ASP A 57 -15.30 0.99 1.65
N PRO A 58 -16.00 0.45 0.65
CA PRO A 58 -15.37 -0.29 -0.45
C PRO A 58 -14.56 0.61 -1.37
N GLU A 59 -15.06 1.82 -1.61
CA GLU A 59 -14.39 2.77 -2.48
C GLU A 59 -12.92 2.93 -2.07
N ASP A 60 -12.68 2.97 -0.76
CA ASP A 60 -11.33 3.11 -0.25
C ASP A 60 -10.60 1.77 -0.24
N ARG A 61 -11.27 0.74 0.27
CA ARG A 61 -10.69 -0.59 0.33
C ARG A 61 -10.15 -1.02 -1.04
N ALA A 62 -11.03 -1.01 -2.03
CA ALA A 62 -10.65 -1.41 -3.39
C ALA A 62 -9.47 -0.57 -3.88
N ARG A 63 -9.62 0.75 -3.83
CA ARG A 63 -8.58 1.66 -4.27
C ARG A 63 -7.27 1.39 -3.53
N LEU A 64 -7.39 0.93 -2.29
CA LEU A 64 -6.22 0.64 -1.46
C LEU A 64 -5.62 -0.71 -1.84
N LEU A 65 -6.48 -1.68 -2.15
CA LEU A 65 -6.03 -3.01 -2.53
C LEU A 65 -5.50 -3.02 -3.96
N SER A 66 -6.38 -2.74 -4.91
CA SER A 66 -6.00 -2.72 -6.32
C SER A 66 -4.71 -1.95 -6.53
N ALA A 67 -4.51 -0.90 -5.73
CA ALA A 67 -3.32 -0.08 -5.83
C ALA A 67 -2.08 -0.86 -5.35
N ALA A 68 -2.13 -1.32 -4.11
CA ALA A 68 -1.02 -2.08 -3.53
C ALA A 68 -0.67 -3.28 -4.40
N GLU A 69 -1.70 -3.90 -4.98
CA GLU A 69 -1.50 -5.07 -5.83
C GLU A 69 -0.67 -4.71 -7.06
N SER A 70 -1.02 -3.60 -7.70
CA SER A 70 -0.31 -3.15 -8.89
C SER A 70 1.16 -2.84 -8.57
N LEU A 71 1.36 -2.13 -7.47
CA LEU A 71 2.71 -1.76 -7.05
C LEU A 71 3.53 -3.00 -6.69
N LEU A 72 3.00 -3.81 -5.78
CA LEU A 72 3.68 -5.03 -5.36
C LEU A 72 3.60 -6.10 -6.43
N SER A 73 2.38 -6.51 -6.77
CA SER A 73 2.16 -7.52 -7.79
C SER A 73 2.28 -6.93 -9.19
N GLY A 74 3.35 -6.17 -9.40
CA GLY A 74 3.58 -5.55 -10.70
C GLY A 74 5.05 -5.44 -11.04
N PRO A 75 5.37 -5.59 -12.34
CA PRO A 75 6.75 -5.51 -12.82
C PRO A 75 7.30 -4.09 -12.74
N SER A 76 8.62 -3.97 -12.81
CA SER A 76 9.28 -2.67 -12.74
C SER A 76 9.30 -1.99 -14.12
N SER A 77 8.55 -0.90 -14.23
CA SER A 77 8.48 -0.16 -15.49
C SER A 77 9.29 1.13 -15.41
N GLY A 78 8.94 1.97 -14.45
CA GLY A 78 9.64 3.24 -14.28
C GLY A 78 11.08 3.05 -13.83
N GLY A 1 16.92 -15.24 -13.76
CA GLY A 1 16.58 -15.18 -15.16
C GLY A 1 15.31 -15.94 -15.49
N SER A 2 15.32 -17.24 -15.23
CA SER A 2 14.16 -18.08 -15.51
C SER A 2 13.00 -17.74 -14.58
N SER A 3 13.32 -17.59 -13.29
CA SER A 3 12.31 -17.27 -12.29
C SER A 3 12.91 -16.42 -11.17
N GLY A 4 12.04 -15.71 -10.45
CA GLY A 4 12.49 -14.87 -9.36
C GLY A 4 12.93 -15.67 -8.15
N SER A 5 12.88 -15.04 -6.98
CA SER A 5 13.27 -15.71 -5.75
C SER A 5 12.70 -14.98 -4.53
N SER A 6 12.92 -15.55 -3.35
CA SER A 6 12.41 -14.95 -2.11
C SER A 6 13.29 -13.78 -1.69
N GLY A 7 12.76 -12.56 -1.88
CA GLY A 7 13.51 -11.37 -1.52
C GLY A 7 14.04 -10.63 -2.72
N ARG A 8 14.42 -9.37 -2.52
CA ARG A 8 14.94 -8.55 -3.60
C ARG A 8 15.49 -7.22 -3.06
N ARG A 9 16.37 -6.60 -3.84
CA ARG A 9 16.97 -5.33 -3.45
C ARG A 9 16.28 -4.16 -4.15
N GLU A 10 15.12 -4.42 -4.72
CA GLU A 10 14.36 -3.39 -5.43
C GLU A 10 13.95 -2.26 -4.48
N ASN A 11 13.69 -1.09 -5.05
CA ASN A 11 13.29 0.06 -4.26
C ASN A 11 12.05 -0.24 -3.43
N HIS A 12 11.59 0.75 -2.67
CA HIS A 12 10.40 0.58 -1.84
C HIS A 12 9.48 1.80 -1.94
N GLN A 13 8.19 1.58 -1.73
CA GLN A 13 7.21 2.66 -1.82
C GLN A 13 6.63 2.97 -0.44
N THR A 14 6.29 4.24 -0.22
CA THR A 14 5.73 4.66 1.05
C THR A 14 4.22 4.82 0.97
N ILE A 15 3.53 4.58 2.07
CA ILE A 15 2.08 4.69 2.11
C ILE A 15 1.64 6.13 1.86
N GLN A 16 2.39 7.08 2.41
CA GLN A 16 2.09 8.49 2.25
C GLN A 16 1.92 8.85 0.77
N GLU A 17 2.95 8.55 -0.02
CA GLU A 17 2.92 8.86 -1.45
C GLU A 17 2.01 7.88 -2.19
N PHE A 18 1.98 6.64 -1.71
CA PHE A 18 1.14 5.61 -2.32
C PHE A 18 -0.34 5.98 -2.22
N LEU A 19 -0.68 6.72 -1.17
CA LEU A 19 -2.07 7.13 -0.95
C LEU A 19 -2.37 8.43 -1.69
N GLU A 20 -1.45 9.38 -1.62
CA GLU A 20 -1.61 10.67 -2.29
C GLU A 20 -2.06 10.48 -3.73
N ARG A 21 -1.53 9.43 -4.37
CA ARG A 21 -1.88 9.14 -5.76
C ARG A 21 -3.34 8.70 -5.87
N ILE A 22 -3.78 7.84 -4.96
CA ILE A 22 -5.15 7.35 -4.96
C ILE A 22 -6.06 8.28 -4.17
N HIS A 23 -5.50 9.38 -3.67
CA HIS A 23 -6.26 10.34 -2.90
C HIS A 23 -6.87 9.70 -1.65
N LEU A 24 -6.06 8.88 -0.97
CA LEU A 24 -6.51 8.19 0.23
C LEU A 24 -5.57 8.46 1.39
N GLN A 25 -4.83 9.57 1.31
CA GLN A 25 -3.89 9.94 2.36
C GLN A 25 -4.61 10.17 3.68
N GLU A 26 -5.93 10.30 3.61
CA GLU A 26 -6.74 10.53 4.81
C GLU A 26 -6.71 9.31 5.72
N TYR A 27 -6.19 8.21 5.21
CA TYR A 27 -6.12 6.97 5.98
C TYR A 27 -4.69 6.68 6.40
N THR A 28 -3.76 7.55 5.99
CA THR A 28 -2.35 7.38 6.33
C THR A 28 -2.17 7.03 7.80
N SER A 29 -2.43 8.01 8.67
CA SER A 29 -2.30 7.80 10.11
C SER A 29 -2.88 6.45 10.52
N THR A 30 -4.10 6.18 10.09
CA THR A 30 -4.77 4.93 10.41
C THR A 30 -3.91 3.73 10.03
N LEU A 31 -3.14 3.88 8.96
CA LEU A 31 -2.26 2.82 8.49
C LEU A 31 -0.95 2.79 9.28
N LEU A 32 -0.32 3.97 9.40
CA LEU A 32 0.94 4.08 10.13
C LEU A 32 0.76 3.67 11.59
N LEU A 33 -0.12 4.38 12.30
CA LEU A 33 -0.37 4.09 13.70
C LEU A 33 -0.54 2.59 13.93
N ASN A 34 -1.13 1.91 12.94
CA ASN A 34 -1.36 0.47 13.03
C ASN A 34 -0.04 -0.29 12.82
N GLY A 35 0.82 0.26 11.98
CA GLY A 35 2.10 -0.39 11.71
C GLY A 35 2.49 -0.30 10.25
N TYR A 36 1.51 -0.08 9.38
CA TYR A 36 1.75 0.01 7.95
C TYR A 36 2.48 1.31 7.61
N GLU A 37 3.80 1.23 7.52
CA GLU A 37 4.62 2.39 7.20
C GLU A 37 4.90 2.46 5.69
N THR A 38 5.25 1.32 5.11
CA THR A 38 5.55 1.25 3.69
C THR A 38 4.87 0.05 3.04
N LEU A 39 4.66 0.12 1.74
CA LEU A 39 4.02 -0.95 0.99
C LEU A 39 4.43 -2.31 1.56
N ASP A 40 5.71 -2.46 1.87
CA ASP A 40 6.23 -3.71 2.42
C ASP A 40 5.22 -4.33 3.38
N ASP A 41 4.70 -3.53 4.29
CA ASP A 41 3.73 -4.00 5.27
C ASP A 41 2.36 -4.22 4.62
N LEU A 42 2.02 -3.37 3.67
CA LEU A 42 0.74 -3.47 2.97
C LEU A 42 0.60 -4.84 2.30
N LYS A 43 1.73 -5.41 1.91
CA LYS A 43 1.74 -6.72 1.25
C LYS A 43 1.11 -7.78 2.15
N ASP A 44 0.89 -7.43 3.41
CA ASP A 44 0.28 -8.35 4.37
C ASP A 44 -1.14 -7.93 4.70
N ILE A 45 -1.52 -6.73 4.28
CA ILE A 45 -2.86 -6.22 4.53
C ILE A 45 -3.88 -6.88 3.61
N LYS A 46 -5.10 -7.02 4.11
CA LYS A 46 -6.17 -7.64 3.34
C LYS A 46 -7.44 -6.78 3.39
N GLU A 47 -8.50 -7.28 2.76
CA GLU A 47 -9.77 -6.56 2.73
C GLU A 47 -10.32 -6.37 4.15
N SER A 48 -10.36 -7.46 4.91
CA SER A 48 -10.86 -7.42 6.28
C SER A 48 -10.11 -6.38 7.11
N HIS A 49 -8.80 -6.34 6.94
CA HIS A 49 -7.95 -5.40 7.67
C HIS A 49 -8.49 -3.97 7.52
N LEU A 50 -8.63 -3.53 6.28
CA LEU A 50 -9.14 -2.18 6.01
C LEU A 50 -10.43 -1.91 6.77
N ILE A 51 -11.36 -2.86 6.69
CA ILE A 51 -12.64 -2.73 7.38
C ILE A 51 -12.43 -2.44 8.86
N GLU A 52 -11.56 -3.22 9.50
CA GLU A 52 -11.28 -3.05 10.92
C GLU A 52 -10.54 -1.74 11.17
N LEU A 53 -9.88 -1.23 10.14
CA LEU A 53 -9.14 0.02 10.25
C LEU A 53 -10.06 1.22 10.05
N ASN A 54 -11.36 0.98 10.18
CA ASN A 54 -12.35 2.05 10.01
C ASN A 54 -12.52 2.41 8.54
N ILE A 55 -12.22 1.44 7.67
CA ILE A 55 -12.35 1.65 6.24
C ILE A 55 -13.57 0.92 5.68
N ALA A 56 -14.59 0.76 6.51
CA ALA A 56 -15.81 0.08 6.11
C ALA A 56 -16.18 0.44 4.67
N ASP A 57 -15.75 1.62 4.23
CA ASP A 57 -16.05 2.08 2.88
C ASP A 57 -15.21 1.32 1.85
N PRO A 58 -15.88 0.76 0.84
CA PRO A 58 -15.22 0.00 -0.22
C PRO A 58 -14.39 0.89 -1.14
N GLU A 59 -14.88 2.09 -1.40
CA GLU A 59 -14.18 3.04 -2.26
C GLU A 59 -12.71 3.14 -1.88
N ASP A 60 -12.44 3.10 -0.57
CA ASP A 60 -11.07 3.19 -0.07
C ASP A 60 -10.39 1.82 -0.11
N ARG A 61 -11.09 0.80 0.37
CA ARG A 61 -10.55 -0.55 0.40
C ARG A 61 -10.07 -0.96 -0.99
N ALA A 62 -10.95 -0.87 -1.98
CA ALA A 62 -10.61 -1.23 -3.35
C ALA A 62 -9.45 -0.39 -3.86
N ARG A 63 -9.58 0.92 -3.76
CA ARG A 63 -8.54 1.83 -4.21
C ARG A 63 -7.20 1.52 -3.53
N LEU A 64 -7.27 0.98 -2.32
CA LEU A 64 -6.09 0.64 -1.56
C LEU A 64 -5.51 -0.69 -2.02
N LEU A 65 -6.38 -1.69 -2.16
CA LEU A 65 -5.96 -3.02 -2.61
C LEU A 65 -5.50 -2.99 -4.06
N SER A 66 -6.43 -2.68 -4.95
CA SER A 66 -6.13 -2.62 -6.38
C SER A 66 -4.83 -1.86 -6.63
N ALA A 67 -4.66 -0.75 -5.91
CA ALA A 67 -3.46 0.06 -6.06
C ALA A 67 -2.21 -0.71 -5.63
N ALA A 68 -2.24 -1.24 -4.41
CA ALA A 68 -1.11 -2.00 -3.88
C ALA A 68 -0.72 -3.12 -4.83
N GLU A 69 -1.71 -3.87 -5.30
CA GLU A 69 -1.47 -4.98 -6.22
C GLU A 69 -0.55 -4.55 -7.36
N SER A 70 -0.92 -3.46 -8.03
CA SER A 70 -0.13 -2.95 -9.15
C SER A 70 1.32 -2.69 -8.72
N LEU A 71 1.49 -2.08 -7.55
CA LEU A 71 2.81 -1.78 -7.03
C LEU A 71 3.59 -3.07 -6.74
N LEU A 72 3.08 -3.85 -5.79
CA LEU A 72 3.72 -5.10 -5.41
C LEU A 72 3.59 -6.13 -6.53
N SER A 73 2.37 -6.57 -6.81
CA SER A 73 2.13 -7.54 -7.85
C SER A 73 2.20 -6.90 -9.24
N GLY A 74 3.42 -6.70 -9.72
CA GLY A 74 3.60 -6.09 -11.03
C GLY A 74 4.74 -6.72 -11.82
N PRO A 75 4.43 -7.82 -12.53
CA PRO A 75 5.43 -8.54 -13.34
C PRO A 75 5.88 -7.73 -14.55
N SER A 76 6.89 -8.24 -15.25
CA SER A 76 7.42 -7.57 -16.43
C SER A 76 7.28 -8.46 -17.66
N SER A 77 6.28 -8.16 -18.49
CA SER A 77 6.04 -8.92 -19.71
C SER A 77 6.95 -8.47 -20.83
N GLY A 78 6.99 -7.17 -21.07
CA GLY A 78 7.84 -6.62 -22.11
C GLY A 78 8.91 -5.70 -21.58
N GLY A 1 12.26 -14.31 -15.42
CA GLY A 1 13.49 -14.26 -14.66
C GLY A 1 14.48 -13.25 -15.21
N SER A 2 14.63 -12.13 -14.50
CA SER A 2 15.54 -11.08 -14.93
C SER A 2 16.83 -11.12 -14.11
N SER A 3 17.96 -11.26 -14.80
CA SER A 3 19.25 -11.32 -14.14
C SER A 3 20.38 -10.93 -15.10
N GLY A 4 21.54 -10.60 -14.54
CA GLY A 4 22.66 -10.22 -15.37
C GLY A 4 23.81 -9.66 -14.55
N SER A 5 24.07 -8.36 -14.70
CA SER A 5 25.15 -7.71 -13.97
C SER A 5 24.60 -6.70 -12.97
N SER A 6 23.72 -5.82 -13.45
CA SER A 6 23.13 -4.80 -12.59
C SER A 6 22.46 -5.43 -11.38
N GLY A 7 22.12 -4.60 -10.40
CA GLY A 7 21.47 -5.09 -9.20
C GLY A 7 20.05 -5.57 -9.46
N ARG A 8 19.72 -6.73 -8.92
CA ARG A 8 18.39 -7.31 -9.10
C ARG A 8 17.49 -6.98 -7.90
N ARG A 9 17.53 -5.72 -7.47
CA ARG A 9 16.72 -5.29 -6.33
C ARG A 9 15.64 -4.33 -6.79
N GLU A 10 14.57 -4.24 -6.00
CA GLU A 10 13.45 -3.36 -6.31
C GLU A 10 13.27 -2.30 -5.23
N ASN A 11 12.84 -1.11 -5.64
CA ASN A 11 12.63 -0.02 -4.70
C ASN A 11 11.41 -0.29 -3.81
N HIS A 12 11.15 0.60 -2.86
CA HIS A 12 10.02 0.45 -1.95
C HIS A 12 9.13 1.68 -2.00
N GLN A 13 7.81 1.46 -1.96
CA GLN A 13 6.85 2.55 -2.00
C GLN A 13 6.28 2.83 -0.61
N THR A 14 6.25 4.11 -0.24
CA THR A 14 5.73 4.50 1.06
C THR A 14 4.23 4.74 1.01
N ILE A 15 3.53 4.30 2.05
CA ILE A 15 2.09 4.47 2.12
C ILE A 15 1.69 5.92 1.90
N GLN A 16 2.25 6.82 2.69
CA GLN A 16 1.96 8.25 2.59
C GLN A 16 1.76 8.64 1.13
N GLU A 17 2.80 8.46 0.32
CA GLU A 17 2.73 8.81 -1.10
C GLU A 17 1.77 7.88 -1.83
N PHE A 18 1.95 6.58 -1.63
CA PHE A 18 1.10 5.58 -2.28
C PHE A 18 -0.38 5.96 -2.16
N LEU A 19 -0.71 6.67 -1.08
CA LEU A 19 -2.09 7.09 -0.85
C LEU A 19 -2.38 8.41 -1.56
N GLU A 20 -1.40 9.31 -1.58
CA GLU A 20 -1.56 10.60 -2.23
C GLU A 20 -2.00 10.43 -3.67
N ARG A 21 -1.55 9.34 -4.30
CA ARG A 21 -1.90 9.07 -5.68
C ARG A 21 -3.35 8.60 -5.80
N ILE A 22 -3.82 7.89 -4.78
CA ILE A 22 -5.19 7.39 -4.77
C ILE A 22 -6.11 8.32 -3.99
N HIS A 23 -5.58 9.47 -3.59
CA HIS A 23 -6.35 10.45 -2.82
C HIS A 23 -6.99 9.80 -1.61
N LEU A 24 -6.25 8.91 -0.95
CA LEU A 24 -6.76 8.22 0.23
C LEU A 24 -5.83 8.45 1.43
N GLN A 25 -5.00 9.48 1.33
CA GLN A 25 -4.07 9.82 2.41
C GLN A 25 -4.81 10.06 3.72
N GLU A 26 -6.13 10.22 3.62
CA GLU A 26 -6.97 10.46 4.80
C GLU A 26 -6.91 9.28 5.76
N TYR A 27 -6.35 8.16 5.29
CA TYR A 27 -6.24 6.96 6.11
C TYR A 27 -4.79 6.69 6.48
N THR A 28 -3.88 7.53 5.98
CA THR A 28 -2.47 7.38 6.27
C THR A 28 -2.22 7.09 7.74
N SER A 29 -2.48 8.09 8.58
CA SER A 29 -2.28 7.94 10.02
C SER A 29 -2.81 6.59 10.51
N THR A 30 -4.05 6.27 10.14
CA THR A 30 -4.67 5.02 10.53
C THR A 30 -3.80 3.83 10.13
N LEU A 31 -3.08 3.98 9.03
CA LEU A 31 -2.21 2.92 8.54
C LEU A 31 -0.87 2.92 9.26
N LEU A 32 -0.24 4.09 9.31
CA LEU A 32 1.05 4.23 9.99
C LEU A 32 0.95 3.85 11.45
N LEU A 33 0.07 4.54 12.17
CA LEU A 33 -0.13 4.27 13.60
C LEU A 33 -0.28 2.77 13.85
N ASN A 34 -0.86 2.07 12.88
CA ASN A 34 -1.07 0.63 13.01
C ASN A 34 0.23 -0.12 12.74
N GLY A 35 1.10 0.47 11.92
CA GLY A 35 2.36 -0.16 11.59
C GLY A 35 2.69 -0.08 10.11
N TYR A 36 1.65 0.00 9.28
CA TYR A 36 1.83 0.08 7.84
C TYR A 36 2.61 1.33 7.45
N GLU A 37 3.93 1.21 7.42
CA GLU A 37 4.79 2.32 7.06
C GLU A 37 5.08 2.34 5.56
N THR A 38 5.33 1.16 5.00
CA THR A 38 5.61 1.04 3.58
C THR A 38 4.82 -0.10 2.95
N LEU A 39 4.69 -0.07 1.63
CA LEU A 39 3.94 -1.11 0.91
C LEU A 39 4.35 -2.49 1.39
N ASP A 40 5.65 -2.68 1.63
CA ASP A 40 6.17 -3.97 2.10
C ASP A 40 5.21 -4.60 3.11
N ASP A 41 4.54 -3.76 3.90
CA ASP A 41 3.61 -4.25 4.90
C ASP A 41 2.25 -4.52 4.28
N LEU A 42 1.82 -3.66 3.37
CA LEU A 42 0.53 -3.81 2.71
C LEU A 42 0.45 -5.15 2.00
N LYS A 43 1.59 -5.65 1.53
CA LYS A 43 1.64 -6.93 0.84
C LYS A 43 0.93 -8.02 1.65
N ASP A 44 0.74 -7.76 2.93
CA ASP A 44 0.07 -8.71 3.82
C ASP A 44 -1.23 -8.13 4.35
N ILE A 45 -1.89 -7.29 3.54
CA ILE A 45 -3.14 -6.67 3.94
C ILE A 45 -4.31 -7.28 3.19
N LYS A 46 -5.39 -7.57 3.91
CA LYS A 46 -6.58 -8.16 3.31
C LYS A 46 -7.76 -7.19 3.40
N GLU A 47 -8.74 -7.38 2.52
CA GLU A 47 -9.92 -6.52 2.51
C GLU A 47 -10.41 -6.25 3.92
N SER A 48 -10.47 -7.28 4.74
CA SER A 48 -10.91 -7.16 6.12
C SER A 48 -10.09 -6.11 6.87
N HIS A 49 -8.77 -6.30 6.86
CA HIS A 49 -7.87 -5.36 7.54
C HIS A 49 -8.35 -3.93 7.37
N LEU A 50 -8.58 -3.53 6.12
CA LEU A 50 -9.03 -2.17 5.81
C LEU A 50 -10.28 -1.83 6.62
N ILE A 51 -11.27 -2.72 6.58
CA ILE A 51 -12.51 -2.50 7.30
C ILE A 51 -12.24 -2.14 8.76
N GLU A 52 -11.46 -2.98 9.44
CA GLU A 52 -11.13 -2.76 10.84
C GLU A 52 -10.39 -1.44 11.02
N LEU A 53 -9.75 -0.98 9.94
CA LEU A 53 -9.00 0.28 9.97
C LEU A 53 -9.93 1.47 9.74
N ASN A 54 -11.23 1.25 9.93
CA ASN A 54 -12.21 2.30 9.74
C ASN A 54 -12.43 2.59 8.25
N ILE A 55 -12.16 1.60 7.42
CA ILE A 55 -12.33 1.74 5.98
C ILE A 55 -13.55 0.96 5.49
N ALA A 56 -14.54 0.82 6.36
CA ALA A 56 -15.76 0.11 6.01
C ALA A 56 -16.18 0.39 4.58
N ASP A 57 -15.78 1.56 4.07
CA ASP A 57 -16.12 1.95 2.71
C ASP A 57 -15.29 1.16 1.69
N PRO A 58 -15.97 0.58 0.71
CA PRO A 58 -15.33 -0.21 -0.35
C PRO A 58 -14.49 0.65 -1.30
N GLU A 59 -15.02 1.83 -1.63
CA GLU A 59 -14.31 2.75 -2.52
C GLU A 59 -12.86 2.90 -2.12
N ASP A 60 -12.61 2.94 -0.82
CA ASP A 60 -11.26 3.08 -0.28
C ASP A 60 -10.54 1.73 -0.25
N ARG A 61 -11.22 0.72 0.27
CA ARG A 61 -10.65 -0.62 0.37
C ARG A 61 -10.10 -1.07 -0.98
N ALA A 62 -10.94 -1.01 -2.00
CA ALA A 62 -10.53 -1.41 -3.36
C ALA A 62 -9.38 -0.55 -3.85
N ARG A 63 -9.55 0.76 -3.78
CA ARG A 63 -8.51 1.69 -4.24
C ARG A 63 -7.20 1.45 -3.49
N LEU A 64 -7.31 0.94 -2.26
CA LEU A 64 -6.13 0.67 -1.45
C LEU A 64 -5.50 -0.66 -1.83
N LEU A 65 -6.33 -1.69 -1.98
CA LEU A 65 -5.86 -3.02 -2.36
C LEU A 65 -5.39 -3.03 -3.81
N SER A 66 -6.32 -2.82 -4.73
CA SER A 66 -6.00 -2.82 -6.15
C SER A 66 -4.75 -2.00 -6.43
N ALA A 67 -4.67 -0.82 -5.82
CA ALA A 67 -3.52 0.05 -5.99
C ALA A 67 -2.25 -0.59 -5.44
N ALA A 68 -2.29 -0.99 -4.17
CA ALA A 68 -1.14 -1.62 -3.53
C ALA A 68 -0.66 -2.82 -4.33
N GLU A 69 -1.60 -3.58 -4.89
CA GLU A 69 -1.27 -4.75 -5.68
C GLU A 69 -0.50 -4.37 -6.94
N SER A 70 -0.90 -3.26 -7.55
CA SER A 70 -0.25 -2.79 -8.77
C SER A 70 1.21 -2.44 -8.50
N LEU A 71 1.47 -1.79 -7.37
CA LEU A 71 2.82 -1.40 -7.00
C LEU A 71 3.70 -2.62 -6.78
N LEU A 72 3.31 -3.47 -5.84
CA LEU A 72 4.06 -4.68 -5.54
C LEU A 72 4.23 -5.54 -6.79
N SER A 73 3.11 -5.99 -7.34
CA SER A 73 3.11 -6.83 -8.54
C SER A 73 4.31 -7.79 -8.52
N GLY A 74 4.51 -8.46 -7.38
CA GLY A 74 5.61 -9.39 -7.26
C GLY A 74 5.17 -10.74 -6.71
N PRO A 75 5.30 -10.91 -5.39
CA PRO A 75 4.91 -12.16 -4.72
C PRO A 75 3.40 -12.37 -4.70
N SER A 76 2.95 -13.47 -5.28
CA SER A 76 1.53 -13.78 -5.33
C SER A 76 1.16 -14.82 -4.28
N SER A 77 1.84 -14.75 -3.13
CA SER A 77 1.58 -15.68 -2.03
C SER A 77 0.14 -15.57 -1.55
N GLY A 78 -0.38 -16.67 -1.00
CA GLY A 78 -1.74 -16.67 -0.50
C GLY A 78 -2.73 -16.09 -1.50
#